data_3LPU
# 
_entry.id   3LPU 
# 
_audit_conform.dict_name       mmcif_pdbx.dic 
_audit_conform.dict_version    5.398 
_audit_conform.dict_location   http://mmcif.pdb.org/dictionaries/ascii/mmcif_pdbx.dic 
# 
loop_
_database_2.database_id 
_database_2.database_code 
_database_2.pdbx_database_accession 
_database_2.pdbx_DOI 
PDB   3LPU         pdb_00003lpu 10.2210/pdb3lpu/pdb 
RCSB  RCSB057579   ?            ?                   
WWPDB D_1000057579 ?            ?                   
# 
loop_
_pdbx_audit_revision_history.ordinal 
_pdbx_audit_revision_history.data_content_type 
_pdbx_audit_revision_history.major_revision 
_pdbx_audit_revision_history.minor_revision 
_pdbx_audit_revision_history.revision_date 
1 'Structure model' 1 0 2010-05-12 
2 'Structure model' 1 1 2011-07-13 
3 'Structure model' 1 2 2015-12-09 
4 'Structure model' 1 3 2017-11-01 
5 'Structure model' 1 4 2021-11-10 
6 'Structure model' 1 5 2024-11-13 
# 
_pdbx_audit_revision_details.ordinal             1 
_pdbx_audit_revision_details.revision_ordinal    1 
_pdbx_audit_revision_details.data_content_type   'Structure model' 
_pdbx_audit_revision_details.provider            repository 
_pdbx_audit_revision_details.type                'Initial release' 
_pdbx_audit_revision_details.description         ? 
_pdbx_audit_revision_details.details             ? 
# 
loop_
_pdbx_audit_revision_group.ordinal 
_pdbx_audit_revision_group.revision_ordinal 
_pdbx_audit_revision_group.data_content_type 
_pdbx_audit_revision_group.group 
1 2 'Structure model' 'Version format compliance' 
2 3 'Structure model' 'Database references'       
3 4 'Structure model' 'Refinement description'    
4 5 'Structure model' 'Database references'       
5 5 'Structure model' 'Derived calculations'      
6 6 'Structure model' 'Data collection'           
7 6 'Structure model' 'Structure summary'         
# 
loop_
_pdbx_audit_revision_category.ordinal 
_pdbx_audit_revision_category.revision_ordinal 
_pdbx_audit_revision_category.data_content_type 
_pdbx_audit_revision_category.category 
1 4 'Structure model' software                  
2 5 'Structure model' database_2                
3 5 'Structure model' struct_conn               
4 5 'Structure model' struct_ref_seq_dif        
5 5 'Structure model' struct_site               
6 6 'Structure model' chem_comp_atom            
7 6 'Structure model' chem_comp_bond            
8 6 'Structure model' pdbx_entry_details        
9 6 'Structure model' pdbx_modification_feature 
# 
loop_
_pdbx_audit_revision_item.ordinal 
_pdbx_audit_revision_item.revision_ordinal 
_pdbx_audit_revision_item.data_content_type 
_pdbx_audit_revision_item.item 
1 5 'Structure model' '_database_2.pdbx_DOI'                
2 5 'Structure model' '_database_2.pdbx_database_accession' 
3 5 'Structure model' '_struct_conn.pdbx_leaving_atom_flag' 
4 5 'Structure model' '_struct_ref_seq_dif.details'         
5 5 'Structure model' '_struct_site.pdbx_auth_asym_id'      
6 5 'Structure model' '_struct_site.pdbx_auth_comp_id'      
7 5 'Structure model' '_struct_site.pdbx_auth_seq_id'       
# 
_pdbx_database_status.status_code                     REL 
_pdbx_database_status.entry_id                        3LPU 
_pdbx_database_status.recvd_initial_deposition_date   2010-02-06 
_pdbx_database_status.deposit_site                    RCSB 
_pdbx_database_status.process_site                    PDBJ 
_pdbx_database_status.status_code_sf                  REL 
_pdbx_database_status.status_code_mr                  ? 
_pdbx_database_status.SG_entry                        ? 
_pdbx_database_status.status_code_cs                  ? 
_pdbx_database_status.pdb_format_compatible           Y 
_pdbx_database_status.methods_development_category    ? 
_pdbx_database_status.status_code_nmr_data            ? 
# 
loop_
_pdbx_database_related.db_name 
_pdbx_database_related.db_id 
_pdbx_database_related.details 
_pdbx_database_related.content_type 
PDB 1HYV 'HIV integrase core domain bound to tetraphenylarsenium' unspecified 
PDB 3LPT .                                                        unspecified 
# 
loop_
_audit_author.name 
_audit_author.pdbx_ordinal 
'Nicolet, S.'    1 
'Christ, F.'     2 
'Voet, A.'       3 
'Marchand, A.'   4 
'Strelkov, S.V.' 5 
'de Maeyer, M.'  6 
'Chaltin, P.'    7 
'Debyzer, Z.'    8 
# 
_citation.id                        primary 
_citation.title                     
'Rational design of small-molecule inhibitors of the LEDGF/p75-integrase interaction and HIV replication.' 
_citation.journal_abbrev            Nat.Chem.Biol. 
_citation.journal_volume            6 
_citation.page_first                442 
_citation.page_last                 448 
_citation.year                      2010 
_citation.journal_id_ASTM           ? 
_citation.country                   US 
_citation.journal_id_ISSN           1552-4450 
_citation.journal_id_CSD            ? 
_citation.book_publisher            ? 
_citation.pdbx_database_id_PubMed   20473303 
_citation.pdbx_database_id_DOI      10.1038/nchembio.370 
# 
loop_
_citation_author.citation_id 
_citation_author.name 
_citation_author.ordinal 
_citation_author.identifier_ORCID 
primary 'Christ, F.'          1  ? 
primary 'Voet, A.'            2  ? 
primary 'Marchand, A.'        3  ? 
primary 'Nicolet, S.'         4  ? 
primary 'Desimmie, B.A.'      5  ? 
primary 'Marchand, D.'        6  ? 
primary 'Bardiot, D.'         7  ? 
primary 'Van der Veken, N.J.' 8  ? 
primary 'Van Remoortel, B.'   9  ? 
primary 'Strelkov, S.V.'      10 ? 
primary 'De Maeyer, M.'       11 ? 
primary 'Chaltin, P.'         12 ? 
primary 'Debyser, Z.'         13 ? 
# 
loop_
_entity.id 
_entity.type 
_entity.src_method 
_entity.pdbx_description 
_entity.formula_weight 
_entity.pdbx_number_of_molecules 
_entity.pdbx_ec 
_entity.pdbx_mutation 
_entity.pdbx_fragment 
_entity.details 
1 polymer     man Integrase                                                        18434.723 1   ? F185K 
'HIV integrase core domain' ? 
2 non-polymer syn '(2S)-2-(6-chloro-2-methyl-4-phenylquinolin-3-yl)pentanoic acid' 353.842   1   ? ?     ? ? 
3 non-polymer syn '2-[3-[3-(2-hydroxyethoxy)propoxy]propoxy]ethanol'               222.279   1   ? ?     ? ? 
4 non-polymer syn 'DI(HYDROXYETHYL)ETHER'                                          106.120   2   ? ?     ? ? 
5 non-polymer syn 'SULFATE ION'                                                    96.063    3   ? ?     ? ? 
6 non-polymer syn 'CALCIUM ION'                                                    40.078    1   ? ?     ? ? 
7 water       nat water                                                            18.015    125 ? ?     ? ? 
# 
_entity_poly.entity_id                      1 
_entity_poly.type                           'polypeptide(L)' 
_entity_poly.nstd_linkage                   no 
_entity_poly.nstd_monomer                   yes 
_entity_poly.pdbx_seq_one_letter_code       
;GSHMHGQVDCSPGIWQLD(CAF)THLEGKVILVAVHVASGYIEAEVIPAETGQETAYFLLKLAGRWPVKTVHTDNGSNFT
STTVKAA(CAF)WWAGIKQEFGIPYNPQSQGVIESMNKELKKIIGQVRDQAEHLKTAVQMAVFIHNKKRKGGIGGYSAGE
RIVDIIATDIQTKE
;
_entity_poly.pdbx_seq_one_letter_code_can   
;GSHMHGQVDCSPGIWQLDCTHLEGKVILVAVHVASGYIEAEVIPAETGQETAYFLLKLAGRWPVKTVHTDNGSNFTSTTV
KAACWWAGIKQEFGIPYNPQSQGVIESMNKELKKIIGQVRDQAEHLKTAVQMAVFIHNKKRKGGIGGYSAGERIVDIIAT
DIQTKE
;
_entity_poly.pdbx_strand_id                 A 
_entity_poly.pdbx_target_identifier         ? 
# 
loop_
_pdbx_entity_nonpoly.entity_id 
_pdbx_entity_nonpoly.name 
_pdbx_entity_nonpoly.comp_id 
2 '(2S)-2-(6-chloro-2-methyl-4-phenylquinolin-3-yl)pentanoic acid' 976 
3 '2-[3-[3-(2-hydroxyethoxy)propoxy]propoxy]ethanol'               P03 
4 'DI(HYDROXYETHYL)ETHER'                                          PEG 
5 'SULFATE ION'                                                    SO4 
6 'CALCIUM ION'                                                    CA  
7 water                                                            HOH 
# 
loop_
_entity_poly_seq.entity_id 
_entity_poly_seq.num 
_entity_poly_seq.mon_id 
_entity_poly_seq.hetero 
1 1   GLY n 
1 2   SER n 
1 3   HIS n 
1 4   MET n 
1 5   HIS n 
1 6   GLY n 
1 7   GLN n 
1 8   VAL n 
1 9   ASP n 
1 10  CYS n 
1 11  SER n 
1 12  PRO n 
1 13  GLY n 
1 14  ILE n 
1 15  TRP n 
1 16  GLN n 
1 17  LEU n 
1 18  ASP n 
1 19  CAF n 
1 20  THR n 
1 21  HIS n 
1 22  LEU n 
1 23  GLU n 
1 24  GLY n 
1 25  LYS n 
1 26  VAL n 
1 27  ILE n 
1 28  LEU n 
1 29  VAL n 
1 30  ALA n 
1 31  VAL n 
1 32  HIS n 
1 33  VAL n 
1 34  ALA n 
1 35  SER n 
1 36  GLY n 
1 37  TYR n 
1 38  ILE n 
1 39  GLU n 
1 40  ALA n 
1 41  GLU n 
1 42  VAL n 
1 43  ILE n 
1 44  PRO n 
1 45  ALA n 
1 46  GLU n 
1 47  THR n 
1 48  GLY n 
1 49  GLN n 
1 50  GLU n 
1 51  THR n 
1 52  ALA n 
1 53  TYR n 
1 54  PHE n 
1 55  LEU n 
1 56  LEU n 
1 57  LYS n 
1 58  LEU n 
1 59  ALA n 
1 60  GLY n 
1 61  ARG n 
1 62  TRP n 
1 63  PRO n 
1 64  VAL n 
1 65  LYS n 
1 66  THR n 
1 67  VAL n 
1 68  HIS n 
1 69  THR n 
1 70  ASP n 
1 71  ASN n 
1 72  GLY n 
1 73  SER n 
1 74  ASN n 
1 75  PHE n 
1 76  THR n 
1 77  SER n 
1 78  THR n 
1 79  THR n 
1 80  VAL n 
1 81  LYS n 
1 82  ALA n 
1 83  ALA n 
1 84  CAF n 
1 85  TRP n 
1 86  TRP n 
1 87  ALA n 
1 88  GLY n 
1 89  ILE n 
1 90  LYS n 
1 91  GLN n 
1 92  GLU n 
1 93  PHE n 
1 94  GLY n 
1 95  ILE n 
1 96  PRO n 
1 97  TYR n 
1 98  ASN n 
1 99  PRO n 
1 100 GLN n 
1 101 SER n 
1 102 GLN n 
1 103 GLY n 
1 104 VAL n 
1 105 ILE n 
1 106 GLU n 
1 107 SER n 
1 108 MET n 
1 109 ASN n 
1 110 LYS n 
1 111 GLU n 
1 112 LEU n 
1 113 LYS n 
1 114 LYS n 
1 115 ILE n 
1 116 ILE n 
1 117 GLY n 
1 118 GLN n 
1 119 VAL n 
1 120 ARG n 
1 121 ASP n 
1 122 GLN n 
1 123 ALA n 
1 124 GLU n 
1 125 HIS n 
1 126 LEU n 
1 127 LYS n 
1 128 THR n 
1 129 ALA n 
1 130 VAL n 
1 131 GLN n 
1 132 MET n 
1 133 ALA n 
1 134 VAL n 
1 135 PHE n 
1 136 ILE n 
1 137 HIS n 
1 138 ASN n 
1 139 LYS n 
1 140 LYS n 
1 141 ARG n 
1 142 LYS n 
1 143 GLY n 
1 144 GLY n 
1 145 ILE n 
1 146 GLY n 
1 147 GLY n 
1 148 TYR n 
1 149 SER n 
1 150 ALA n 
1 151 GLY n 
1 152 GLU n 
1 153 ARG n 
1 154 ILE n 
1 155 VAL n 
1 156 ASP n 
1 157 ILE n 
1 158 ILE n 
1 159 ALA n 
1 160 THR n 
1 161 ASP n 
1 162 ILE n 
1 163 GLN n 
1 164 THR n 
1 165 LYS n 
1 166 GLU n 
# 
_entity_src_gen.entity_id                          1 
_entity_src_gen.pdbx_src_id                        1 
_entity_src_gen.pdbx_alt_source_flag               sample 
_entity_src_gen.pdbx_seq_type                      ? 
_entity_src_gen.pdbx_beg_seq_num                   ? 
_entity_src_gen.pdbx_end_seq_num                   ? 
_entity_src_gen.gene_src_common_name               ? 
_entity_src_gen.gene_src_genus                     ? 
_entity_src_gen.pdbx_gene_src_gene                 ? 
_entity_src_gen.gene_src_species                   ? 
_entity_src_gen.gene_src_strain                    ? 
_entity_src_gen.gene_src_tissue                    ? 
_entity_src_gen.gene_src_tissue_fraction           ? 
_entity_src_gen.gene_src_details                   ? 
_entity_src_gen.pdbx_gene_src_fragment             ? 
_entity_src_gen.pdbx_gene_src_scientific_name      'Human immunodeficiency virus 1' 
_entity_src_gen.pdbx_gene_src_ncbi_taxonomy_id     11676 
_entity_src_gen.pdbx_gene_src_variant              ? 
_entity_src_gen.pdbx_gene_src_cell_line            ? 
_entity_src_gen.pdbx_gene_src_atcc                 ? 
_entity_src_gen.pdbx_gene_src_organ                ? 
_entity_src_gen.pdbx_gene_src_organelle            ? 
_entity_src_gen.pdbx_gene_src_cell                 ? 
_entity_src_gen.pdbx_gene_src_cellular_location    ? 
_entity_src_gen.host_org_common_name               ? 
_entity_src_gen.pdbx_host_org_scientific_name      'Escherichia coli' 
_entity_src_gen.pdbx_host_org_ncbi_taxonomy_id     562 
_entity_src_gen.host_org_genus                     ? 
_entity_src_gen.pdbx_host_org_gene                 ? 
_entity_src_gen.pdbx_host_org_organ                ? 
_entity_src_gen.host_org_species                   ? 
_entity_src_gen.pdbx_host_org_tissue               ? 
_entity_src_gen.pdbx_host_org_tissue_fraction      ? 
_entity_src_gen.pdbx_host_org_strain               ? 
_entity_src_gen.pdbx_host_org_variant              ? 
_entity_src_gen.pdbx_host_org_cell_line            ? 
_entity_src_gen.pdbx_host_org_atcc                 ? 
_entity_src_gen.pdbx_host_org_culture_collection   ? 
_entity_src_gen.pdbx_host_org_cell                 ? 
_entity_src_gen.pdbx_host_org_organelle            ? 
_entity_src_gen.pdbx_host_org_cellular_location    ? 
_entity_src_gen.pdbx_host_org_vector_type          ? 
_entity_src_gen.pdbx_host_org_vector               ? 
_entity_src_gen.host_org_details                   ? 
_entity_src_gen.expression_system_id               ? 
_entity_src_gen.plasmid_name                       ? 
_entity_src_gen.plasmid_details                    ? 
_entity_src_gen.pdbx_description                   ? 
# 
loop_
_chem_comp.id 
_chem_comp.type 
_chem_comp.mon_nstd_flag 
_chem_comp.name 
_chem_comp.pdbx_synonyms 
_chem_comp.formula 
_chem_comp.formula_weight 
976 non-polymer         . '(2S)-2-(6-chloro-2-methyl-4-phenylquinolin-3-yl)pentanoic acid' ?                         
'C21 H20 Cl N O2'  353.842 
ALA 'L-peptide linking' y ALANINE                                                          ?                         'C3 H7 N O2' 
89.093  
ARG 'L-peptide linking' y ARGININE                                                         ?                         
'C6 H15 N4 O2 1'   175.209 
ASN 'L-peptide linking' y ASPARAGINE                                                       ?                         'C4 H8 N2 O3' 
132.118 
ASP 'L-peptide linking' y 'ASPARTIC ACID'                                                  ?                         'C4 H7 N O4' 
133.103 
CA  non-polymer         . 'CALCIUM ION'                                                    ?                         'Ca 2' 40.078 
CAF 'L-peptide linking' n S-DIMETHYLARSINOYL-CYSTEINE                                      'CYSTEIN-S-YL CACODYLATE' 
'C5 H12 As N O3 S' 241.140 
CYS 'L-peptide linking' y CYSTEINE                                                         ?                         
'C3 H7 N O2 S'     121.158 
GLN 'L-peptide linking' y GLUTAMINE                                                        ?                         
'C5 H10 N2 O3'     146.144 
GLU 'L-peptide linking' y 'GLUTAMIC ACID'                                                  ?                         'C5 H9 N O4' 
147.129 
GLY 'peptide linking'   y GLYCINE                                                          ?                         'C2 H5 N O2' 
75.067  
HIS 'L-peptide linking' y HISTIDINE                                                        ?                         
'C6 H10 N3 O2 1'   156.162 
HOH non-polymer         . WATER                                                            ?                         'H2 O' 18.015 
ILE 'L-peptide linking' y ISOLEUCINE                                                       ?                         'C6 H13 N O2' 
131.173 
LEU 'L-peptide linking' y LEUCINE                                                          ?                         'C6 H13 N O2' 
131.173 
LYS 'L-peptide linking' y LYSINE                                                           ?                         
'C6 H15 N2 O2 1'   147.195 
MET 'L-peptide linking' y METHIONINE                                                       ?                         
'C5 H11 N O2 S'    149.211 
P03 non-polymer         . '2-[3-[3-(2-hydroxyethoxy)propoxy]propoxy]ethanol'               ?                         'C10 H22 O5' 
222.279 
PEG non-polymer         . 'DI(HYDROXYETHYL)ETHER'                                          ?                         'C4 H10 O3' 
106.120 
PHE 'L-peptide linking' y PHENYLALANINE                                                    ?                         'C9 H11 N O2' 
165.189 
PRO 'L-peptide linking' y PROLINE                                                          ?                         'C5 H9 N O2' 
115.130 
SER 'L-peptide linking' y SERINE                                                           ?                         'C3 H7 N O3' 
105.093 
SO4 non-polymer         . 'SULFATE ION'                                                    ?                         'O4 S -2' 
96.063  
THR 'L-peptide linking' y THREONINE                                                        ?                         'C4 H9 N O3' 
119.119 
TRP 'L-peptide linking' y TRYPTOPHAN                                                       ?                         
'C11 H12 N2 O2'    204.225 
TYR 'L-peptide linking' y TYROSINE                                                         ?                         'C9 H11 N O3' 
181.189 
VAL 'L-peptide linking' y VALINE                                                           ?                         'C5 H11 N O2' 
117.146 
# 
loop_
_pdbx_poly_seq_scheme.asym_id 
_pdbx_poly_seq_scheme.entity_id 
_pdbx_poly_seq_scheme.seq_id 
_pdbx_poly_seq_scheme.mon_id 
_pdbx_poly_seq_scheme.ndb_seq_num 
_pdbx_poly_seq_scheme.pdb_seq_num 
_pdbx_poly_seq_scheme.auth_seq_num 
_pdbx_poly_seq_scheme.pdb_mon_id 
_pdbx_poly_seq_scheme.auth_mon_id 
_pdbx_poly_seq_scheme.pdb_strand_id 
_pdbx_poly_seq_scheme.pdb_ins_code 
_pdbx_poly_seq_scheme.hetero 
A 1 1   GLY 1   47  ?   ?   ?   A . n 
A 1 2   SER 2   48  ?   ?   ?   A . n 
A 1 3   HIS 3   49  ?   ?   ?   A . n 
A 1 4   MET 4   50  ?   ?   ?   A . n 
A 1 5   HIS 5   51  ?   ?   ?   A . n 
A 1 6   GLY 6   52  ?   ?   ?   A . n 
A 1 7   GLN 7   53  ?   ?   ?   A . n 
A 1 8   VAL 8   54  ?   ?   ?   A . n 
A 1 9   ASP 9   55  55  ASP ASP A . n 
A 1 10  CYS 10  56  56  CYS CYS A . n 
A 1 11  SER 11  57  57  SER SER A . n 
A 1 12  PRO 12  58  58  PRO PRO A . n 
A 1 13  GLY 13  59  59  GLY GLY A . n 
A 1 14  ILE 14  60  60  ILE ILE A . n 
A 1 15  TRP 15  61  61  TRP TRP A . n 
A 1 16  GLN 16  62  62  GLN GLN A . n 
A 1 17  LEU 17  63  63  LEU LEU A . n 
A 1 18  ASP 18  64  64  ASP ASP A . n 
A 1 19  CAF 19  65  65  CAF CAF A . n 
A 1 20  THR 20  66  66  THR THR A . n 
A 1 21  HIS 21  67  67  HIS HIS A . n 
A 1 22  LEU 22  68  68  LEU LEU A . n 
A 1 23  GLU 23  69  69  GLU GLU A . n 
A 1 24  GLY 24  70  70  GLY GLY A . n 
A 1 25  LYS 25  71  71  LYS LYS A . n 
A 1 26  VAL 26  72  72  VAL VAL A . n 
A 1 27  ILE 27  73  73  ILE ILE A . n 
A 1 28  LEU 28  74  74  LEU LEU A . n 
A 1 29  VAL 29  75  75  VAL VAL A . n 
A 1 30  ALA 30  76  76  ALA ALA A . n 
A 1 31  VAL 31  77  77  VAL VAL A . n 
A 1 32  HIS 32  78  78  HIS HIS A . n 
A 1 33  VAL 33  79  79  VAL VAL A . n 
A 1 34  ALA 34  80  80  ALA ALA A . n 
A 1 35  SER 35  81  81  SER SER A . n 
A 1 36  GLY 36  82  82  GLY GLY A . n 
A 1 37  TYR 37  83  83  TYR TYR A . n 
A 1 38  ILE 38  84  84  ILE ILE A . n 
A 1 39  GLU 39  85  85  GLU GLU A . n 
A 1 40  ALA 40  86  86  ALA ALA A . n 
A 1 41  GLU 41  87  87  GLU GLU A . n 
A 1 42  VAL 42  88  88  VAL VAL A . n 
A 1 43  ILE 43  89  89  ILE ILE A . n 
A 1 44  PRO 44  90  90  PRO PRO A . n 
A 1 45  ALA 45  91  91  ALA ALA A . n 
A 1 46  GLU 46  92  92  GLU GLU A . n 
A 1 47  THR 47  93  93  THR THR A . n 
A 1 48  GLY 48  94  94  GLY GLY A . n 
A 1 49  GLN 49  95  95  GLN GLN A . n 
A 1 50  GLU 50  96  96  GLU GLU A . n 
A 1 51  THR 51  97  97  THR THR A . n 
A 1 52  ALA 52  98  98  ALA ALA A . n 
A 1 53  TYR 53  99  99  TYR TYR A . n 
A 1 54  PHE 54  100 100 PHE PHE A . n 
A 1 55  LEU 55  101 101 LEU LEU A . n 
A 1 56  LEU 56  102 102 LEU LEU A . n 
A 1 57  LYS 57  103 103 LYS LYS A . n 
A 1 58  LEU 58  104 104 LEU LEU A . n 
A 1 59  ALA 59  105 105 ALA ALA A . n 
A 1 60  GLY 60  106 106 GLY GLY A . n 
A 1 61  ARG 61  107 107 ARG ARG A . n 
A 1 62  TRP 62  108 108 TRP TRP A . n 
A 1 63  PRO 63  109 109 PRO PRO A . n 
A 1 64  VAL 64  110 110 VAL VAL A . n 
A 1 65  LYS 65  111 111 LYS LYS A . n 
A 1 66  THR 66  112 112 THR THR A . n 
A 1 67  VAL 67  113 113 VAL VAL A . n 
A 1 68  HIS 68  114 114 HIS HIS A . n 
A 1 69  THR 69  115 115 THR THR A . n 
A 1 70  ASP 70  116 116 ASP ASP A . n 
A 1 71  ASN 71  117 117 ASN ASN A . n 
A 1 72  GLY 72  118 118 GLY GLY A . n 
A 1 73  SER 73  119 119 SER SER A . n 
A 1 74  ASN 74  120 120 ASN ASN A . n 
A 1 75  PHE 75  121 121 PHE PHE A . n 
A 1 76  THR 76  122 122 THR THR A . n 
A 1 77  SER 77  123 123 SER SER A . n 
A 1 78  THR 78  124 124 THR THR A . n 
A 1 79  THR 79  125 125 THR THR A . n 
A 1 80  VAL 80  126 126 VAL VAL A . n 
A 1 81  LYS 81  127 127 LYS LYS A . n 
A 1 82  ALA 82  128 128 ALA ALA A . n 
A 1 83  ALA 83  129 129 ALA ALA A . n 
A 1 84  CAF 84  130 130 CAF CAF A . n 
A 1 85  TRP 85  131 131 TRP TRP A . n 
A 1 86  TRP 86  132 132 TRP TRP A . n 
A 1 87  ALA 87  133 133 ALA ALA A . n 
A 1 88  GLY 88  134 134 GLY GLY A . n 
A 1 89  ILE 89  135 135 ILE ILE A . n 
A 1 90  LYS 90  136 136 LYS LYS A . n 
A 1 91  GLN 91  137 137 GLN GLN A . n 
A 1 92  GLU 92  138 138 GLU GLU A . n 
A 1 93  PHE 93  139 139 PHE PHE A . n 
A 1 94  GLY 94  140 140 GLY GLY A . n 
A 1 95  ILE 95  141 141 ILE ILE A . n 
A 1 96  PRO 96  142 142 PRO PRO A . n 
A 1 97  TYR 97  143 143 TYR TYR A . n 
A 1 98  ASN 98  144 144 ASN ASN A . n 
A 1 99  PRO 99  145 145 PRO PRO A . n 
A 1 100 GLN 100 146 ?   ?   ?   A . n 
A 1 101 SER 101 147 ?   ?   ?   A . n 
A 1 102 GLN 102 148 ?   ?   ?   A . n 
A 1 103 GLY 103 149 ?   ?   ?   A . n 
A 1 104 VAL 104 150 ?   ?   ?   A . n 
A 1 105 ILE 105 151 ?   ?   ?   A . n 
A 1 106 GLU 106 152 ?   ?   ?   A . n 
A 1 107 SER 107 153 153 SER SER A . n 
A 1 108 MET 108 154 154 MET MET A . n 
A 1 109 ASN 109 155 155 ASN ASN A . n 
A 1 110 LYS 110 156 156 LYS LYS A . n 
A 1 111 GLU 111 157 157 GLU GLU A . n 
A 1 112 LEU 112 158 158 LEU LEU A . n 
A 1 113 LYS 113 159 159 LYS LYS A . n 
A 1 114 LYS 114 160 160 LYS LYS A . n 
A 1 115 ILE 115 161 161 ILE ILE A . n 
A 1 116 ILE 116 162 162 ILE ILE A . n 
A 1 117 GLY 117 163 163 GLY GLY A . n 
A 1 118 GLN 118 164 164 GLN GLN A . n 
A 1 119 VAL 119 165 165 VAL VAL A . n 
A 1 120 ARG 120 166 166 ARG ARG A . n 
A 1 121 ASP 121 167 167 ASP ASP A . n 
A 1 122 GLN 122 168 168 GLN GLN A . n 
A 1 123 ALA 123 169 169 ALA ALA A . n 
A 1 124 GLU 124 170 170 GLU GLU A . n 
A 1 125 HIS 125 171 171 HIS HIS A . n 
A 1 126 LEU 126 172 172 LEU LEU A . n 
A 1 127 LYS 127 173 173 LYS LYS A . n 
A 1 128 THR 128 174 174 THR THR A . n 
A 1 129 ALA 129 175 175 ALA ALA A . n 
A 1 130 VAL 130 176 176 VAL VAL A . n 
A 1 131 GLN 131 177 177 GLN GLN A . n 
A 1 132 MET 132 178 178 MET MET A . n 
A 1 133 ALA 133 179 179 ALA ALA A . n 
A 1 134 VAL 134 180 180 VAL VAL A . n 
A 1 135 PHE 135 181 181 PHE PHE A . n 
A 1 136 ILE 136 182 182 ILE ILE A . n 
A 1 137 HIS 137 183 183 HIS HIS A . n 
A 1 138 ASN 138 184 184 ASN ASN A . n 
A 1 139 LYS 139 185 185 LYS LYS A . n 
A 1 140 LYS 140 186 186 LYS LYS A . n 
A 1 141 ARG 141 187 187 ARG ARG A . n 
A 1 142 LYS 142 188 188 LYS LYS A . n 
A 1 143 GLY 143 189 ?   ?   ?   A . n 
A 1 144 GLY 144 190 ?   ?   ?   A . n 
A 1 145 ILE 145 191 ?   ?   ?   A . n 
A 1 146 GLY 146 192 ?   ?   ?   A . n 
A 1 147 GLY 147 193 193 GLY GLY A . n 
A 1 148 TYR 148 194 194 TYR TYR A . n 
A 1 149 SER 149 195 195 SER SER A . n 
A 1 150 ALA 150 196 196 ALA ALA A . n 
A 1 151 GLY 151 197 197 GLY GLY A . n 
A 1 152 GLU 152 198 198 GLU GLU A . n 
A 1 153 ARG 153 199 199 ARG ARG A . n 
A 1 154 ILE 154 200 200 ILE ILE A . n 
A 1 155 VAL 155 201 201 VAL VAL A . n 
A 1 156 ASP 156 202 202 ASP ASP A . n 
A 1 157 ILE 157 203 203 ILE ILE A . n 
A 1 158 ILE 158 204 204 ILE ILE A . n 
A 1 159 ALA 159 205 205 ALA ALA A . n 
A 1 160 THR 160 206 206 THR THR A . n 
A 1 161 ASP 161 207 207 ASP ASP A . n 
A 1 162 ILE 162 208 208 ILE ILE A . n 
A 1 163 GLN 163 209 209 GLN GLN A . n 
A 1 164 THR 164 210 ?   ?   ?   A . n 
A 1 165 LYS 165 211 ?   ?   ?   A . n 
A 1 166 GLU 166 212 ?   ?   ?   A . n 
# 
loop_
_pdbx_nonpoly_scheme.asym_id 
_pdbx_nonpoly_scheme.entity_id 
_pdbx_nonpoly_scheme.mon_id 
_pdbx_nonpoly_scheme.ndb_seq_num 
_pdbx_nonpoly_scheme.pdb_seq_num 
_pdbx_nonpoly_scheme.auth_seq_num 
_pdbx_nonpoly_scheme.pdb_mon_id 
_pdbx_nonpoly_scheme.auth_mon_id 
_pdbx_nonpoly_scheme.pdb_strand_id 
_pdbx_nonpoly_scheme.pdb_ins_code 
B 2 976 1   1   1   976 976 A . 
C 3 P03 1   213 1   P03 P03 A . 
D 4 PEG 1   2   2   PEG P01 A . 
E 4 PEG 1   3   3   PEG P01 A . 
F 5 SO4 1   497 497 SO4 SO4 A . 
G 5 SO4 1   498 498 SO4 SO4 A . 
H 5 SO4 1   499 499 SO4 SO4 A . 
I 6 CA  1   500 500 CA  CA  A . 
J 7 HOH 1   304 304 HOH HOH A . 
J 7 HOH 2   305 305 HOH HOH A . 
J 7 HOH 3   306 306 HOH HOH A . 
J 7 HOH 4   307 307 HOH HOH A . 
J 7 HOH 5   308 308 HOH HOH A . 
J 7 HOH 6   309 309 HOH HOH A . 
J 7 HOH 7   310 310 HOH HOH A . 
J 7 HOH 8   312 312 HOH HOH A . 
J 7 HOH 9   313 313 HOH HOH A . 
J 7 HOH 10  314 314 HOH HOH A . 
J 7 HOH 11  315 315 HOH HOH A . 
J 7 HOH 12  316 316 HOH HOH A . 
J 7 HOH 13  317 317 HOH HOH A . 
J 7 HOH 14  320 320 HOH HOH A . 
J 7 HOH 15  321 321 HOH HOH A . 
J 7 HOH 16  322 322 HOH HOH A . 
J 7 HOH 17  324 324 HOH HOH A . 
J 7 HOH 18  326 326 HOH HOH A . 
J 7 HOH 19  327 327 HOH HOH A . 
J 7 HOH 20  330 330 HOH HOH A . 
J 7 HOH 21  333 333 HOH HOH A . 
J 7 HOH 22  336 336 HOH HOH A . 
J 7 HOH 23  339 339 HOH HOH A . 
J 7 HOH 24  341 341 HOH HOH A . 
J 7 HOH 25  344 344 HOH HOH A . 
J 7 HOH 26  345 345 HOH HOH A . 
J 7 HOH 27  347 347 HOH HOH A . 
J 7 HOH 28  349 349 HOH HOH A . 
J 7 HOH 29  350 350 HOH HOH A . 
J 7 HOH 30  351 351 HOH HOH A . 
J 7 HOH 31  352 352 HOH HOH A . 
J 7 HOH 32  354 354 HOH HOH A . 
J 7 HOH 33  356 356 HOH HOH A . 
J 7 HOH 34  358 358 HOH HOH A . 
J 7 HOH 35  360 360 HOH HOH A . 
J 7 HOH 36  361 361 HOH HOH A . 
J 7 HOH 37  362 362 HOH HOH A . 
J 7 HOH 38  363 363 HOH HOH A . 
J 7 HOH 39  366 366 HOH HOH A . 
J 7 HOH 40  371 371 HOH HOH A . 
J 7 HOH 41  373 373 HOH HOH A . 
J 7 HOH 42  377 377 HOH HOH A . 
J 7 HOH 43  379 379 HOH HOH A . 
J 7 HOH 44  381 381 HOH HOH A . 
J 7 HOH 45  384 384 HOH HOH A . 
J 7 HOH 46  386 386 HOH HOH A . 
J 7 HOH 47  388 388 HOH HOH A . 
J 7 HOH 48  389 389 HOH HOH A . 
J 7 HOH 49  390 390 HOH HOH A . 
J 7 HOH 50  392 392 HOH HOH A . 
J 7 HOH 51  394 394 HOH HOH A . 
J 7 HOH 52  395 395 HOH HOH A . 
J 7 HOH 53  396 396 HOH HOH A . 
J 7 HOH 54  397 397 HOH HOH A . 
J 7 HOH 55  400 400 HOH HOH A . 
J 7 HOH 56  401 401 HOH HOH A . 
J 7 HOH 57  402 402 HOH HOH A . 
J 7 HOH 58  403 403 HOH HOH A . 
J 7 HOH 59  404 404 HOH HOH A . 
J 7 HOH 60  405 405 HOH HOH A . 
J 7 HOH 61  406 406 HOH HOH A . 
J 7 HOH 62  407 407 HOH HOH A . 
J 7 HOH 63  408 408 HOH HOH A . 
J 7 HOH 64  410 410 HOH HOH A . 
J 7 HOH 65  411 411 HOH HOH A . 
J 7 HOH 66  412 412 HOH HOH A . 
J 7 HOH 67  413 413 HOH HOH A . 
J 7 HOH 68  414 414 HOH HOH A . 
J 7 HOH 69  415 415 HOH HOH A . 
J 7 HOH 70  416 416 HOH HOH A . 
J 7 HOH 71  418 418 HOH HOH A . 
J 7 HOH 72  420 420 HOH HOH A . 
J 7 HOH 73  421 421 HOH HOH A . 
J 7 HOH 74  423 423 HOH HOH A . 
J 7 HOH 75  425 425 HOH HOH A . 
J 7 HOH 76  427 427 HOH HOH A . 
J 7 HOH 77  428 428 HOH HOH A . 
J 7 HOH 78  429 429 HOH HOH A . 
J 7 HOH 79  430 430 HOH HOH A . 
J 7 HOH 80  431 431 HOH HOH A . 
J 7 HOH 81  432 432 HOH HOH A . 
J 7 HOH 82  434 434 HOH HOH A . 
J 7 HOH 83  435 435 HOH HOH A . 
J 7 HOH 84  441 441 HOH HOH A . 
J 7 HOH 85  449 449 HOH HOH A . 
J 7 HOH 86  450 450 HOH HOH A . 
J 7 HOH 87  451 451 HOH HOH A . 
J 7 HOH 88  452 452 HOH HOH A . 
J 7 HOH 89  453 453 HOH HOH A . 
J 7 HOH 90  454 454 HOH HOH A . 
J 7 HOH 91  455 455 HOH HOH A . 
J 7 HOH 92  456 456 HOH HOH A . 
J 7 HOH 93  457 457 HOH HOH A . 
J 7 HOH 94  458 458 HOH HOH A . 
J 7 HOH 95  459 459 HOH HOH A . 
J 7 HOH 96  460 460 HOH HOH A . 
J 7 HOH 97  461 461 HOH HOH A . 
J 7 HOH 98  462 462 HOH HOH A . 
J 7 HOH 99  463 463 HOH HOH A . 
J 7 HOH 100 464 464 HOH HOH A . 
J 7 HOH 101 465 465 HOH HOH A . 
J 7 HOH 102 466 466 HOH HOH A . 
J 7 HOH 103 467 467 HOH HOH A . 
J 7 HOH 104 468 468 HOH HOH A . 
J 7 HOH 105 470 470 HOH HOH A . 
J 7 HOH 106 471 471 HOH HOH A . 
J 7 HOH 107 472 472 HOH HOH A . 
J 7 HOH 108 473 473 HOH HOH A . 
J 7 HOH 109 474 474 HOH HOH A . 
J 7 HOH 110 476 476 HOH HOH A . 
J 7 HOH 111 477 477 HOH HOH A . 
J 7 HOH 112 478 478 HOH HOH A . 
J 7 HOH 113 479 479 HOH HOH A . 
J 7 HOH 114 480 480 HOH HOH A . 
J 7 HOH 115 481 481 HOH HOH A . 
J 7 HOH 116 482 482 HOH HOH A . 
J 7 HOH 117 483 483 HOH HOH A . 
J 7 HOH 118 484 484 HOH HOH A . 
J 7 HOH 119 485 485 HOH HOH A . 
J 7 HOH 120 486 486 HOH HOH A . 
J 7 HOH 121 487 487 HOH HOH A . 
J 7 HOH 122 492 492 HOH HOH A . 
J 7 HOH 123 494 494 HOH HOH A . 
J 7 HOH 124 495 495 HOH HOH A . 
J 7 HOH 125 496 496 HOH HOH A . 
# 
loop_
_pdbx_unobs_or_zero_occ_atoms.id 
_pdbx_unobs_or_zero_occ_atoms.PDB_model_num 
_pdbx_unobs_or_zero_occ_atoms.polymer_flag 
_pdbx_unobs_or_zero_occ_atoms.occupancy_flag 
_pdbx_unobs_or_zero_occ_atoms.auth_asym_id 
_pdbx_unobs_or_zero_occ_atoms.auth_comp_id 
_pdbx_unobs_or_zero_occ_atoms.auth_seq_id 
_pdbx_unobs_or_zero_occ_atoms.PDB_ins_code 
_pdbx_unobs_or_zero_occ_atoms.auth_atom_id 
_pdbx_unobs_or_zero_occ_atoms.label_alt_id 
_pdbx_unobs_or_zero_occ_atoms.label_asym_id 
_pdbx_unobs_or_zero_occ_atoms.label_comp_id 
_pdbx_unobs_or_zero_occ_atoms.label_seq_id 
_pdbx_unobs_or_zero_occ_atoms.label_atom_id 
1 1 Y 1 A CAF 65  ? CE2 ? A CAF 19 CE2 
2 1 Y 1 A CAF 130 ? CE2 ? A CAF 84 CE2 
# 
loop_
_software.name 
_software.classification 
_software.version 
_software.citation_id 
_software.pdbx_ordinal 
MAR345dtb 'data collection' .        ? 1 
REFMAC    refinement        5.4.0073 ? 2 
MOSFLM    'data reduction'  .        ? 3 
SCALA     'data scaling'    .        ? 4 
# 
_cell.entry_id           3LPU 
_cell.length_a           72.050 
_cell.length_b           72.050 
_cell.length_c           66.350 
_cell.angle_alpha        90.00 
_cell.angle_beta         90.00 
_cell.angle_gamma        120.00 
_cell.Z_PDB              6 
_cell.pdbx_unique_axis   ? 
_cell.length_a_esd       ? 
_cell.length_b_esd       ? 
_cell.length_c_esd       ? 
_cell.angle_alpha_esd    ? 
_cell.angle_beta_esd     ? 
_cell.angle_gamma_esd    ? 
# 
_symmetry.entry_id                         3LPU 
_symmetry.space_group_name_H-M             'P 31 2 1' 
_symmetry.pdbx_full_space_group_name_H-M   ? 
_symmetry.cell_setting                     ? 
_symmetry.Int_Tables_number                152 
_symmetry.space_group_name_Hall            ? 
# 
_exptl.entry_id          3LPU 
_exptl.method            'X-RAY DIFFRACTION' 
_exptl.crystals_number   1 
# 
_exptl_crystal.id                    1 
_exptl_crystal.density_meas          ? 
_exptl_crystal.density_Matthews      2.70 
_exptl_crystal.density_percent_sol   54.45 
_exptl_crystal.description           ? 
_exptl_crystal.F_000                 ? 
_exptl_crystal.preparation           ? 
# 
_exptl_crystal_grow.crystal_id      1 
_exptl_crystal_grow.method          'VAPOR DIFFUSION, HANGING DROP' 
_exptl_crystal_grow.temp            277 
_exptl_crystal_grow.temp_details    ? 
_exptl_crystal_grow.pH              6.5 
_exptl_crystal_grow.pdbx_details    
'10% (w/v) PEG 8000, 0.1M Na cacodylate pH 6.5, 0.1M (NH4)2SO4, 5mM DTT, VAPOR DIFFUSION, HANGING DROP, temperature 277K' 
_exptl_crystal_grow.pdbx_pH_range   . 
# 
_diffrn.id                     1 
_diffrn.ambient_temp           100 
_diffrn.ambient_temp_details   ? 
_diffrn.crystal_id             1 
# 
_diffrn_detector.diffrn_id              1 
_diffrn_detector.detector               CCD 
_diffrn_detector.type                   'MARMOSAIC 225 mm CCD' 
_diffrn_detector.pdbx_collection_date   2008-08-08 
_diffrn_detector.details                'Dynamically bendable mirror' 
# 
_diffrn_radiation.diffrn_id                        1 
_diffrn_radiation.wavelength_id                    1 
_diffrn_radiation.pdbx_monochromatic_or_laue_m_l   M 
_diffrn_radiation.monochromator                    'LN2 cooled fixed-exit Si(111) monochromator' 
_diffrn_radiation.pdbx_diffrn_protocol             'SINGLE WAVELENGTH' 
_diffrn_radiation.pdbx_scattering_type             x-ray 
# 
_diffrn_radiation_wavelength.id           1 
_diffrn_radiation_wavelength.wavelength   1 
_diffrn_radiation_wavelength.wt           1.0 
# 
_diffrn_source.diffrn_id                   1 
_diffrn_source.source                      SYNCHROTRON 
_diffrn_source.type                        'SLS BEAMLINE X06DA' 
_diffrn_source.pdbx_synchrotron_site       SLS 
_diffrn_source.pdbx_synchrotron_beamline   X06DA 
_diffrn_source.pdbx_wavelength             ? 
_diffrn_source.pdbx_wavelength_list        1 
# 
_reflns.entry_id                     3LPU 
_reflns.observed_criterion_sigma_I   1.8 
_reflns.observed_criterion_sigma_F   ? 
_reflns.d_resolution_low             33.17 
_reflns.d_resolution_high            1.9 
_reflns.number_obs                   14135 
_reflns.number_all                   ? 
_reflns.percent_possible_obs         99.9 
_reflns.pdbx_Rmerge_I_obs            ? 
_reflns.pdbx_Rsym_value              0.051 
_reflns.pdbx_netI_over_sigmaI        17.9 
_reflns.B_iso_Wilson_estimate        30.9 
_reflns.pdbx_redundancy              4.8 
_reflns.R_free_details               ? 
_reflns.limit_h_max                  ? 
_reflns.limit_h_min                  ? 
_reflns.limit_k_max                  ? 
_reflns.limit_k_min                  ? 
_reflns.limit_l_max                  ? 
_reflns.limit_l_min                  ? 
_reflns.observed_criterion_F_max     ? 
_reflns.observed_criterion_F_min     ? 
_reflns.pdbx_chi_squared             ? 
_reflns.pdbx_scaling_rejects         ? 
_reflns.pdbx_ordinal                 1 
_reflns.pdbx_diffrn_id               1 
# 
_reflns_shell.d_res_high             1.95 
_reflns_shell.d_res_low              2.0 
_reflns_shell.percent_possible_all   100 
_reflns_shell.Rmerge_I_obs           ? 
_reflns_shell.pdbx_Rsym_value        ? 
_reflns_shell.meanI_over_sigI_obs    5.8 
_reflns_shell.pdbx_redundancy        ? 
_reflns_shell.percent_possible_obs   ? 
_reflns_shell.number_unique_all      ? 
_reflns_shell.number_measured_all    ? 
_reflns_shell.number_measured_obs    ? 
_reflns_shell.number_unique_obs      ? 
_reflns_shell.pdbx_chi_squared       ? 
_reflns_shell.pdbx_ordinal           1 
_reflns_shell.pdbx_diffrn_id         1 
# 
_refine.entry_id                                 3LPU 
_refine.ls_number_reflns_obs                     14135 
_refine.ls_number_reflns_all                     ? 
_refine.pdbx_ls_sigma_I                          1.9 
_refine.pdbx_ls_sigma_F                          ? 
_refine.pdbx_data_cutoff_high_absF               ? 
_refine.pdbx_data_cutoff_low_absF                ? 
_refine.pdbx_data_cutoff_high_rms_absF           ? 
_refine.ls_d_res_low                             31.20 
_refine.ls_d_res_high                            1.95 
_refine.ls_percent_reflns_obs                    99.95 
_refine.ls_R_factor_obs                          0.20425 
_refine.ls_R_factor_all                          0.20425 
_refine.ls_R_factor_R_work                       0.20340 
_refine.ls_R_factor_R_free                       0.22053 
_refine.ls_R_factor_R_free_error                 ? 
_refine.ls_R_factor_R_free_error_details         ? 
_refine.ls_percent_reflns_R_free                 5.0 
_refine.ls_number_reflns_R_free                  746 
_refine.ls_number_parameters                     ? 
_refine.ls_number_restraints                     ? 
_refine.occupancy_min                            ? 
_refine.occupancy_max                            ? 
_refine.correlation_coeff_Fo_to_Fc               0.947 
_refine.correlation_coeff_Fo_to_Fc_free          0.940 
_refine.B_iso_mean                               30.895 
_refine.aniso_B[1][1]                            0.70 
_refine.aniso_B[2][2]                            0.70 
_refine.aniso_B[3][3]                            -1.05 
_refine.aniso_B[1][2]                            0.35 
_refine.aniso_B[1][3]                            0.00 
_refine.aniso_B[2][3]                            0.00 
_refine.solvent_model_details                    MASK 
_refine.solvent_model_param_ksol                 ? 
_refine.solvent_model_param_bsol                 ? 
_refine.pdbx_solvent_vdw_probe_radii             1.20 
_refine.pdbx_solvent_ion_probe_radii             0.80 
_refine.pdbx_solvent_shrinkage_radii             0.80 
_refine.pdbx_ls_cross_valid_method               THROUGHOUT 
_refine.details                                  'HYDROGENS HAVE BEEN ADDED IN THE RIDING POSITIONS' 
_refine.pdbx_starting_model                      ? 
_refine.pdbx_method_to_determine_struct          DIRECT 
_refine.pdbx_isotropic_thermal_model             ? 
_refine.pdbx_stereochemistry_target_values       'MAXIMUM LIKELIHOOD' 
_refine.pdbx_stereochem_target_val_spec_case     ? 
_refine.pdbx_R_Free_selection_details            RANDOM 
_refine.pdbx_overall_ESU_R                       0.158 
_refine.pdbx_overall_ESU_R_Free                  0.135 
_refine.overall_SU_ML                            0.088 
_refine.overall_SU_B                             3.037 
_refine.ls_redundancy_reflns_obs                 ? 
_refine.B_iso_min                                ? 
_refine.B_iso_max                                ? 
_refine.overall_SU_R_Cruickshank_DPI             ? 
_refine.overall_SU_R_free                        ? 
_refine.ls_wR_factor_R_free                      ? 
_refine.ls_wR_factor_R_work                      ? 
_refine.overall_FOM_free_R_set                   ? 
_refine.overall_FOM_work_R_set                   ? 
_refine.pdbx_refine_id                           'X-RAY DIFFRACTION' 
_refine.pdbx_overall_phase_error                 ? 
_refine.pdbx_diffrn_id                           1 
_refine.pdbx_TLS_residual_ADP_flag               ? 
_refine.pdbx_overall_SU_R_free_Cruickshank_DPI   ? 
_refine.pdbx_overall_SU_R_Blow_DPI               ? 
_refine.pdbx_overall_SU_R_free_Blow_DPI          ? 
# 
_refine_hist.pdbx_refine_id                   'X-RAY DIFFRACTION' 
_refine_hist.cycle_id                         LAST 
_refine_hist.pdbx_number_atoms_protein        1129 
_refine_hist.pdbx_number_atoms_nucleic_acid   0 
_refine_hist.pdbx_number_atoms_ligand         70 
_refine_hist.number_atoms_solvent             125 
_refine_hist.number_atoms_total               1324 
_refine_hist.d_res_high                       1.95 
_refine_hist.d_res_low                        31.20 
# 
loop_
_refine_ls_restr.type 
_refine_ls_restr.dev_ideal 
_refine_ls_restr.dev_ideal_target 
_refine_ls_restr.weight 
_refine_ls_restr.number 
_refine_ls_restr.pdbx_refine_id 
_refine_ls_restr.pdbx_restraint_function 
r_bond_refined_d       0.007  0.022  ? 1235 'X-RAY DIFFRACTION' ? 
r_angle_refined_deg    1.184  1.993  ? 1665 'X-RAY DIFFRACTION' ? 
r_dihedral_angle_1_deg 4.691  5.000  ? 145  'X-RAY DIFFRACTION' ? 
r_dihedral_angle_2_deg 29.062 24.490 ? 49   'X-RAY DIFFRACTION' ? 
r_dihedral_angle_3_deg 15.566 15.000 ? 202  'X-RAY DIFFRACTION' ? 
r_dihedral_angle_4_deg 19.559 15.000 ? 5    'X-RAY DIFFRACTION' ? 
r_chiral_restr         0.078  0.200  ? 180  'X-RAY DIFFRACTION' ? 
r_gen_planes_refined   0.004  0.021  ? 884  'X-RAY DIFFRACTION' ? 
r_mcbond_it            0.734  1.500  ? 722  'X-RAY DIFFRACTION' ? 
r_mcangle_it           1.386  2.000  ? 1167 'X-RAY DIFFRACTION' ? 
r_scbond_it            1.674  3.000  ? 513  'X-RAY DIFFRACTION' ? 
r_scangle_it           2.821  4.500  ? 497  'X-RAY DIFFRACTION' ? 
# 
_refine_ls_shell.pdbx_total_number_of_bins_used   20 
_refine_ls_shell.d_res_high                       1.950 
_refine_ls_shell.d_res_low                        2.001 
_refine_ls_shell.number_reflns_R_work             1035 
_refine_ls_shell.R_factor_R_work                  0.242 
_refine_ls_shell.percent_reflns_obs               100.00 
_refine_ls_shell.R_factor_R_free                  0.245 
_refine_ls_shell.R_factor_R_free_error            ? 
_refine_ls_shell.percent_reflns_R_free            ? 
_refine_ls_shell.number_reflns_R_free             48 
_refine_ls_shell.number_reflns_all                ? 
_refine_ls_shell.R_factor_all                     ? 
_refine_ls_shell.number_reflns_obs                ? 
_refine_ls_shell.redundancy_reflns_obs            ? 
_refine_ls_shell.pdbx_refine_id                   'X-RAY DIFFRACTION' 
# 
_struct.entry_id                  3LPU 
_struct.title                     'HIV integrase' 
_struct.pdbx_model_details        ? 
_struct.pdbx_CASP_flag            ? 
_struct.pdbx_model_type_details   ? 
# 
_struct_keywords.entry_id        3LPU 
_struct_keywords.pdbx_keywords   'VIRAL PROTEIN' 
_struct_keywords.text            
'HIV, integrase, LEDGF/p75 small molecule, inhibitor, Endonuclease, Hydrolase, Nuclease, Transferase, VIRAL PROTEIN' 
# 
loop_
_struct_asym.id 
_struct_asym.pdbx_blank_PDB_chainid_flag 
_struct_asym.pdbx_modified 
_struct_asym.entity_id 
_struct_asym.details 
A N N 1 ? 
B N N 2 ? 
C N N 3 ? 
D N N 4 ? 
E N N 4 ? 
F N N 5 ? 
G N N 5 ? 
H N N 5 ? 
I N N 6 ? 
J N N 7 ? 
# 
_struct_ref.id                         1 
_struct_ref.db_name                    UNP 
_struct_ref.db_code                    Q76353_9HIV1 
_struct_ref.pdbx_db_accession          Q76353 
_struct_ref.entity_id                  1 
_struct_ref.pdbx_seq_one_letter_code   
;GEAMHGQVDCSPGIWQLDCTHLEGKVILVAVHVASGYIEAEVIPAETGQETAYFLLKLAGRWPVKTVHTDNGSNFTSTTV
KAACWWAGIKQEFGIPYNPQSQGVIESMNKELKKIIGQVRDQAEHLKTAVQMAVFIHNFKRKGGIGGYSAGERIVDIIAT
DIQTKE
;
_struct_ref.pdbx_align_begin           47 
_struct_ref.pdbx_db_isoform            ? 
# 
_struct_ref_seq.align_id                      1 
_struct_ref_seq.ref_id                        1 
_struct_ref_seq.pdbx_PDB_id_code              3LPU 
_struct_ref_seq.pdbx_strand_id                A 
_struct_ref_seq.seq_align_beg                 4 
_struct_ref_seq.pdbx_seq_align_beg_ins_code   ? 
_struct_ref_seq.seq_align_end                 166 
_struct_ref_seq.pdbx_seq_align_end_ins_code   ? 
_struct_ref_seq.pdbx_db_accession             Q76353 
_struct_ref_seq.db_align_beg                  50 
_struct_ref_seq.pdbx_db_align_beg_ins_code    ? 
_struct_ref_seq.db_align_end                  212 
_struct_ref_seq.pdbx_db_align_end_ins_code    ? 
_struct_ref_seq.pdbx_auth_seq_align_beg       50 
_struct_ref_seq.pdbx_auth_seq_align_end       212 
# 
loop_
_struct_ref_seq_dif.align_id 
_struct_ref_seq_dif.pdbx_pdb_id_code 
_struct_ref_seq_dif.mon_id 
_struct_ref_seq_dif.pdbx_pdb_strand_id 
_struct_ref_seq_dif.seq_num 
_struct_ref_seq_dif.pdbx_pdb_ins_code 
_struct_ref_seq_dif.pdbx_seq_db_name 
_struct_ref_seq_dif.pdbx_seq_db_accession_code 
_struct_ref_seq_dif.db_mon_id 
_struct_ref_seq_dif.pdbx_seq_db_seq_num 
_struct_ref_seq_dif.details 
_struct_ref_seq_dif.pdbx_auth_seq_num 
_struct_ref_seq_dif.pdbx_ordinal 
1 3LPU GLY A 1   ? UNP Q76353 ?   ?   'expression tag'      47  1 
1 3LPU SER A 2   ? UNP Q76353 ?   ?   'expression tag'      48  2 
1 3LPU HIS A 3   ? UNP Q76353 ?   ?   'expression tag'      49  3 
1 3LPU LYS A 139 ? UNP Q76353 PHE 185 'engineered mutation' 185 4 
# 
_pdbx_struct_assembly.id                   1 
_pdbx_struct_assembly.details              author_and_software_defined_assembly 
_pdbx_struct_assembly.method_details       PISA 
_pdbx_struct_assembly.oligomeric_details   dimeric 
_pdbx_struct_assembly.oligomeric_count     2 
# 
loop_
_pdbx_struct_assembly_prop.biol_id 
_pdbx_struct_assembly_prop.type 
_pdbx_struct_assembly_prop.value 
_pdbx_struct_assembly_prop.details 
1 'ABSA (A^2)' 2990  ? 
1 MORE         -19   ? 
1 'SSA (A^2)'  13800 ? 
# 
_pdbx_struct_assembly_gen.assembly_id       1 
_pdbx_struct_assembly_gen.oper_expression   1,2 
_pdbx_struct_assembly_gen.asym_id_list      A,B,C,D,E,F,G,H,I,J 
# 
loop_
_pdbx_struct_oper_list.id 
_pdbx_struct_oper_list.type 
_pdbx_struct_oper_list.name 
_pdbx_struct_oper_list.symmetry_operation 
_pdbx_struct_oper_list.matrix[1][1] 
_pdbx_struct_oper_list.matrix[1][2] 
_pdbx_struct_oper_list.matrix[1][3] 
_pdbx_struct_oper_list.vector[1] 
_pdbx_struct_oper_list.matrix[2][1] 
_pdbx_struct_oper_list.matrix[2][2] 
_pdbx_struct_oper_list.matrix[2][3] 
_pdbx_struct_oper_list.vector[2] 
_pdbx_struct_oper_list.matrix[3][1] 
_pdbx_struct_oper_list.matrix[3][2] 
_pdbx_struct_oper_list.matrix[3][3] 
_pdbx_struct_oper_list.vector[3] 
1 'identity operation'         1_555 x,y,z  1.0000000000  0.0000000000 0.0000000000 0.0000000000  0.0000000000 1.0000000000  0.0000000000 0.0000000000  0.0000000000 0.0000000000 1.0000000000 0.0000000000 
2 'crystal symmetry operation' 4_555 y,x,-z -0.9923805826 0.0642523580 0.1051304608 19.4382253692 0.0642523580 -0.4581783244 0.8865349726 -5.5700398617 0.1051304608 0.8865349726 0.4505589070 1.9954277853 
# 
_struct_biol.id        1 
_struct_biol.details   ? 
# 
loop_
_struct_conf.conf_type_id 
_struct_conf.id 
_struct_conf.pdbx_PDB_helix_id 
_struct_conf.beg_label_comp_id 
_struct_conf.beg_label_asym_id 
_struct_conf.beg_label_seq_id 
_struct_conf.pdbx_beg_PDB_ins_code 
_struct_conf.end_label_comp_id 
_struct_conf.end_label_asym_id 
_struct_conf.end_label_seq_id 
_struct_conf.pdbx_end_PDB_ins_code 
_struct_conf.beg_auth_comp_id 
_struct_conf.beg_auth_asym_id 
_struct_conf.beg_auth_seq_id 
_struct_conf.end_auth_comp_id 
_struct_conf.end_auth_asym_id 
_struct_conf.end_auth_seq_id 
_struct_conf.pdbx_PDB_helix_class 
_struct_conf.details 
_struct_conf.pdbx_PDB_helix_length 
HELX_P HELX_P1 1 THR A 47  ? TRP A 62  ? THR A 93  TRP A 108 1 ? 16 
HELX_P HELX_P2 2 ASN A 71  ? THR A 76  ? ASN A 117 THR A 122 5 ? 6  
HELX_P HELX_P3 3 SER A 77  ? GLY A 88  ? SER A 123 GLY A 134 1 ? 12 
HELX_P HELX_P4 4 SER A 107 ? ARG A 120 ? SER A 153 ARG A 166 1 ? 14 
HELX_P HELX_P5 5 ASP A 121 ? ALA A 123 ? ASP A 167 ALA A 169 5 ? 3  
HELX_P HELX_P6 6 HIS A 125 ? LYS A 140 ? HIS A 171 LYS A 186 1 ? 16 
HELX_P HELX_P7 7 SER A 149 ? GLN A 163 ? SER A 195 GLN A 209 1 ? 15 
# 
_struct_conf_type.id          HELX_P 
_struct_conf_type.criteria    ? 
_struct_conf_type.reference   ? 
# 
loop_
_struct_conn.id 
_struct_conn.conn_type_id 
_struct_conn.pdbx_leaving_atom_flag 
_struct_conn.pdbx_PDB_id 
_struct_conn.ptnr1_label_asym_id 
_struct_conn.ptnr1_label_comp_id 
_struct_conn.ptnr1_label_seq_id 
_struct_conn.ptnr1_label_atom_id 
_struct_conn.pdbx_ptnr1_label_alt_id 
_struct_conn.pdbx_ptnr1_PDB_ins_code 
_struct_conn.pdbx_ptnr1_standard_comp_id 
_struct_conn.ptnr1_symmetry 
_struct_conn.ptnr2_label_asym_id 
_struct_conn.ptnr2_label_comp_id 
_struct_conn.ptnr2_label_seq_id 
_struct_conn.ptnr2_label_atom_id 
_struct_conn.pdbx_ptnr2_label_alt_id 
_struct_conn.pdbx_ptnr2_PDB_ins_code 
_struct_conn.ptnr1_auth_asym_id 
_struct_conn.ptnr1_auth_comp_id 
_struct_conn.ptnr1_auth_seq_id 
_struct_conn.ptnr2_auth_asym_id 
_struct_conn.ptnr2_auth_comp_id 
_struct_conn.ptnr2_auth_seq_id 
_struct_conn.ptnr2_symmetry 
_struct_conn.pdbx_ptnr3_label_atom_id 
_struct_conn.pdbx_ptnr3_label_seq_id 
_struct_conn.pdbx_ptnr3_label_comp_id 
_struct_conn.pdbx_ptnr3_label_asym_id 
_struct_conn.pdbx_ptnr3_label_alt_id 
_struct_conn.pdbx_ptnr3_PDB_ins_code 
_struct_conn.details 
_struct_conn.pdbx_dist_value 
_struct_conn.pdbx_value_order 
_struct_conn.pdbx_role 
covale1 covale both ? A ASP 18 C ? ? ? 1_555 A CAF 19 N ? ? A ASP 64  A CAF 65  1_555 ? ? ? ? ? ? ? 1.333 ? ? 
covale2 covale both ? A CAF 19 C ? ? ? 1_555 A THR 20 N ? ? A CAF 65  A THR 66  1_555 ? ? ? ? ? ? ? 1.334 ? ? 
covale3 covale both ? A ALA 83 C ? ? ? 1_555 A CAF 84 N ? ? A ALA 129 A CAF 130 1_555 ? ? ? ? ? ? ? 1.332 ? ? 
covale4 covale both ? A CAF 84 C ? ? ? 1_555 A TRP 85 N ? ? A CAF 130 A TRP 131 1_555 ? ? ? ? ? ? ? 1.326 ? ? 
# 
_struct_conn_type.id          covale 
_struct_conn_type.criteria    ? 
_struct_conn_type.reference   ? 
# 
loop_
_pdbx_modification_feature.ordinal 
_pdbx_modification_feature.label_comp_id 
_pdbx_modification_feature.label_asym_id 
_pdbx_modification_feature.label_seq_id 
_pdbx_modification_feature.label_alt_id 
_pdbx_modification_feature.modified_residue_label_comp_id 
_pdbx_modification_feature.modified_residue_label_asym_id 
_pdbx_modification_feature.modified_residue_label_seq_id 
_pdbx_modification_feature.modified_residue_label_alt_id 
_pdbx_modification_feature.auth_comp_id 
_pdbx_modification_feature.auth_asym_id 
_pdbx_modification_feature.auth_seq_id 
_pdbx_modification_feature.PDB_ins_code 
_pdbx_modification_feature.symmetry 
_pdbx_modification_feature.modified_residue_auth_comp_id 
_pdbx_modification_feature.modified_residue_auth_asym_id 
_pdbx_modification_feature.modified_residue_auth_seq_id 
_pdbx_modification_feature.modified_residue_PDB_ins_code 
_pdbx_modification_feature.modified_residue_symmetry 
_pdbx_modification_feature.comp_id_linking_atom 
_pdbx_modification_feature.modified_residue_id_linking_atom 
_pdbx_modification_feature.modified_residue_id 
_pdbx_modification_feature.ref_pcm_id 
_pdbx_modification_feature.ref_comp_id 
_pdbx_modification_feature.type 
_pdbx_modification_feature.category 
1 CAF A 19 ? . . . . CAF A 65  ? 1_555 . . . . . . . CYS 1 CAF None 'Non-standard residue' 
2 CAF A 84 ? . . . . CAF A 130 ? 1_555 . . . . . . . CYS 1 CAF None 'Non-standard residue' 
# 
_struct_sheet.id               A 
_struct_sheet.type             ? 
_struct_sheet.number_strands   5 
_struct_sheet.details          ? 
# 
loop_
_struct_sheet_order.sheet_id 
_struct_sheet_order.range_id_1 
_struct_sheet_order.range_id_2 
_struct_sheet_order.offset 
_struct_sheet_order.sense 
A 1 2 ? anti-parallel 
A 2 3 ? anti-parallel 
A 3 4 ? parallel      
A 4 5 ? parallel      
# 
loop_
_struct_sheet_range.sheet_id 
_struct_sheet_range.id 
_struct_sheet_range.beg_label_comp_id 
_struct_sheet_range.beg_label_asym_id 
_struct_sheet_range.beg_label_seq_id 
_struct_sheet_range.pdbx_beg_PDB_ins_code 
_struct_sheet_range.end_label_comp_id 
_struct_sheet_range.end_label_asym_id 
_struct_sheet_range.end_label_seq_id 
_struct_sheet_range.pdbx_end_PDB_ins_code 
_struct_sheet_range.beg_auth_comp_id 
_struct_sheet_range.beg_auth_asym_id 
_struct_sheet_range.beg_auth_seq_id 
_struct_sheet_range.end_auth_comp_id 
_struct_sheet_range.end_auth_asym_id 
_struct_sheet_range.end_auth_seq_id 
A 1 ILE A 38 ? ILE A 43 ? ILE A 84  ILE A 89  
A 2 LYS A 25 ? HIS A 32 ? LYS A 71  HIS A 78  
A 3 ILE A 14 ? LEU A 22 ? ILE A 60  LEU A 68  
A 4 THR A 66 ? HIS A 68 ? THR A 112 HIS A 114 
A 5 LYS A 90 ? GLN A 91 ? LYS A 136 GLN A 137 
# 
loop_
_pdbx_struct_sheet_hbond.sheet_id 
_pdbx_struct_sheet_hbond.range_id_1 
_pdbx_struct_sheet_hbond.range_id_2 
_pdbx_struct_sheet_hbond.range_1_label_atom_id 
_pdbx_struct_sheet_hbond.range_1_label_comp_id 
_pdbx_struct_sheet_hbond.range_1_label_asym_id 
_pdbx_struct_sheet_hbond.range_1_label_seq_id 
_pdbx_struct_sheet_hbond.range_1_PDB_ins_code 
_pdbx_struct_sheet_hbond.range_1_auth_atom_id 
_pdbx_struct_sheet_hbond.range_1_auth_comp_id 
_pdbx_struct_sheet_hbond.range_1_auth_asym_id 
_pdbx_struct_sheet_hbond.range_1_auth_seq_id 
_pdbx_struct_sheet_hbond.range_2_label_atom_id 
_pdbx_struct_sheet_hbond.range_2_label_comp_id 
_pdbx_struct_sheet_hbond.range_2_label_asym_id 
_pdbx_struct_sheet_hbond.range_2_label_seq_id 
_pdbx_struct_sheet_hbond.range_2_PDB_ins_code 
_pdbx_struct_sheet_hbond.range_2_auth_atom_id 
_pdbx_struct_sheet_hbond.range_2_auth_comp_id 
_pdbx_struct_sheet_hbond.range_2_auth_asym_id 
_pdbx_struct_sheet_hbond.range_2_auth_seq_id 
A 1 2 O GLU A 39 ? O GLU A 85  N ALA A 30 ? N ALA A 76  
A 2 3 O VAL A 29 ? O VAL A 75  N ASP A 18 ? N ASP A 64  
A 3 4 N TRP A 15 ? N TRP A 61  O HIS A 68 ? O HIS A 114 
A 4 5 N VAL A 67 ? N VAL A 113 O LYS A 90 ? O LYS A 136 
# 
loop_
_struct_site.id 
_struct_site.pdbx_evidence_code 
_struct_site.pdbx_auth_asym_id 
_struct_site.pdbx_auth_comp_id 
_struct_site.pdbx_auth_seq_id 
_struct_site.pdbx_auth_ins_code 
_struct_site.pdbx_num_residues 
_struct_site.details 
AC1 Software A 976 1   ? 10 'BINDING SITE FOR RESIDUE 976 A 1'   
AC2 Software A P03 213 ? 8  'BINDING SITE FOR RESIDUE P03 A 213' 
AC3 Software A PEG 2   ? 4  'BINDING SITE FOR RESIDUE PEG A 2'   
AC4 Software A PEG 3   ? 3  'BINDING SITE FOR RESIDUE PEG A 3'   
AC5 Software A SO4 497 ? 3  'BINDING SITE FOR RESIDUE SO4 A 497' 
AC6 Software A SO4 498 ? 7  'BINDING SITE FOR RESIDUE SO4 A 498' 
AC7 Software A SO4 499 ? 7  'BINDING SITE FOR RESIDUE SO4 A 499' 
AC8 Software A CA  500 ? 3  'BINDING SITE FOR RESIDUE CA A 500'  
# 
loop_
_struct_site_gen.id 
_struct_site_gen.site_id 
_struct_site_gen.pdbx_num_res 
_struct_site_gen.label_comp_id 
_struct_site_gen.label_asym_id 
_struct_site_gen.label_seq_id 
_struct_site_gen.pdbx_auth_ins_code 
_struct_site_gen.auth_comp_id 
_struct_site_gen.auth_asym_id 
_struct_site_gen.auth_seq_id 
_struct_site_gen.label_atom_id 
_struct_site_gen.label_alt_id 
_struct_site_gen.symmetry 
_struct_site_gen.details 
1  AC1 10 THR A 78  ? THR A 124 . ? 1_555 ? 
2  AC1 10 THR A 79  ? THR A 125 . ? 1_555 ? 
3  AC1 10 ALA A 82  ? ALA A 128 . ? 1_555 ? 
4  AC1 10 ALA A 83  ? ALA A 129 . ? 1_555 ? 
5  AC1 10 ALA A 123 ? ALA A 169 . ? 4_555 ? 
6  AC1 10 GLU A 124 ? GLU A 170 . ? 4_555 ? 
7  AC1 10 HIS A 125 ? HIS A 171 . ? 4_555 ? 
8  AC1 10 THR A 128 ? THR A 174 . ? 4_555 ? 
9  AC1 10 MET A 132 ? MET A 178 . ? 4_555 ? 
10 AC1 10 HOH J .   ? HOH A 456 . ? 1_555 ? 
11 AC2 8  GLN A 49  ? GLN A 95  . ? 1_555 ? 
12 AC2 8  GLU A 50  ? GLU A 96  . ? 1_555 ? 
13 AC2 8  TYR A 53  ? TYR A 99  . ? 1_555 ? 
14 AC2 8  HIS A 125 ? HIS A 171 . ? 4_555 ? 
15 AC2 8  LYS A 127 ? LYS A 173 . ? 4_555 ? 
16 AC2 8  HOH J .   ? HOH A 425 . ? 1_555 ? 
17 AC2 8  HOH J .   ? HOH A 427 . ? 1_555 ? 
18 AC2 8  SO4 H .   ? SO4 A 499 . ? 4_555 ? 
19 AC3 4  TRP A 85  ? TRP A 131 . ? 1_555 ? 
20 AC3 4  ILE A 95  ? ILE A 141 . ? 2_655 ? 
21 AC3 4  TYR A 97  ? TYR A 143 . ? 2_655 ? 
22 AC3 4  HOH J .   ? HOH A 474 . ? 1_555 ? 
23 AC4 3  VAL A 33  ? VAL A 79  . ? 1_555 ? 
24 AC4 3  SER A 35  ? SER A 81  . ? 1_555 ? 
25 AC4 3  MET A 108 ? MET A 154 . ? 1_555 ? 
26 AC5 3  THR A 20  ? THR A 66  . ? 1_555 ? 
27 AC5 3  HIS A 21  ? HIS A 67  . ? 1_555 ? 
28 AC5 3  LYS A 113 ? LYS A 159 . ? 1_555 ? 
29 AC6 7  GLY A 48  ? GLY A 94  . ? 1_555 ? 
30 AC6 7  SER A 77  ? SER A 123 . ? 1_555 ? 
31 AC6 7  THR A 78  ? THR A 124 . ? 1_555 ? 
32 AC6 7  THR A 79  ? THR A 125 . ? 1_555 ? 
33 AC6 7  LYS A 140 ? LYS A 186 . ? 5_664 ? 
34 AC6 7  HOH J .   ? HOH A 402 . ? 1_555 ? 
35 AC6 7  HOH J .   ? HOH A 429 . ? 1_555 ? 
36 AC7 7  LYS A 25  ? LYS A 71  . ? 1_555 ? 
37 AC7 7  HIS A 125 ? HIS A 171 . ? 1_555 ? 
38 AC7 7  LEU A 126 ? LEU A 172 . ? 1_555 ? 
39 AC7 7  P03 C .   ? P03 A 213 . ? 4_555 ? 
40 AC7 7  HOH J .   ? HOH A 322 . ? 1_555 ? 
41 AC7 7  HOH J .   ? HOH A 412 . ? 1_555 ? 
42 AC7 7  HOH J .   ? HOH A 477 . ? 1_555 ? 
43 AC8 3  THR A 78  ? THR A 124 . ? 1_555 ? 
44 AC8 3  LYS A 114 ? LYS A 160 . ? 5_664 ? 
45 AC8 3  GLN A 118 ? GLN A 164 . ? 5_664 ? 
# 
_pdbx_entry_details.entry_id                   3LPU 
_pdbx_entry_details.compound_details           ? 
_pdbx_entry_details.source_details             ? 
_pdbx_entry_details.nonpolymer_details         ? 
_pdbx_entry_details.sequence_details           ? 
_pdbx_entry_details.has_ligand_of_interest     ? 
_pdbx_entry_details.has_protein_modification   Y 
# 
loop_
_pdbx_validate_close_contact.id 
_pdbx_validate_close_contact.PDB_model_num 
_pdbx_validate_close_contact.auth_atom_id_1 
_pdbx_validate_close_contact.auth_asym_id_1 
_pdbx_validate_close_contact.auth_comp_id_1 
_pdbx_validate_close_contact.auth_seq_id_1 
_pdbx_validate_close_contact.PDB_ins_code_1 
_pdbx_validate_close_contact.label_alt_id_1 
_pdbx_validate_close_contact.auth_atom_id_2 
_pdbx_validate_close_contact.auth_asym_id_2 
_pdbx_validate_close_contact.auth_comp_id_2 
_pdbx_validate_close_contact.auth_seq_id_2 
_pdbx_validate_close_contact.PDB_ins_code_2 
_pdbx_validate_close_contact.label_alt_id_2 
_pdbx_validate_close_contact.dist 
1 1 OE1 A GLU 85 ? ? NH1 A ARG 107 ? C 1.78 
2 1 OE2 A GLU 85 ? ? NH1 A ARG 107 ? C 2.08 
3 1 CD  A GLU 85 ? ? NH1 A ARG 107 ? C 2.10 
# 
_pdbx_validate_torsion.id              1 
_pdbx_validate_torsion.PDB_model_num   1 
_pdbx_validate_torsion.auth_comp_id    CYS 
_pdbx_validate_torsion.auth_asym_id    A 
_pdbx_validate_torsion.auth_seq_id     56 
_pdbx_validate_torsion.PDB_ins_code    ? 
_pdbx_validate_torsion.label_alt_id    ? 
_pdbx_validate_torsion.phi             -178.04 
_pdbx_validate_torsion.psi             -3.50 
# 
loop_
_pdbx_struct_mod_residue.id 
_pdbx_struct_mod_residue.label_asym_id 
_pdbx_struct_mod_residue.label_comp_id 
_pdbx_struct_mod_residue.label_seq_id 
_pdbx_struct_mod_residue.auth_asym_id 
_pdbx_struct_mod_residue.auth_comp_id 
_pdbx_struct_mod_residue.auth_seq_id 
_pdbx_struct_mod_residue.PDB_ins_code 
_pdbx_struct_mod_residue.parent_comp_id 
_pdbx_struct_mod_residue.details 
1 A CAF 19 A CAF 65  ? CYS S-DIMETHYLARSINOYL-CYSTEINE 
2 A CAF 84 A CAF 130 ? CYS S-DIMETHYLARSINOYL-CYSTEINE 
# 
loop_
_pdbx_unobs_or_zero_occ_residues.id 
_pdbx_unobs_or_zero_occ_residues.PDB_model_num 
_pdbx_unobs_or_zero_occ_residues.polymer_flag 
_pdbx_unobs_or_zero_occ_residues.occupancy_flag 
_pdbx_unobs_or_zero_occ_residues.auth_asym_id 
_pdbx_unobs_or_zero_occ_residues.auth_comp_id 
_pdbx_unobs_or_zero_occ_residues.auth_seq_id 
_pdbx_unobs_or_zero_occ_residues.PDB_ins_code 
_pdbx_unobs_or_zero_occ_residues.label_asym_id 
_pdbx_unobs_or_zero_occ_residues.label_comp_id 
_pdbx_unobs_or_zero_occ_residues.label_seq_id 
1  1 Y 1 A GLY 47  ? A GLY 1   
2  1 Y 1 A SER 48  ? A SER 2   
3  1 Y 1 A HIS 49  ? A HIS 3   
4  1 Y 1 A MET 50  ? A MET 4   
5  1 Y 1 A HIS 51  ? A HIS 5   
6  1 Y 1 A GLY 52  ? A GLY 6   
7  1 Y 1 A GLN 53  ? A GLN 7   
8  1 Y 1 A VAL 54  ? A VAL 8   
9  1 Y 1 A GLN 146 ? A GLN 100 
10 1 Y 1 A SER 147 ? A SER 101 
11 1 Y 1 A GLN 148 ? A GLN 102 
12 1 Y 1 A GLY 149 ? A GLY 103 
13 1 Y 1 A VAL 150 ? A VAL 104 
14 1 Y 1 A ILE 151 ? A ILE 105 
15 1 Y 1 A GLU 152 ? A GLU 106 
16 1 Y 1 A GLY 189 ? A GLY 143 
17 1 Y 1 A GLY 190 ? A GLY 144 
18 1 Y 1 A ILE 191 ? A ILE 145 
19 1 Y 1 A GLY 192 ? A GLY 146 
20 1 Y 1 A THR 210 ? A THR 164 
21 1 Y 1 A LYS 211 ? A LYS 165 
22 1 Y 1 A GLU 212 ? A GLU 166 
# 
loop_
_chem_comp_atom.comp_id 
_chem_comp_atom.atom_id 
_chem_comp_atom.type_symbol 
_chem_comp_atom.pdbx_aromatic_flag 
_chem_comp_atom.pdbx_stereo_config 
_chem_comp_atom.pdbx_ordinal 
976 N    N  Y N 1   
976 CL   CL N N 2   
976 C1   C  Y N 3   
976 O1   O  N N 4   
976 C2   C  Y N 5   
976 O2   O  N N 6   
976 C3   C  Y N 7   
976 C4   C  Y N 8   
976 C5   C  Y N 9   
976 C6   C  Y N 10  
976 C7   C  Y N 11  
976 C8   C  Y N 12  
976 C9   C  Y N 13  
976 C10  C  Y N 14  
976 C11  C  N S 15  
976 C12  C  N N 16  
976 C13  C  N N 17  
976 C14  C  N N 18  
976 C15  C  N N 19  
976 C16  C  N N 20  
976 C17  C  Y N 21  
976 C18  C  Y N 22  
976 C19  C  Y N 23  
976 C20  C  Y N 24  
976 C21  C  Y N 25  
976 H2   H  N N 26  
976 HO2  H  N N 27  
976 H3   H  N N 28  
976 H6   H  N N 29  
976 H11  H  N N 30  
976 H13  H  N N 31  
976 H13A H  N N 32  
976 H14  H  N N 33  
976 H14A H  N N 34  
976 H15  H  N N 35  
976 H15A H  N N 36  
976 H15B H  N N 37  
976 H16  H  N N 38  
976 H16A H  N N 39  
976 H16B H  N N 40  
976 H17  H  N N 41  
976 H18  H  N N 42  
976 H19  H  N N 43  
976 H20  H  N N 44  
976 H21  H  N N 45  
ALA N    N  N N 46  
ALA CA   C  N S 47  
ALA C    C  N N 48  
ALA O    O  N N 49  
ALA CB   C  N N 50  
ALA OXT  O  N N 51  
ALA H    H  N N 52  
ALA H2   H  N N 53  
ALA HA   H  N N 54  
ALA HB1  H  N N 55  
ALA HB2  H  N N 56  
ALA HB3  H  N N 57  
ALA HXT  H  N N 58  
ARG N    N  N N 59  
ARG CA   C  N S 60  
ARG C    C  N N 61  
ARG O    O  N N 62  
ARG CB   C  N N 63  
ARG CG   C  N N 64  
ARG CD   C  N N 65  
ARG NE   N  N N 66  
ARG CZ   C  N N 67  
ARG NH1  N  N N 68  
ARG NH2  N  N N 69  
ARG OXT  O  N N 70  
ARG H    H  N N 71  
ARG H2   H  N N 72  
ARG HA   H  N N 73  
ARG HB2  H  N N 74  
ARG HB3  H  N N 75  
ARG HG2  H  N N 76  
ARG HG3  H  N N 77  
ARG HD2  H  N N 78  
ARG HD3  H  N N 79  
ARG HE   H  N N 80  
ARG HH11 H  N N 81  
ARG HH12 H  N N 82  
ARG HH21 H  N N 83  
ARG HH22 H  N N 84  
ARG HXT  H  N N 85  
ASN N    N  N N 86  
ASN CA   C  N S 87  
ASN C    C  N N 88  
ASN O    O  N N 89  
ASN CB   C  N N 90  
ASN CG   C  N N 91  
ASN OD1  O  N N 92  
ASN ND2  N  N N 93  
ASN OXT  O  N N 94  
ASN H    H  N N 95  
ASN H2   H  N N 96  
ASN HA   H  N N 97  
ASN HB2  H  N N 98  
ASN HB3  H  N N 99  
ASN HD21 H  N N 100 
ASN HD22 H  N N 101 
ASN HXT  H  N N 102 
ASP N    N  N N 103 
ASP CA   C  N S 104 
ASP C    C  N N 105 
ASP O    O  N N 106 
ASP CB   C  N N 107 
ASP CG   C  N N 108 
ASP OD1  O  N N 109 
ASP OD2  O  N N 110 
ASP OXT  O  N N 111 
ASP H    H  N N 112 
ASP H2   H  N N 113 
ASP HA   H  N N 114 
ASP HB2  H  N N 115 
ASP HB3  H  N N 116 
ASP HD2  H  N N 117 
ASP HXT  H  N N 118 
CA  CA   CA N N 119 
CAF N    N  N N 120 
CAF CA   C  N R 121 
CAF CB   C  N N 122 
CAF C    C  N N 123 
CAF O    O  N N 124 
CAF OXT  O  N N 125 
CAF SG   S  N N 126 
CAF AS   AS N N 127 
CAF CE1  C  N N 128 
CAF CE2  C  N N 129 
CAF O1   O  N N 130 
CAF H    H  N N 131 
CAF H2   H  N N 132 
CAF HA   H  N N 133 
CAF HB2  H  N N 134 
CAF HB3  H  N N 135 
CAF HXT  H  N N 136 
CAF HE11 H  N N 137 
CAF HE12 H  N N 138 
CAF HE13 H  N N 139 
CAF HE21 H  N N 140 
CAF HE22 H  N N 141 
CAF HE23 H  N N 142 
CYS N    N  N N 143 
CYS CA   C  N R 144 
CYS C    C  N N 145 
CYS O    O  N N 146 
CYS CB   C  N N 147 
CYS SG   S  N N 148 
CYS OXT  O  N N 149 
CYS H    H  N N 150 
CYS H2   H  N N 151 
CYS HA   H  N N 152 
CYS HB2  H  N N 153 
CYS HB3  H  N N 154 
CYS HG   H  N N 155 
CYS HXT  H  N N 156 
GLN N    N  N N 157 
GLN CA   C  N S 158 
GLN C    C  N N 159 
GLN O    O  N N 160 
GLN CB   C  N N 161 
GLN CG   C  N N 162 
GLN CD   C  N N 163 
GLN OE1  O  N N 164 
GLN NE2  N  N N 165 
GLN OXT  O  N N 166 
GLN H    H  N N 167 
GLN H2   H  N N 168 
GLN HA   H  N N 169 
GLN HB2  H  N N 170 
GLN HB3  H  N N 171 
GLN HG2  H  N N 172 
GLN HG3  H  N N 173 
GLN HE21 H  N N 174 
GLN HE22 H  N N 175 
GLN HXT  H  N N 176 
GLU N    N  N N 177 
GLU CA   C  N S 178 
GLU C    C  N N 179 
GLU O    O  N N 180 
GLU CB   C  N N 181 
GLU CG   C  N N 182 
GLU CD   C  N N 183 
GLU OE1  O  N N 184 
GLU OE2  O  N N 185 
GLU OXT  O  N N 186 
GLU H    H  N N 187 
GLU H2   H  N N 188 
GLU HA   H  N N 189 
GLU HB2  H  N N 190 
GLU HB3  H  N N 191 
GLU HG2  H  N N 192 
GLU HG3  H  N N 193 
GLU HE2  H  N N 194 
GLU HXT  H  N N 195 
GLY N    N  N N 196 
GLY CA   C  N N 197 
GLY C    C  N N 198 
GLY O    O  N N 199 
GLY OXT  O  N N 200 
GLY H    H  N N 201 
GLY H2   H  N N 202 
GLY HA2  H  N N 203 
GLY HA3  H  N N 204 
GLY HXT  H  N N 205 
HIS N    N  N N 206 
HIS CA   C  N S 207 
HIS C    C  N N 208 
HIS O    O  N N 209 
HIS CB   C  N N 210 
HIS CG   C  Y N 211 
HIS ND1  N  Y N 212 
HIS CD2  C  Y N 213 
HIS CE1  C  Y N 214 
HIS NE2  N  Y N 215 
HIS OXT  O  N N 216 
HIS H    H  N N 217 
HIS H2   H  N N 218 
HIS HA   H  N N 219 
HIS HB2  H  N N 220 
HIS HB3  H  N N 221 
HIS HD1  H  N N 222 
HIS HD2  H  N N 223 
HIS HE1  H  N N 224 
HIS HE2  H  N N 225 
HIS HXT  H  N N 226 
HOH O    O  N N 227 
HOH H1   H  N N 228 
HOH H2   H  N N 229 
ILE N    N  N N 230 
ILE CA   C  N S 231 
ILE C    C  N N 232 
ILE O    O  N N 233 
ILE CB   C  N S 234 
ILE CG1  C  N N 235 
ILE CG2  C  N N 236 
ILE CD1  C  N N 237 
ILE OXT  O  N N 238 
ILE H    H  N N 239 
ILE H2   H  N N 240 
ILE HA   H  N N 241 
ILE HB   H  N N 242 
ILE HG12 H  N N 243 
ILE HG13 H  N N 244 
ILE HG21 H  N N 245 
ILE HG22 H  N N 246 
ILE HG23 H  N N 247 
ILE HD11 H  N N 248 
ILE HD12 H  N N 249 
ILE HD13 H  N N 250 
ILE HXT  H  N N 251 
LEU N    N  N N 252 
LEU CA   C  N S 253 
LEU C    C  N N 254 
LEU O    O  N N 255 
LEU CB   C  N N 256 
LEU CG   C  N N 257 
LEU CD1  C  N N 258 
LEU CD2  C  N N 259 
LEU OXT  O  N N 260 
LEU H    H  N N 261 
LEU H2   H  N N 262 
LEU HA   H  N N 263 
LEU HB2  H  N N 264 
LEU HB3  H  N N 265 
LEU HG   H  N N 266 
LEU HD11 H  N N 267 
LEU HD12 H  N N 268 
LEU HD13 H  N N 269 
LEU HD21 H  N N 270 
LEU HD22 H  N N 271 
LEU HD23 H  N N 272 
LEU HXT  H  N N 273 
LYS N    N  N N 274 
LYS CA   C  N S 275 
LYS C    C  N N 276 
LYS O    O  N N 277 
LYS CB   C  N N 278 
LYS CG   C  N N 279 
LYS CD   C  N N 280 
LYS CE   C  N N 281 
LYS NZ   N  N N 282 
LYS OXT  O  N N 283 
LYS H    H  N N 284 
LYS H2   H  N N 285 
LYS HA   H  N N 286 
LYS HB2  H  N N 287 
LYS HB3  H  N N 288 
LYS HG2  H  N N 289 
LYS HG3  H  N N 290 
LYS HD2  H  N N 291 
LYS HD3  H  N N 292 
LYS HE2  H  N N 293 
LYS HE3  H  N N 294 
LYS HZ1  H  N N 295 
LYS HZ2  H  N N 296 
LYS HZ3  H  N N 297 
LYS HXT  H  N N 298 
MET N    N  N N 299 
MET CA   C  N S 300 
MET C    C  N N 301 
MET O    O  N N 302 
MET CB   C  N N 303 
MET CG   C  N N 304 
MET SD   S  N N 305 
MET CE   C  N N 306 
MET OXT  O  N N 307 
MET H    H  N N 308 
MET H2   H  N N 309 
MET HA   H  N N 310 
MET HB2  H  N N 311 
MET HB3  H  N N 312 
MET HG2  H  N N 313 
MET HG3  H  N N 314 
MET HE1  H  N N 315 
MET HE2  H  N N 316 
MET HE3  H  N N 317 
MET HXT  H  N N 318 
P03 C1   C  N N 319 
P03 O1   O  N N 320 
P03 C2   C  N N 321 
P03 O2   O  N N 322 
P03 C3   C  N N 323 
P03 O3   O  N N 324 
P03 C4   C  N N 325 
P03 O4   O  N N 326 
P03 C5   C  N N 327 
P03 O5   O  N N 328 
P03 C6   C  N N 329 
P03 C7   C  N N 330 
P03 C8   C  N N 331 
P03 C9   C  N N 332 
P03 C10  C  N N 333 
P03 H1   H  N N 334 
P03 H1A  H  N N 335 
P03 HO1  H  N N 336 
P03 H2   H  N N 337 
P03 H2A  H  N N 338 
P03 H3   H  N N 339 
P03 H3A  H  N N 340 
P03 H4   H  N N 341 
P03 H4A  H  N N 342 
P03 H5   H  N N 343 
P03 H5A  H  N N 344 
P03 HO5  H  N N 345 
P03 H6   H  N N 346 
P03 H6A  H  N N 347 
P03 H7   H  N N 348 
P03 H7A  H  N N 349 
P03 H8   H  N N 350 
P03 H8A  H  N N 351 
P03 H9   H  N N 352 
P03 H9A  H  N N 353 
P03 H10  H  N N 354 
P03 H10A H  N N 355 
PEG C1   C  N N 356 
PEG O1   O  N N 357 
PEG C2   C  N N 358 
PEG O2   O  N N 359 
PEG C3   C  N N 360 
PEG C4   C  N N 361 
PEG O4   O  N N 362 
PEG H11  H  N N 363 
PEG H12  H  N N 364 
PEG HO1  H  N N 365 
PEG H21  H  N N 366 
PEG H22  H  N N 367 
PEG H31  H  N N 368 
PEG H32  H  N N 369 
PEG H41  H  N N 370 
PEG H42  H  N N 371 
PEG HO4  H  N N 372 
PHE N    N  N N 373 
PHE CA   C  N S 374 
PHE C    C  N N 375 
PHE O    O  N N 376 
PHE CB   C  N N 377 
PHE CG   C  Y N 378 
PHE CD1  C  Y N 379 
PHE CD2  C  Y N 380 
PHE CE1  C  Y N 381 
PHE CE2  C  Y N 382 
PHE CZ   C  Y N 383 
PHE OXT  O  N N 384 
PHE H    H  N N 385 
PHE H2   H  N N 386 
PHE HA   H  N N 387 
PHE HB2  H  N N 388 
PHE HB3  H  N N 389 
PHE HD1  H  N N 390 
PHE HD2  H  N N 391 
PHE HE1  H  N N 392 
PHE HE2  H  N N 393 
PHE HZ   H  N N 394 
PHE HXT  H  N N 395 
PRO N    N  N N 396 
PRO CA   C  N S 397 
PRO C    C  N N 398 
PRO O    O  N N 399 
PRO CB   C  N N 400 
PRO CG   C  N N 401 
PRO CD   C  N N 402 
PRO OXT  O  N N 403 
PRO H    H  N N 404 
PRO HA   H  N N 405 
PRO HB2  H  N N 406 
PRO HB3  H  N N 407 
PRO HG2  H  N N 408 
PRO HG3  H  N N 409 
PRO HD2  H  N N 410 
PRO HD3  H  N N 411 
PRO HXT  H  N N 412 
SER N    N  N N 413 
SER CA   C  N S 414 
SER C    C  N N 415 
SER O    O  N N 416 
SER CB   C  N N 417 
SER OG   O  N N 418 
SER OXT  O  N N 419 
SER H    H  N N 420 
SER H2   H  N N 421 
SER HA   H  N N 422 
SER HB2  H  N N 423 
SER HB3  H  N N 424 
SER HG   H  N N 425 
SER HXT  H  N N 426 
SO4 S    S  N N 427 
SO4 O1   O  N N 428 
SO4 O2   O  N N 429 
SO4 O3   O  N N 430 
SO4 O4   O  N N 431 
THR N    N  N N 432 
THR CA   C  N S 433 
THR C    C  N N 434 
THR O    O  N N 435 
THR CB   C  N R 436 
THR OG1  O  N N 437 
THR CG2  C  N N 438 
THR OXT  O  N N 439 
THR H    H  N N 440 
THR H2   H  N N 441 
THR HA   H  N N 442 
THR HB   H  N N 443 
THR HG1  H  N N 444 
THR HG21 H  N N 445 
THR HG22 H  N N 446 
THR HG23 H  N N 447 
THR HXT  H  N N 448 
TRP N    N  N N 449 
TRP CA   C  N S 450 
TRP C    C  N N 451 
TRP O    O  N N 452 
TRP CB   C  N N 453 
TRP CG   C  Y N 454 
TRP CD1  C  Y N 455 
TRP CD2  C  Y N 456 
TRP NE1  N  Y N 457 
TRP CE2  C  Y N 458 
TRP CE3  C  Y N 459 
TRP CZ2  C  Y N 460 
TRP CZ3  C  Y N 461 
TRP CH2  C  Y N 462 
TRP OXT  O  N N 463 
TRP H    H  N N 464 
TRP H2   H  N N 465 
TRP HA   H  N N 466 
TRP HB2  H  N N 467 
TRP HB3  H  N N 468 
TRP HD1  H  N N 469 
TRP HE1  H  N N 470 
TRP HE3  H  N N 471 
TRP HZ2  H  N N 472 
TRP HZ3  H  N N 473 
TRP HH2  H  N N 474 
TRP HXT  H  N N 475 
TYR N    N  N N 476 
TYR CA   C  N S 477 
TYR C    C  N N 478 
TYR O    O  N N 479 
TYR CB   C  N N 480 
TYR CG   C  Y N 481 
TYR CD1  C  Y N 482 
TYR CD2  C  Y N 483 
TYR CE1  C  Y N 484 
TYR CE2  C  Y N 485 
TYR CZ   C  Y N 486 
TYR OH   O  N N 487 
TYR OXT  O  N N 488 
TYR H    H  N N 489 
TYR H2   H  N N 490 
TYR HA   H  N N 491 
TYR HB2  H  N N 492 
TYR HB3  H  N N 493 
TYR HD1  H  N N 494 
TYR HD2  H  N N 495 
TYR HE1  H  N N 496 
TYR HE2  H  N N 497 
TYR HH   H  N N 498 
TYR HXT  H  N N 499 
VAL N    N  N N 500 
VAL CA   C  N S 501 
VAL C    C  N N 502 
VAL O    O  N N 503 
VAL CB   C  N N 504 
VAL CG1  C  N N 505 
VAL CG2  C  N N 506 
VAL OXT  O  N N 507 
VAL H    H  N N 508 
VAL H2   H  N N 509 
VAL HA   H  N N 510 
VAL HB   H  N N 511 
VAL HG11 H  N N 512 
VAL HG12 H  N N 513 
VAL HG13 H  N N 514 
VAL HG21 H  N N 515 
VAL HG22 H  N N 516 
VAL HG23 H  N N 517 
VAL HXT  H  N N 518 
# 
loop_
_chem_comp_bond.comp_id 
_chem_comp_bond.atom_id_1 
_chem_comp_bond.atom_id_2 
_chem_comp_bond.value_order 
_chem_comp_bond.pdbx_aromatic_flag 
_chem_comp_bond.pdbx_stereo_config 
_chem_comp_bond.pdbx_ordinal 
976 N   C4   doub Y N 1   
976 N   C7   sing Y N 2   
976 CL  C1   sing N N 3   
976 C1  C2   sing Y N 4   
976 C1  C6   doub Y N 5   
976 O1  C12  doub N N 6   
976 C2  C3   doub Y N 7   
976 O2  C12  sing N N 8   
976 C3  C4   sing Y N 9   
976 C4  C5   sing Y N 10  
976 C5  C6   sing Y N 11  
976 C5  C9   doub Y N 12  
976 C7  C8   doub Y N 13  
976 C7  C16  sing N N 14  
976 C8  C9   sing Y N 15  
976 C8  C11  sing N N 16  
976 C9  C10  sing Y N 17  
976 C10 C17  doub Y N 18  
976 C10 C21  sing Y N 19  
976 C11 C12  sing N N 20  
976 C11 C13  sing N N 21  
976 C13 C14  sing N N 22  
976 C14 C15  sing N N 23  
976 C17 C18  sing Y N 24  
976 C18 C19  doub Y N 25  
976 C19 C20  sing Y N 26  
976 C20 C21  doub Y N 27  
976 C2  H2   sing N N 28  
976 O2  HO2  sing N N 29  
976 C3  H3   sing N N 30  
976 C6  H6   sing N N 31  
976 C11 H11  sing N N 32  
976 C13 H13  sing N N 33  
976 C13 H13A sing N N 34  
976 C14 H14  sing N N 35  
976 C14 H14A sing N N 36  
976 C15 H15  sing N N 37  
976 C15 H15A sing N N 38  
976 C15 H15B sing N N 39  
976 C16 H16  sing N N 40  
976 C16 H16A sing N N 41  
976 C16 H16B sing N N 42  
976 C17 H17  sing N N 43  
976 C18 H18  sing N N 44  
976 C19 H19  sing N N 45  
976 C20 H20  sing N N 46  
976 C21 H21  sing N N 47  
ALA N   CA   sing N N 48  
ALA N   H    sing N N 49  
ALA N   H2   sing N N 50  
ALA CA  C    sing N N 51  
ALA CA  CB   sing N N 52  
ALA CA  HA   sing N N 53  
ALA C   O    doub N N 54  
ALA C   OXT  sing N N 55  
ALA CB  HB1  sing N N 56  
ALA CB  HB2  sing N N 57  
ALA CB  HB3  sing N N 58  
ALA OXT HXT  sing N N 59  
ARG N   CA   sing N N 60  
ARG N   H    sing N N 61  
ARG N   H2   sing N N 62  
ARG CA  C    sing N N 63  
ARG CA  CB   sing N N 64  
ARG CA  HA   sing N N 65  
ARG C   O    doub N N 66  
ARG C   OXT  sing N N 67  
ARG CB  CG   sing N N 68  
ARG CB  HB2  sing N N 69  
ARG CB  HB3  sing N N 70  
ARG CG  CD   sing N N 71  
ARG CG  HG2  sing N N 72  
ARG CG  HG3  sing N N 73  
ARG CD  NE   sing N N 74  
ARG CD  HD2  sing N N 75  
ARG CD  HD3  sing N N 76  
ARG NE  CZ   sing N N 77  
ARG NE  HE   sing N N 78  
ARG CZ  NH1  sing N N 79  
ARG CZ  NH2  doub N N 80  
ARG NH1 HH11 sing N N 81  
ARG NH1 HH12 sing N N 82  
ARG NH2 HH21 sing N N 83  
ARG NH2 HH22 sing N N 84  
ARG OXT HXT  sing N N 85  
ASN N   CA   sing N N 86  
ASN N   H    sing N N 87  
ASN N   H2   sing N N 88  
ASN CA  C    sing N N 89  
ASN CA  CB   sing N N 90  
ASN CA  HA   sing N N 91  
ASN C   O    doub N N 92  
ASN C   OXT  sing N N 93  
ASN CB  CG   sing N N 94  
ASN CB  HB2  sing N N 95  
ASN CB  HB3  sing N N 96  
ASN CG  OD1  doub N N 97  
ASN CG  ND2  sing N N 98  
ASN ND2 HD21 sing N N 99  
ASN ND2 HD22 sing N N 100 
ASN OXT HXT  sing N N 101 
ASP N   CA   sing N N 102 
ASP N   H    sing N N 103 
ASP N   H2   sing N N 104 
ASP CA  C    sing N N 105 
ASP CA  CB   sing N N 106 
ASP CA  HA   sing N N 107 
ASP C   O    doub N N 108 
ASP C   OXT  sing N N 109 
ASP CB  CG   sing N N 110 
ASP CB  HB2  sing N N 111 
ASP CB  HB3  sing N N 112 
ASP CG  OD1  doub N N 113 
ASP CG  OD2  sing N N 114 
ASP OD2 HD2  sing N N 115 
ASP OXT HXT  sing N N 116 
CAF N   CA   sing N N 117 
CAF N   H    sing N N 118 
CAF N   H2   sing N N 119 
CAF CA  CB   sing N N 120 
CAF CA  C    sing N N 121 
CAF CA  HA   sing N N 122 
CAF CB  SG   sing N N 123 
CAF CB  HB2  sing N N 124 
CAF CB  HB3  sing N N 125 
CAF C   O    doub N N 126 
CAF C   OXT  sing N N 127 
CAF OXT HXT  sing N N 128 
CAF SG  AS   sing N N 129 
CAF AS  CE1  sing N N 130 
CAF AS  CE2  sing N N 131 
CAF AS  O1   doub N N 132 
CAF CE1 HE11 sing N N 133 
CAF CE1 HE12 sing N N 134 
CAF CE1 HE13 sing N N 135 
CAF CE2 HE21 sing N N 136 
CAF CE2 HE22 sing N N 137 
CAF CE2 HE23 sing N N 138 
CYS N   CA   sing N N 139 
CYS N   H    sing N N 140 
CYS N   H2   sing N N 141 
CYS CA  C    sing N N 142 
CYS CA  CB   sing N N 143 
CYS CA  HA   sing N N 144 
CYS C   O    doub N N 145 
CYS C   OXT  sing N N 146 
CYS CB  SG   sing N N 147 
CYS CB  HB2  sing N N 148 
CYS CB  HB3  sing N N 149 
CYS SG  HG   sing N N 150 
CYS OXT HXT  sing N N 151 
GLN N   CA   sing N N 152 
GLN N   H    sing N N 153 
GLN N   H2   sing N N 154 
GLN CA  C    sing N N 155 
GLN CA  CB   sing N N 156 
GLN CA  HA   sing N N 157 
GLN C   O    doub N N 158 
GLN C   OXT  sing N N 159 
GLN CB  CG   sing N N 160 
GLN CB  HB2  sing N N 161 
GLN CB  HB3  sing N N 162 
GLN CG  CD   sing N N 163 
GLN CG  HG2  sing N N 164 
GLN CG  HG3  sing N N 165 
GLN CD  OE1  doub N N 166 
GLN CD  NE2  sing N N 167 
GLN NE2 HE21 sing N N 168 
GLN NE2 HE22 sing N N 169 
GLN OXT HXT  sing N N 170 
GLU N   CA   sing N N 171 
GLU N   H    sing N N 172 
GLU N   H2   sing N N 173 
GLU CA  C    sing N N 174 
GLU CA  CB   sing N N 175 
GLU CA  HA   sing N N 176 
GLU C   O    doub N N 177 
GLU C   OXT  sing N N 178 
GLU CB  CG   sing N N 179 
GLU CB  HB2  sing N N 180 
GLU CB  HB3  sing N N 181 
GLU CG  CD   sing N N 182 
GLU CG  HG2  sing N N 183 
GLU CG  HG3  sing N N 184 
GLU CD  OE1  doub N N 185 
GLU CD  OE2  sing N N 186 
GLU OE2 HE2  sing N N 187 
GLU OXT HXT  sing N N 188 
GLY N   CA   sing N N 189 
GLY N   H    sing N N 190 
GLY N   H2   sing N N 191 
GLY CA  C    sing N N 192 
GLY CA  HA2  sing N N 193 
GLY CA  HA3  sing N N 194 
GLY C   O    doub N N 195 
GLY C   OXT  sing N N 196 
GLY OXT HXT  sing N N 197 
HIS N   CA   sing N N 198 
HIS N   H    sing N N 199 
HIS N   H2   sing N N 200 
HIS CA  C    sing N N 201 
HIS CA  CB   sing N N 202 
HIS CA  HA   sing N N 203 
HIS C   O    doub N N 204 
HIS C   OXT  sing N N 205 
HIS CB  CG   sing N N 206 
HIS CB  HB2  sing N N 207 
HIS CB  HB3  sing N N 208 
HIS CG  ND1  sing Y N 209 
HIS CG  CD2  doub Y N 210 
HIS ND1 CE1  doub Y N 211 
HIS ND1 HD1  sing N N 212 
HIS CD2 NE2  sing Y N 213 
HIS CD2 HD2  sing N N 214 
HIS CE1 NE2  sing Y N 215 
HIS CE1 HE1  sing N N 216 
HIS NE2 HE2  sing N N 217 
HIS OXT HXT  sing N N 218 
HOH O   H1   sing N N 219 
HOH O   H2   sing N N 220 
ILE N   CA   sing N N 221 
ILE N   H    sing N N 222 
ILE N   H2   sing N N 223 
ILE CA  C    sing N N 224 
ILE CA  CB   sing N N 225 
ILE CA  HA   sing N N 226 
ILE C   O    doub N N 227 
ILE C   OXT  sing N N 228 
ILE CB  CG1  sing N N 229 
ILE CB  CG2  sing N N 230 
ILE CB  HB   sing N N 231 
ILE CG1 CD1  sing N N 232 
ILE CG1 HG12 sing N N 233 
ILE CG1 HG13 sing N N 234 
ILE CG2 HG21 sing N N 235 
ILE CG2 HG22 sing N N 236 
ILE CG2 HG23 sing N N 237 
ILE CD1 HD11 sing N N 238 
ILE CD1 HD12 sing N N 239 
ILE CD1 HD13 sing N N 240 
ILE OXT HXT  sing N N 241 
LEU N   CA   sing N N 242 
LEU N   H    sing N N 243 
LEU N   H2   sing N N 244 
LEU CA  C    sing N N 245 
LEU CA  CB   sing N N 246 
LEU CA  HA   sing N N 247 
LEU C   O    doub N N 248 
LEU C   OXT  sing N N 249 
LEU CB  CG   sing N N 250 
LEU CB  HB2  sing N N 251 
LEU CB  HB3  sing N N 252 
LEU CG  CD1  sing N N 253 
LEU CG  CD2  sing N N 254 
LEU CG  HG   sing N N 255 
LEU CD1 HD11 sing N N 256 
LEU CD1 HD12 sing N N 257 
LEU CD1 HD13 sing N N 258 
LEU CD2 HD21 sing N N 259 
LEU CD2 HD22 sing N N 260 
LEU CD2 HD23 sing N N 261 
LEU OXT HXT  sing N N 262 
LYS N   CA   sing N N 263 
LYS N   H    sing N N 264 
LYS N   H2   sing N N 265 
LYS CA  C    sing N N 266 
LYS CA  CB   sing N N 267 
LYS CA  HA   sing N N 268 
LYS C   O    doub N N 269 
LYS C   OXT  sing N N 270 
LYS CB  CG   sing N N 271 
LYS CB  HB2  sing N N 272 
LYS CB  HB3  sing N N 273 
LYS CG  CD   sing N N 274 
LYS CG  HG2  sing N N 275 
LYS CG  HG3  sing N N 276 
LYS CD  CE   sing N N 277 
LYS CD  HD2  sing N N 278 
LYS CD  HD3  sing N N 279 
LYS CE  NZ   sing N N 280 
LYS CE  HE2  sing N N 281 
LYS CE  HE3  sing N N 282 
LYS NZ  HZ1  sing N N 283 
LYS NZ  HZ2  sing N N 284 
LYS NZ  HZ3  sing N N 285 
LYS OXT HXT  sing N N 286 
MET N   CA   sing N N 287 
MET N   H    sing N N 288 
MET N   H2   sing N N 289 
MET CA  C    sing N N 290 
MET CA  CB   sing N N 291 
MET CA  HA   sing N N 292 
MET C   O    doub N N 293 
MET C   OXT  sing N N 294 
MET CB  CG   sing N N 295 
MET CB  HB2  sing N N 296 
MET CB  HB3  sing N N 297 
MET CG  SD   sing N N 298 
MET CG  HG2  sing N N 299 
MET CG  HG3  sing N N 300 
MET SD  CE   sing N N 301 
MET CE  HE1  sing N N 302 
MET CE  HE2  sing N N 303 
MET CE  HE3  sing N N 304 
MET OXT HXT  sing N N 305 
P03 C1  O1   sing N N 306 
P03 C1  C2   sing N N 307 
P03 C2  O2   sing N N 308 
P03 O2  C3   sing N N 309 
P03 C3  C4   sing N N 310 
P03 O3  C5   sing N N 311 
P03 O3  C6   sing N N 312 
P03 C4  C5   sing N N 313 
P03 O4  C8   sing N N 314 
P03 O4  C9   sing N N 315 
P03 O5  C10  sing N N 316 
P03 C6  C7   sing N N 317 
P03 C7  C8   sing N N 318 
P03 C9  C10  sing N N 319 
P03 C1  H1   sing N N 320 
P03 C1  H1A  sing N N 321 
P03 O1  HO1  sing N N 322 
P03 C2  H2   sing N N 323 
P03 C2  H2A  sing N N 324 
P03 C3  H3   sing N N 325 
P03 C3  H3A  sing N N 326 
P03 C4  H4   sing N N 327 
P03 C4  H4A  sing N N 328 
P03 C5  H5   sing N N 329 
P03 C5  H5A  sing N N 330 
P03 O5  HO5  sing N N 331 
P03 C6  H6   sing N N 332 
P03 C6  H6A  sing N N 333 
P03 C7  H7   sing N N 334 
P03 C7  H7A  sing N N 335 
P03 C8  H8   sing N N 336 
P03 C8  H8A  sing N N 337 
P03 C9  H9   sing N N 338 
P03 C9  H9A  sing N N 339 
P03 C10 H10  sing N N 340 
P03 C10 H10A sing N N 341 
PEG C1  O1   sing N N 342 
PEG C1  C2   sing N N 343 
PEG C1  H11  sing N N 344 
PEG C1  H12  sing N N 345 
PEG O1  HO1  sing N N 346 
PEG C2  O2   sing N N 347 
PEG C2  H21  sing N N 348 
PEG C2  H22  sing N N 349 
PEG O2  C3   sing N N 350 
PEG C3  C4   sing N N 351 
PEG C3  H31  sing N N 352 
PEG C3  H32  sing N N 353 
PEG C4  O4   sing N N 354 
PEG C4  H41  sing N N 355 
PEG C4  H42  sing N N 356 
PEG O4  HO4  sing N N 357 
PHE N   CA   sing N N 358 
PHE N   H    sing N N 359 
PHE N   H2   sing N N 360 
PHE CA  C    sing N N 361 
PHE CA  CB   sing N N 362 
PHE CA  HA   sing N N 363 
PHE C   O    doub N N 364 
PHE C   OXT  sing N N 365 
PHE CB  CG   sing N N 366 
PHE CB  HB2  sing N N 367 
PHE CB  HB3  sing N N 368 
PHE CG  CD1  doub Y N 369 
PHE CG  CD2  sing Y N 370 
PHE CD1 CE1  sing Y N 371 
PHE CD1 HD1  sing N N 372 
PHE CD2 CE2  doub Y N 373 
PHE CD2 HD2  sing N N 374 
PHE CE1 CZ   doub Y N 375 
PHE CE1 HE1  sing N N 376 
PHE CE2 CZ   sing Y N 377 
PHE CE2 HE2  sing N N 378 
PHE CZ  HZ   sing N N 379 
PHE OXT HXT  sing N N 380 
PRO N   CA   sing N N 381 
PRO N   CD   sing N N 382 
PRO N   H    sing N N 383 
PRO CA  C    sing N N 384 
PRO CA  CB   sing N N 385 
PRO CA  HA   sing N N 386 
PRO C   O    doub N N 387 
PRO C   OXT  sing N N 388 
PRO CB  CG   sing N N 389 
PRO CB  HB2  sing N N 390 
PRO CB  HB3  sing N N 391 
PRO CG  CD   sing N N 392 
PRO CG  HG2  sing N N 393 
PRO CG  HG3  sing N N 394 
PRO CD  HD2  sing N N 395 
PRO CD  HD3  sing N N 396 
PRO OXT HXT  sing N N 397 
SER N   CA   sing N N 398 
SER N   H    sing N N 399 
SER N   H2   sing N N 400 
SER CA  C    sing N N 401 
SER CA  CB   sing N N 402 
SER CA  HA   sing N N 403 
SER C   O    doub N N 404 
SER C   OXT  sing N N 405 
SER CB  OG   sing N N 406 
SER CB  HB2  sing N N 407 
SER CB  HB3  sing N N 408 
SER OG  HG   sing N N 409 
SER OXT HXT  sing N N 410 
SO4 S   O1   doub N N 411 
SO4 S   O2   doub N N 412 
SO4 S   O3   sing N N 413 
SO4 S   O4   sing N N 414 
THR N   CA   sing N N 415 
THR N   H    sing N N 416 
THR N   H2   sing N N 417 
THR CA  C    sing N N 418 
THR CA  CB   sing N N 419 
THR CA  HA   sing N N 420 
THR C   O    doub N N 421 
THR C   OXT  sing N N 422 
THR CB  OG1  sing N N 423 
THR CB  CG2  sing N N 424 
THR CB  HB   sing N N 425 
THR OG1 HG1  sing N N 426 
THR CG2 HG21 sing N N 427 
THR CG2 HG22 sing N N 428 
THR CG2 HG23 sing N N 429 
THR OXT HXT  sing N N 430 
TRP N   CA   sing N N 431 
TRP N   H    sing N N 432 
TRP N   H2   sing N N 433 
TRP CA  C    sing N N 434 
TRP CA  CB   sing N N 435 
TRP CA  HA   sing N N 436 
TRP C   O    doub N N 437 
TRP C   OXT  sing N N 438 
TRP CB  CG   sing N N 439 
TRP CB  HB2  sing N N 440 
TRP CB  HB3  sing N N 441 
TRP CG  CD1  doub Y N 442 
TRP CG  CD2  sing Y N 443 
TRP CD1 NE1  sing Y N 444 
TRP CD1 HD1  sing N N 445 
TRP CD2 CE2  doub Y N 446 
TRP CD2 CE3  sing Y N 447 
TRP NE1 CE2  sing Y N 448 
TRP NE1 HE1  sing N N 449 
TRP CE2 CZ2  sing Y N 450 
TRP CE3 CZ3  doub Y N 451 
TRP CE3 HE3  sing N N 452 
TRP CZ2 CH2  doub Y N 453 
TRP CZ2 HZ2  sing N N 454 
TRP CZ3 CH2  sing Y N 455 
TRP CZ3 HZ3  sing N N 456 
TRP CH2 HH2  sing N N 457 
TRP OXT HXT  sing N N 458 
TYR N   CA   sing N N 459 
TYR N   H    sing N N 460 
TYR N   H2   sing N N 461 
TYR CA  C    sing N N 462 
TYR CA  CB   sing N N 463 
TYR CA  HA   sing N N 464 
TYR C   O    doub N N 465 
TYR C   OXT  sing N N 466 
TYR CB  CG   sing N N 467 
TYR CB  HB2  sing N N 468 
TYR CB  HB3  sing N N 469 
TYR CG  CD1  doub Y N 470 
TYR CG  CD2  sing Y N 471 
TYR CD1 CE1  sing Y N 472 
TYR CD1 HD1  sing N N 473 
TYR CD2 CE2  doub Y N 474 
TYR CD2 HD2  sing N N 475 
TYR CE1 CZ   doub Y N 476 
TYR CE1 HE1  sing N N 477 
TYR CE2 CZ   sing Y N 478 
TYR CE2 HE2  sing N N 479 
TYR CZ  OH   sing N N 480 
TYR OH  HH   sing N N 481 
TYR OXT HXT  sing N N 482 
VAL N   CA   sing N N 483 
VAL N   H    sing N N 484 
VAL N   H2   sing N N 485 
VAL CA  C    sing N N 486 
VAL CA  CB   sing N N 487 
VAL CA  HA   sing N N 488 
VAL C   O    doub N N 489 
VAL C   OXT  sing N N 490 
VAL CB  CG1  sing N N 491 
VAL CB  CG2  sing N N 492 
VAL CB  HB   sing N N 493 
VAL CG1 HG11 sing N N 494 
VAL CG1 HG12 sing N N 495 
VAL CG1 HG13 sing N N 496 
VAL CG2 HG21 sing N N 497 
VAL CG2 HG22 sing N N 498 
VAL CG2 HG23 sing N N 499 
VAL OXT HXT  sing N N 500 
# 
_atom_sites.entry_id                    3LPU 
_atom_sites.fract_transf_matrix[1][1]   -0.00188214 
_atom_sites.fract_transf_matrix[1][2]   0.01373604 
_atom_sites.fract_transf_matrix[1][3]   0.00803826 
_atom_sites.fract_transf_matrix[2][1]   0.00359542 
_atom_sites.fract_transf_matrix[2][2]   0.00071174 
_atom_sites.fract_transf_matrix[2][3]   0.01560125 
_atom_sites.fract_transf_matrix[3][1]   0.01413372 
_atom_sites.fract_transf_matrix[3][2]   0.00394814 
_atom_sites.fract_transf_matrix[3][3]   -0.00343733 
_atom_sites.fract_transf_vector[1]      0.521006 
_atom_sites.fract_transf_vector[2]      0.423949 
_atom_sites.fract_transf_vector[3]      -0.122942 
# 
loop_
_atom_type.symbol 
AS 
C  
CA 
CL 
N  
O  
S  
# 
loop_
_atom_site.group_PDB 
_atom_site.id 
_atom_site.type_symbol 
_atom_site.label_atom_id 
_atom_site.label_alt_id 
_atom_site.label_comp_id 
_atom_site.label_asym_id 
_atom_site.label_entity_id 
_atom_site.label_seq_id 
_atom_site.pdbx_PDB_ins_code 
_atom_site.Cartn_x 
_atom_site.Cartn_y 
_atom_site.Cartn_z 
_atom_site.occupancy 
_atom_site.B_iso_or_equiv 
_atom_site.pdbx_formal_charge 
_atom_site.auth_seq_id 
_atom_site.auth_comp_id 
_atom_site.auth_asym_id 
_atom_site.auth_atom_id 
_atom_site.pdbx_PDB_model_num 
ATOM   1    N  N   . ASP A 1 9   ? -8.759  -0.922  -11.042 1.00 47.19  ? 55  ASP A N   1 
ATOM   2    C  CA  . ASP A 1 9   ? -8.088  -0.698  -12.354 1.00 46.92  ? 55  ASP A CA  1 
ATOM   3    C  C   . ASP A 1 9   ? -7.225  -1.911  -12.713 1.00 46.56  ? 55  ASP A C   1 
ATOM   4    O  O   . ASP A 1 9   ? -7.577  -3.038  -12.363 1.00 46.87  ? 55  ASP A O   1 
ATOM   5    C  CB  . ASP A 1 9   ? -7.254  0.572   -12.292 1.00 47.28  ? 55  ASP A CB  1 
ATOM   6    C  CG  . ASP A 1 9   ? -7.496  1.479   -13.476 1.00 48.36  ? 55  ASP A CG  1 
ATOM   7    O  OD1 . ASP A 1 9   ? -7.901  0.959   -14.538 1.00 49.39  ? 55  ASP A OD1 1 
ATOM   8    O  OD2 . ASP A 1 9   ? -7.288  2.708   -13.342 1.00 49.10  ? 55  ASP A OD2 1 
ATOM   9    N  N   . CYS A 1 10  ? -6.103  -1.704  -13.404 1.00 45.64  ? 56  CYS A N   1 
ATOM   10   C  CA  . CYS A 1 10  ? -5.256  -2.850  -13.764 1.00 44.68  ? 56  CYS A CA  1 
ATOM   11   C  C   . CYS A 1 10  ? -3.937  -2.587  -14.525 1.00 43.07  ? 56  CYS A C   1 
ATOM   12   O  O   . CYS A 1 10  ? -3.185  -3.525  -14.793 1.00 42.96  ? 56  CYS A O   1 
ATOM   13   C  CB  . CYS A 1 10  ? -6.087  -3.916  -14.490 1.00 44.87  ? 56  CYS A CB  1 
ATOM   14   S  SG  . CYS A 1 10  ? -6.654  -3.468  -16.162 1.00 48.69  ? 56  CYS A SG  1 
ATOM   15   N  N   . SER A 1 11  ? -3.660  -1.339  -14.884 1.00 40.99  ? 57  SER A N   1 
ATOM   16   C  CA  . SER A 1 11  ? -2.325  -0.987  -15.352 1.00 39.03  ? 57  SER A CA  1 
ATOM   17   C  C   . SER A 1 11  ? -1.339  -1.393  -14.246 1.00 37.01  ? 57  SER A C   1 
ATOM   18   O  O   . SER A 1 11  ? -1.668  -1.280  -13.068 1.00 37.13  ? 57  SER A O   1 
ATOM   19   C  CB  . SER A 1 11  ? -2.250  0.515   -15.616 1.00 39.33  ? 57  SER A CB  1 
ATOM   20   O  OG  . SER A 1 11  ? -1.066  0.852   -16.319 1.00 40.74  ? 57  SER A OG  1 
ATOM   21   N  N   . PRO A 1 12  ? -0.137  -1.879  -14.616 1.00 34.91  ? 58  PRO A N   1 
ATOM   22   C  CA  . PRO A 1 12  ? 0.823   -2.421  -13.635 1.00 32.98  ? 58  PRO A CA  1 
ATOM   23   C  C   . PRO A 1 12  ? 1.556   -1.406  -12.747 1.00 30.86  ? 58  PRO A C   1 
ATOM   24   O  O   . PRO A 1 12  ? 2.200   -1.806  -11.773 1.00 30.47  ? 58  PRO A O   1 
ATOM   25   C  CB  . PRO A 1 12  ? 1.858   -3.114  -14.520 1.00 33.07  ? 58  PRO A CB  1 
ATOM   26   C  CG  . PRO A 1 12  ? 1.807   -2.351  -15.792 1.00 34.12  ? 58  PRO A CG  1 
ATOM   27   C  CD  . PRO A 1 12  ? 0.345   -2.082  -15.995 1.00 34.87  ? 58  PRO A CD  1 
ATOM   28   N  N   . GLY A 1 13  ? 1.484   -0.124  -13.088 1.00 28.44  ? 59  GLY A N   1 
ATOM   29   C  CA  . GLY A 1 13  ? 2.152   0.915   -12.297 1.00 25.40  ? 59  GLY A CA  1 
ATOM   30   C  C   . GLY A 1 13  ? 1.231   1.657   -11.343 1.00 23.39  ? 59  GLY A C   1 
ATOM   31   O  O   . GLY A 1 13  ? 1.629   2.648   -10.737 1.00 21.72  ? 59  GLY A O   1 
ATOM   32   N  N   . ILE A 1 14  ? 0.001   1.167   -11.196 1.00 22.25  ? 60  ILE A N   1 
ATOM   33   C  CA  . ILE A 1 14  ? -0.991  1.826   -10.346 1.00 21.34  ? 60  ILE A CA  1 
ATOM   34   C  C   . ILE A 1 14  ? -1.017  1.270   -8.930  1.00 20.32  ? 60  ILE A C   1 
ATOM   35   O  O   . ILE A 1 14  ? -1.194  0.066   -8.729  1.00 19.94  ? 60  ILE A O   1 
ATOM   36   C  CB  . ILE A 1 14  ? -2.428  1.684   -10.911 1.00 21.50  ? 60  ILE A CB  1 
ATOM   37   C  CG1 . ILE A 1 14  ? -2.551  2.369   -12.277 1.00 23.30  ? 60  ILE A CG1 1 
ATOM   38   C  CG2 . ILE A 1 14  ? -3.428  2.270   -9.910  1.00 21.29  ? 60  ILE A CG2 1 
ATOM   39   C  CD1 . ILE A 1 14  ? -3.842  2.044   -13.027 1.00 25.12  ? 60  ILE A CD1 1 
ATOM   40   N  N   . TRP A 1 15  ? -0.871  2.156   -7.950  1.00 19.38  ? 61  TRP A N   1 
ATOM   41   C  CA  . TRP A 1 15  ? -0.962  1.775   -6.546  1.00 18.79  ? 61  TRP A CA  1 
ATOM   42   C  C   . TRP A 1 15  ? -2.001  2.624   -5.835  1.00 19.29  ? 61  TRP A C   1 
ATOM   43   O  O   . TRP A 1 15  ? -2.237  3.775   -6.214  1.00 20.06  ? 61  TRP A O   1 
ATOM   44   C  CB  . TRP A 1 15  ? 0.378   1.974   -5.838  1.00 18.58  ? 61  TRP A CB  1 
ATOM   45   C  CG  . TRP A 1 15  ? 1.458   1.039   -6.288  1.00 16.58  ? 61  TRP A CG  1 
ATOM   46   C  CD1 . TRP A 1 15  ? 2.170   1.102   -7.456  1.00 16.51  ? 61  TRP A CD1 1 
ATOM   47   C  CD2 . TRP A 1 15  ? 1.958   -0.095  -5.572  1.00 16.16  ? 61  TRP A CD2 1 
ATOM   48   N  NE1 . TRP A 1 15  ? 3.083   0.071   -7.507  1.00 15.17  ? 61  TRP A NE1 1 
ATOM   49   C  CE2 . TRP A 1 15  ? 2.977   -0.674  -6.362  1.00 15.11  ? 61  TRP A CE2 1 
ATOM   50   C  CE3 . TRP A 1 15  ? 1.652   -0.672  -4.332  1.00 15.50  ? 61  TRP A CE3 1 
ATOM   51   C  CZ2 . TRP A 1 15  ? 3.686   -1.807  -5.958  1.00 15.25  ? 61  TRP A CZ2 1 
ATOM   52   C  CZ3 . TRP A 1 15  ? 2.368   -1.798  -3.929  1.00 15.89  ? 61  TRP A CZ3 1 
ATOM   53   C  CH2 . TRP A 1 15  ? 3.365   -2.350  -4.744  1.00 15.35  ? 61  TRP A CH2 1 
ATOM   54   N  N   . GLN A 1 16  ? -2.605  2.065   -4.797  1.00 18.93  ? 62  GLN A N   1 
ATOM   55   C  CA  . GLN A 1 16  ? -3.492  2.837   -3.959  1.00 19.34  ? 62  GLN A CA  1 
ATOM   56   C  C   . GLN A 1 16  ? -2.972  2.919   -2.539  1.00 18.94  ? 62  GLN A C   1 
ATOM   57   O  O   . GLN A 1 16  ? -2.560  1.909   -1.958  1.00 18.54  ? 62  GLN A O   1 
ATOM   58   C  CB  . GLN A 1 16  ? -4.891  2.249   -3.944  1.00 20.28  ? 62  GLN A CB  1 
ATOM   59   C  CG  . GLN A 1 16  ? -5.771  3.020   -2.992  1.00 22.17  ? 62  GLN A CG  1 
ATOM   60   C  CD  . GLN A 1 16  ? -7.207  3.073   -3.430  1.00 25.44  ? 62  GLN A CD  1 
ATOM   61   O  OE1 . GLN A 1 16  ? -7.531  2.803   -4.589  1.00 28.31  ? 62  GLN A OE1 1 
ATOM   62   N  NE2 . GLN A 1 16  ? -8.087  3.432   -2.504  1.00 26.19  ? 62  GLN A NE2 1 
ATOM   63   N  N   A LEU A 1 17  ? -3.025  4.122   -1.970  0.60 18.42  ? 63  LEU A N   1 
ATOM   64   N  N   B LEU A 1 17  ? -2.962  4.132   -1.999  0.40 18.44  ? 63  LEU A N   1 
ATOM   65   C  CA  A LEU A 1 17  ? -2.450  4.405   -0.659  0.60 18.33  ? 63  LEU A CA  1 
ATOM   66   C  CA  B LEU A 1 17  ? -2.492  4.363   -0.645  0.40 18.22  ? 63  LEU A CA  1 
ATOM   67   C  C   A LEU A 1 17  ? -3.515  4.991   0.278   0.60 18.53  ? 63  LEU A C   1 
ATOM   68   C  C   B LEU A 1 17  ? -3.614  4.907   0.232   0.40 18.53  ? 63  LEU A C   1 
ATOM   69   O  O   A LEU A 1 17  ? -4.136  6.003   -0.052  0.60 18.03  ? 63  LEU A O   1 
ATOM   70   O  O   B LEU A 1 17  ? -4.366  5.796   -0.175  0.40 18.24  ? 63  LEU A O   1 
ATOM   71   C  CB  A LEU A 1 17  ? -1.292  5.396   -0.832  0.60 18.22  ? 63  LEU A CB  1 
ATOM   72   C  CB  B LEU A 1 17  ? -1.299  5.323   -0.640  0.40 17.98  ? 63  LEU A CB  1 
ATOM   73   C  CG  A LEU A 1 17  ? -0.171  5.552   0.202   0.60 18.60  ? 63  LEU A CG  1 
ATOM   74   C  CG  B LEU A 1 17  ? 0.083   4.728   -0.932  0.40 17.28  ? 63  LEU A CG  1 
ATOM   75   C  CD1 A LEU A 1 17  ? 0.439   4.210   0.590   0.60 18.54  ? 63  LEU A CD1 1 
ATOM   76   C  CD1 B LEU A 1 17  ? 0.174   4.192   -2.351  0.40 16.62  ? 63  LEU A CD1 1 
ATOM   77   C  CD2 A LEU A 1 17  ? 0.915   6.480   -0.333  0.60 17.75  ? 63  LEU A CD2 1 
ATOM   78   C  CD2 B LEU A 1 17  ? 1.169   5.764   -0.671  0.40 16.68  ? 63  LEU A CD2 1 
ATOM   79   N  N   . ASP A 1 18  ? -3.725  4.350   1.433   1.00 18.72  ? 64  ASP A N   1 
ATOM   80   C  CA  . ASP A 1 18  ? -4.693  4.818   2.434   1.00 19.96  ? 64  ASP A CA  1 
ATOM   81   C  C   . ASP A 1 18  ? -4.152  4.557   3.832   1.00 20.26  ? 64  ASP A C   1 
ATOM   82   O  O   . ASP A 1 18  ? -3.256  3.733   4.005   1.00 20.08  ? 64  ASP A O   1 
ATOM   83   C  CB  . ASP A 1 18  ? -6.033  4.081   2.292   1.00 20.43  ? 64  ASP A CB  1 
ATOM   84   C  CG  . ASP A 1 18  ? -6.702  4.343   0.974   1.00 22.86  ? 64  ASP A CG  1 
ATOM   85   O  OD1 . ASP A 1 18  ? -7.221  5.463   0.783   1.00 25.25  ? 64  ASP A OD1 1 
ATOM   86   O  OD2 . ASP A 1 18  ? -6.713  3.430   0.125   1.00 25.74  ? 64  ASP A OD2 1 
HETATM 87   N  N   . CAF A 1 19  ? -4.709  5.234   4.836   1.00 20.38  ? 65  CAF A N   1 
HETATM 88   C  CA  . CAF A 1 19  ? -4.364  4.924   6.225   1.00 21.59  ? 65  CAF A CA  1 
HETATM 89   C  CB  . CAF A 1 19  ? -3.896  6.143   7.034   1.00 21.08  ? 65  CAF A CB  1 
HETATM 90   C  C   . CAF A 1 19  ? -5.581  4.323   6.909   1.00 22.61  ? 65  CAF A C   1 
HETATM 91   O  O   . CAF A 1 19  ? -6.710  4.720   6.617   1.00 22.46  ? 65  CAF A O   1 
HETATM 92   S  SG  . CAF A 1 19  ? -2.326  6.761   6.509   1.00 22.21  ? 65  CAF A SG  1 
HETATM 93   AS AS  . CAF A 1 19  ? -2.928  8.334   5.037   1.00 25.13  ? 65  CAF A AS  1 
HETATM 94   C  CE1 . CAF A 1 19  ? -1.515  9.575   5.674   1.00 24.29  ? 65  CAF A CE1 1 
HETATM 95   O  O1  . CAF A 1 19  ? -1.908  7.649   3.500   1.00 26.86  ? 65  CAF A O1  1 
ATOM   96   N  N   . THR A 1 20  ? -5.358  3.355   7.800   1.00 24.18  ? 66  THR A N   1 
ATOM   97   C  CA  . THR A 1 20  ? -6.410  2.862   8.695   1.00 25.77  ? 66  THR A CA  1 
ATOM   98   C  C   . THR A 1 20  ? -6.003  3.046   10.136  1.00 26.23  ? 66  THR A C   1 
ATOM   99   O  O   . THR A 1 20  ? -4.882  3.454   10.445  1.00 26.34  ? 66  THR A O   1 
ATOM   100  C  CB  . THR A 1 20  ? -6.703  1.335   8.617   1.00 26.17  ? 66  THR A CB  1 
ATOM   101  O  OG1 . THR A 1 20  ? -5.841  0.662   7.695   1.00 28.57  ? 66  THR A OG1 1 
ATOM   102  C  CG2 . THR A 1 20  ? -8.150  1.078   8.285   1.00 26.56  ? 66  THR A CG2 1 
ATOM   103  N  N   . HIS A 1 21  ? -6.915  2.682   11.027  1.00 26.70  ? 67  HIS A N   1 
ATOM   104  C  CA  . HIS A 1 21  ? -6.663  2.838   12.446  1.00 28.04  ? 67  HIS A CA  1 
ATOM   105  C  C   . HIS A 1 21  ? -6.950  1.544   13.183  1.00 27.88  ? 67  HIS A C   1 
ATOM   106  O  O   . HIS A 1 21  ? -7.893  0.827   12.860  1.00 27.97  ? 67  HIS A O   1 
ATOM   107  C  CB  . HIS A 1 21  ? -7.477  4.005   13.017  1.00 28.46  ? 67  HIS A CB  1 
ATOM   108  C  CG  . HIS A 1 21  ? -7.148  5.317   12.380  1.00 30.76  ? 67  HIS A CG  1 
ATOM   109  N  ND1 . HIS A 1 21  ? -7.754  5.750   11.220  1.00 33.13  ? 67  HIS A ND1 1 
ATOM   110  C  CD2 . HIS A 1 21  ? -6.239  6.264   12.708  1.00 32.41  ? 67  HIS A CD2 1 
ATOM   111  C  CE1 . HIS A 1 21  ? -7.252  6.924   10.877  1.00 33.62  ? 67  HIS A CE1 1 
ATOM   112  N  NE2 . HIS A 1 21  ? -6.330  7.258   11.763  1.00 33.71  ? 67  HIS A NE2 1 
ATOM   113  N  N   . LEU A 1 22  ? -6.099  1.251   14.159  1.00 28.20  ? 68  LEU A N   1 
ATOM   114  C  CA  . LEU A 1 22  ? -6.231  0.066   14.981  1.00 28.13  ? 68  LEU A CA  1 
ATOM   115  C  C   . LEU A 1 22  ? -5.449  0.286   16.270  1.00 27.91  ? 68  LEU A C   1 
ATOM   116  O  O   . LEU A 1 22  ? -4.308  0.756   16.242  1.00 27.08  ? 68  LEU A O   1 
ATOM   117  C  CB  . LEU A 1 22  ? -5.696  -1.156  14.232  1.00 28.56  ? 68  LEU A CB  1 
ATOM   118  C  CG  . LEU A 1 22  ? -6.153  -2.568  14.606  1.00 29.51  ? 68  LEU A CG  1 
ATOM   119  C  CD1 . LEU A 1 22  ? -7.645  -2.792  14.326  1.00 29.75  ? 68  LEU A CD1 1 
ATOM   120  C  CD2 . LEU A 1 22  ? -5.321  -3.583  13.841  1.00 29.99  ? 68  LEU A CD2 1 
ATOM   121  N  N   . GLU A 1 23  ? -6.073  -0.045  17.401  1.00 27.84  ? 69  GLU A N   1 
ATOM   122  C  CA  . GLU A 1 23  ? -5.431  0.085   18.713  1.00 28.03  ? 69  GLU A CA  1 
ATOM   123  C  C   . GLU A 1 23  ? -4.919  1.499   18.948  1.00 27.83  ? 69  GLU A C   1 
ATOM   124  O  O   . GLU A 1 23  ? -3.901  1.710   19.607  1.00 28.15  ? 69  GLU A O   1 
ATOM   125  C  CB  . GLU A 1 23  ? -4.294  -0.936  18.873  1.00 28.21  ? 69  GLU A CB  1 
ATOM   126  C  CG  . GLU A 1 23  ? -4.745  -2.389  18.774  1.00 29.00  ? 69  GLU A CG  1 
ATOM   127  C  CD  . GLU A 1 23  ? -3.598  -3.395  18.934  1.00 30.22  ? 69  GLU A CD  1 
ATOM   128  O  OE1 . GLU A 1 23  ? -2.513  -3.027  19.435  1.00 31.21  ? 69  GLU A OE1 1 
ATOM   129  O  OE2 . GLU A 1 23  ? -3.789  -4.564  18.561  1.00 30.64  ? 69  GLU A OE2 1 
ATOM   130  N  N   . GLY A 1 24  ? -5.623  2.479   18.400  1.00 27.87  ? 70  GLY A N   1 
ATOM   131  C  CA  . GLY A 1 24  ? -5.196  3.860   18.547  1.00 27.66  ? 70  GLY A CA  1 
ATOM   132  C  C   . GLY A 1 24  ? -3.988  4.208   17.695  1.00 27.65  ? 70  GLY A C   1 
ATOM   133  O  O   . GLY A 1 24  ? -3.421  5.294   17.825  1.00 28.10  ? 70  GLY A O   1 
ATOM   134  N  N   . LYS A 1 25  ? -3.590  3.300   16.811  1.00 26.97  ? 71  LYS A N   1 
ATOM   135  C  CA  . LYS A 1 25  ? -2.406  3.536   15.978  1.00 26.20  ? 71  LYS A CA  1 
ATOM   136  C  C   . LYS A 1 25  ? -2.786  3.710   14.512  1.00 24.85  ? 71  LYS A C   1 
ATOM   137  O  O   . LYS A 1 25  ? -3.889  3.361   14.116  1.00 24.80  ? 71  LYS A O   1 
ATOM   138  C  CB  . LYS A 1 25  ? -1.392  2.403   16.157  1.00 26.64  ? 71  LYS A CB  1 
ATOM   139  C  CG  . LYS A 1 25  ? -0.727  2.413   17.532  1.00 28.37  ? 71  LYS A CG  1 
ATOM   140  C  CD  . LYS A 1 25  ? 0.320   1.319   17.650  1.00 30.89  ? 71  LYS A CD  1 
ATOM   141  C  CE  . LYS A 1 25  ? 1.295   1.621   18.783  1.00 33.87  ? 71  LYS A CE  1 
ATOM   142  N  NZ  . LYS A 1 25  ? 0.611   1.645   20.103  1.00 35.97  ? 71  LYS A NZ  1 
ATOM   143  N  N   . VAL A 1 26  ? -1.871  4.263   13.718  1.00 23.64  ? 72  VAL A N   1 
ATOM   144  C  CA  . VAL A 1 26  ? -2.126  4.518   12.304  1.00 22.30  ? 72  VAL A CA  1 
ATOM   145  C  C   . VAL A 1 26  ? -1.356  3.537   11.428  1.00 21.40  ? 72  VAL A C   1 
ATOM   146  O  O   . VAL A 1 26  ? -0.147  3.403   11.570  1.00 20.73  ? 72  VAL A O   1 
ATOM   147  C  CB  . VAL A 1 26  ? -1.679  5.937   11.900  1.00 22.40  ? 72  VAL A CB  1 
ATOM   148  C  CG1 . VAL A 1 26  ? -1.872  6.145   10.393  1.00 22.85  ? 72  VAL A CG1 1 
ATOM   149  C  CG2 . VAL A 1 26  ? -2.426  7.002   12.706  1.00 22.87  ? 72  VAL A CG2 1 
ATOM   150  N  N   . ILE A 1 27  ? -2.053  2.867   10.517  1.00 20.53  ? 73  ILE A N   1 
ATOM   151  C  CA  . ILE A 1 27  ? -1.405  1.938   9.598   1.00 19.98  ? 73  ILE A CA  1 
ATOM   152  C  C   . ILE A 1 27  ? -1.527  2.447   8.172   1.00 19.32  ? 73  ILE A C   1 
ATOM   153  O  O   . ILE A 1 27  ? -2.632  2.635   7.685   1.00 19.14  ? 73  ILE A O   1 
ATOM   154  C  CB  . ILE A 1 27  ? -2.032  0.536   9.685   1.00 20.15  ? 73  ILE A CB  1 
ATOM   155  C  CG1 . ILE A 1 27  ? -1.978  0.026   11.130  1.00 20.04  ? 73  ILE A CG1 1 
ATOM   156  C  CG2 . ILE A 1 27  ? -1.300  -0.438  8.746   1.00 19.83  ? 73  ILE A CG2 1 
ATOM   157  C  CD1 . ILE A 1 27  ? -2.906  -1.140  11.400  1.00 20.89  ? 73  ILE A CD1 1 
ATOM   158  N  N   . LEU A 1 28  ? -0.396  2.694   7.516   1.00 18.78  ? 74  LEU A N   1 
ATOM   159  C  CA  . LEU A 1 28  ? -0.412  3.091   6.112   1.00 18.26  ? 74  LEU A CA  1 
ATOM   160  C  C   . LEU A 1 28  ? -0.427  1.829   5.267   1.00 18.05  ? 74  LEU A C   1 
ATOM   161  O  O   . LEU A 1 28  ? 0.437   0.953   5.443   1.00 17.86  ? 74  LEU A O   1 
ATOM   162  C  CB  . LEU A 1 28  ? 0.807   3.960   5.780   1.00 18.89  ? 74  LEU A CB  1 
ATOM   163  C  CG  . LEU A 1 28  ? 0.702   4.771   4.483   1.00 19.80  ? 74  LEU A CG  1 
ATOM   164  C  CD1 . LEU A 1 28  ? 1.774   5.841   4.406   1.00 19.98  ? 74  LEU A CD1 1 
ATOM   165  C  CD2 . LEU A 1 28  ? 0.825   3.809   3.320   1.00 23.36  ? 74  LEU A CD2 1 
ATOM   166  N  N   . VAL A 1 29  ? -1.408  1.728   4.370   1.00 17.14  ? 75  VAL A N   1 
ATOM   167  C  CA  . VAL A 1 29  ? -1.579  0.545   3.515   1.00 17.48  ? 75  VAL A CA  1 
ATOM   168  C  C   . VAL A 1 29  ? -1.481  0.933   2.040   1.00 17.35  ? 75  VAL A C   1 
ATOM   169  O  O   . VAL A 1 29  ? -2.225  1.804   1.579   1.00 17.24  ? 75  VAL A O   1 
ATOM   170  C  CB  . VAL A 1 29  ? -2.962  -0.126  3.753   1.00 17.39  ? 75  VAL A CB  1 
ATOM   171  C  CG1 . VAL A 1 29  ? -3.100  -1.401  2.923   1.00 18.03  ? 75  VAL A CG1 1 
ATOM   172  C  CG2 . VAL A 1 29  ? -3.162  -0.438  5.242   1.00 17.72  ? 75  VAL A CG2 1 
ATOM   173  N  N   . ALA A 1 30  ? -0.558  0.305   1.309   1.00 17.19  ? 76  ALA A N   1 
ATOM   174  C  CA  . ALA A 1 30  ? -0.464  0.500   -0.138  1.00 16.76  ? 76  ALA A CA  1 
ATOM   175  C  C   . ALA A 1 30  ? -0.812  -0.814  -0.836  1.00 17.19  ? 76  ALA A C   1 
ATOM   176  O  O   . ALA A 1 30  ? -0.339  -1.887  -0.426  1.00 16.87  ? 76  ALA A O   1 
ATOM   177  C  CB  . ALA A 1 30  ? 0.928   0.963   -0.532  1.00 16.67  ? 76  ALA A CB  1 
ATOM   178  N  N   . VAL A 1 31  ? -1.649  -0.724  -1.866  1.00 17.00  ? 77  VAL A N   1 
ATOM   179  C  CA  . VAL A 1 31  ? -2.089  -1.891  -2.623  1.00 17.72  ? 77  VAL A CA  1 
ATOM   180  C  C   . VAL A 1 31  ? -1.717  -1.731  -4.087  1.00 17.96  ? 77  VAL A C   1 
ATOM   181  O  O   . VAL A 1 31  ? -2.017  -0.707  -4.712  1.00 17.66  ? 77  VAL A O   1 
ATOM   182  C  CB  . VAL A 1 31  ? -3.624  -2.082  -2.518  1.00 18.01  ? 77  VAL A CB  1 
ATOM   183  C  CG1 . VAL A 1 31  ? -4.078  -3.334  -3.277  1.00 18.00  ? 77  VAL A CG1 1 
ATOM   184  C  CG2 . VAL A 1 31  ? -4.060  -2.153  -1.055  1.00 19.03  ? 77  VAL A CG2 1 
ATOM   185  N  N   . HIS A 1 32  ? -1.041  -2.733  -4.630  1.00 18.36  ? 78  HIS A N   1 
ATOM   186  C  CA  . HIS A 1 32  ? -0.791  -2.777  -6.049  1.00 18.91  ? 78  HIS A CA  1 
ATOM   187  C  C   . HIS A 1 32  ? -2.093  -3.261  -6.676  1.00 19.84  ? 78  HIS A C   1 
ATOM   188  O  O   . HIS A 1 32  ? -2.450  -4.440  -6.562  1.00 20.05  ? 78  HIS A O   1 
ATOM   189  C  CB  . HIS A 1 32  ? 0.337   -3.747  -6.373  1.00 18.83  ? 78  HIS A CB  1 
ATOM   190  C  CG  . HIS A 1 32  ? 0.654   -3.823  -7.832  1.00 18.64  ? 78  HIS A CG  1 
ATOM   191  N  ND1 . HIS A 1 32  ? 0.432   -4.956  -8.586  1.00 20.00  ? 78  HIS A ND1 1 
ATOM   192  C  CD2 . HIS A 1 32  ? 1.166   -2.902  -8.679  1.00 19.32  ? 78  HIS A CD2 1 
ATOM   193  C  CE1 . HIS A 1 32  ? 0.806   -4.731  -9.833  1.00 19.45  ? 78  HIS A CE1 1 
ATOM   194  N  NE2 . HIS A 1 32  ? 1.254   -3.491  -9.917  1.00 20.00  ? 78  HIS A NE2 1 
ATOM   195  N  N   . VAL A 1 33  ? -2.816  -2.349  -7.314  1.00 20.76  ? 79  VAL A N   1 
ATOM   196  C  CA  . VAL A 1 33  ? -4.198  -2.630  -7.694  1.00 22.13  ? 79  VAL A CA  1 
ATOM   197  C  C   . VAL A 1 33  ? -4.361  -3.890  -8.561  1.00 22.60  ? 79  VAL A C   1 
ATOM   198  O  O   . VAL A 1 33  ? -5.277  -4.683  -8.338  1.00 23.16  ? 79  VAL A O   1 
ATOM   199  C  CB  . VAL A 1 33  ? -4.845  -1.408  -8.373  1.00 22.20  ? 79  VAL A CB  1 
ATOM   200  C  CG1 . VAL A 1 33  ? -6.233  -1.775  -8.930  1.00 24.00  ? 79  VAL A CG1 1 
ATOM   201  C  CG2 . VAL A 1 33  ? -4.938  -0.251  -7.384  1.00 22.86  ? 79  VAL A CG2 1 
ATOM   202  N  N   . ALA A 1 34  ? -3.478  -4.074  -9.540  1.00 22.89  ? 80  ALA A N   1 
ATOM   203  C  CA  . ALA A 1 34  ? -3.590  -5.206  -10.477 1.00 23.62  ? 80  ALA A CA  1 
ATOM   204  C  C   . ALA A 1 34  ? -3.442  -6.595  -9.833  1.00 23.95  ? 80  ALA A C   1 
ATOM   205  O  O   . ALA A 1 34  ? -4.071  -7.569  -10.285 1.00 23.78  ? 80  ALA A O   1 
ATOM   206  C  CB  . ALA A 1 34  ? -2.606  -5.042  -11.636 1.00 23.58  ? 80  ALA A CB  1 
ATOM   207  N  N   . SER A 1 35  ? -2.632  -6.686  -8.777  1.00 23.30  ? 81  SER A N   1 
ATOM   208  C  CA  . SER A 1 35  ? -2.299  -7.980  -8.185  1.00 22.89  ? 81  SER A CA  1 
ATOM   209  C  C   . SER A 1 35  ? -2.952  -8.232  -6.832  1.00 22.43  ? 81  SER A C   1 
ATOM   210  O  O   . SER A 1 35  ? -3.192  -9.380  -6.459  1.00 22.84  ? 81  SER A O   1 
ATOM   211  C  CB  . SER A 1 35  ? -0.780  -8.113  -8.039  1.00 23.25  ? 81  SER A CB  1 
ATOM   212  O  OG  . SER A 1 35  ? -0.278  -7.092  -7.188  1.00 23.29  ? 81  SER A OG  1 
ATOM   213  N  N   . GLY A 1 36  ? -3.229  -7.168  -6.089  1.00 21.58  ? 82  GLY A N   1 
ATOM   214  C  CA  . GLY A 1 36  ? -3.724  -7.303  -4.723  1.00 21.00  ? 82  GLY A CA  1 
ATOM   215  C  C   . GLY A 1 36  ? -2.585  -7.387  -3.722  1.00 20.58  ? 82  GLY A C   1 
ATOM   216  O  O   . GLY A 1 36  ? -2.802  -7.574  -2.530  1.00 20.73  ? 82  GLY A O   1 
ATOM   217  N  N   . TYR A 1 37  ? -1.358  -7.250  -4.213  1.00 20.06  ? 83  TYR A N   1 
ATOM   218  C  CA  . TYR A 1 37  ? -0.179  -7.279  -3.355  1.00 19.52  ? 83  TYR A CA  1 
ATOM   219  C  C   . TYR A 1 37  ? -0.189  -6.053  -2.455  1.00 18.88  ? 83  TYR A C   1 
ATOM   220  O  O   . TYR A 1 37  ? -0.534  -4.964  -2.908  1.00 18.56  ? 83  TYR A O   1 
ATOM   221  C  CB  . TYR A 1 37  ? 1.081   -7.295  -4.223  1.00 19.60  ? 83  TYR A CB  1 
ATOM   222  C  CG  . TYR A 1 37  ? 2.366   -7.009  -3.484  1.00 20.06  ? 83  TYR A CG  1 
ATOM   223  C  CD1 . TYR A 1 37  ? 3.161   -8.042  -2.997  1.00 22.75  ? 83  TYR A CD1 1 
ATOM   224  C  CD2 . TYR A 1 37  ? 2.799   -5.700  -3.300  1.00 21.00  ? 83  TYR A CD2 1 
ATOM   225  C  CE1 . TYR A 1 37  ? 4.346   -7.769  -2.327  1.00 24.07  ? 83  TYR A CE1 1 
ATOM   226  C  CE2 . TYR A 1 37  ? 3.971   -5.424  -2.640  1.00 22.63  ? 83  TYR A CE2 1 
ATOM   227  C  CZ  . TYR A 1 37  ? 4.737   -6.453  -2.158  1.00 24.07  ? 83  TYR A CZ  1 
ATOM   228  O  OH  . TYR A 1 37  ? 5.896   -6.136  -1.501  1.00 27.59  ? 83  TYR A OH  1 
ATOM   229  N  N   . ILE A 1 38  ? 0.165   -6.229  -1.185  1.00 18.81  ? 84  ILE A N   1 
ATOM   230  C  CA  . ILE A 1 38  ? 0.171   -5.100  -0.253  1.00 18.93  ? 84  ILE A CA  1 
ATOM   231  C  C   . ILE A 1 38  ? 1.523   -4.833  0.431   1.00 19.27  ? 84  ILE A C   1 
ATOM   232  O  O   . ILE A 1 38  ? 2.334   -5.739  0.637   1.00 17.83  ? 84  ILE A O   1 
ATOM   233  C  CB  . ILE A 1 38  ? -0.986  -5.174  0.811   1.00 19.39  ? 84  ILE A CB  1 
ATOM   234  C  CG1 . ILE A 1 38  ? -0.705  -6.227  1.886   1.00 21.35  ? 84  ILE A CG1 1 
ATOM   235  C  CG2 . ILE A 1 38  ? -2.341  -5.416  0.132   1.00 18.88  ? 84  ILE A CG2 1 
ATOM   236  C  CD1 . ILE A 1 38  ? -1.612  -6.115  3.142   1.00 24.03  ? 84  ILE A CD1 1 
ATOM   237  N  N   . GLU A 1 39  ? 1.758   -3.563  0.739   1.00 19.96  ? 85  GLU A N   1 
ATOM   238  C  CA  . GLU A 1 39  ? 2.791   -3.164  1.681   1.00 20.98  ? 85  GLU A CA  1 
ATOM   239  C  C   . GLU A 1 39  ? 2.097   -2.303  2.697   1.00 21.20  ? 85  GLU A C   1 
ATOM   240  O  O   . GLU A 1 39  ? 1.304   -1.452  2.331   1.00 21.25  ? 85  GLU A O   1 
ATOM   241  C  CB  . GLU A 1 39  ? 3.865   -2.344  0.989   1.00 21.59  ? 85  GLU A CB  1 
ATOM   242  C  CG  . GLU A 1 39  ? 4.523   -3.081  -0.133  1.00 23.56  ? 85  GLU A CG  1 
ATOM   243  C  CD  . GLU A 1 39  ? 5.949   -2.640  -0.303  1.00 26.03  ? 85  GLU A CD  1 
ATOM   244  O  OE1 . GLU A 1 39  ? 6.354   -1.736  0.451   1.00 29.45  ? 85  GLU A OE1 1 
ATOM   245  O  OE2 . GLU A 1 39  ? 6.657   -3.186  -1.171  1.00 26.37  ? 85  GLU A OE2 1 
ATOM   246  N  N   . ALA A 1 40  ? 2.376   -2.525  3.972   1.00 21.61  ? 86  ALA A N   1 
ATOM   247  C  CA  . ALA A 1 40  ? 1.705   -1.769  5.011   1.00 22.01  ? 86  ALA A CA  1 
ATOM   248  C  C   . ALA A 1 40  ? 2.645   -1.620  6.184   1.00 22.72  ? 86  ALA A C   1 
ATOM   249  O  O   . ALA A 1 40  ? 3.486   -2.495  6.438   1.00 22.55  ? 86  ALA A O   1 
ATOM   250  C  CB  . ALA A 1 40  ? 0.413   -2.476  5.439   1.00 22.16  ? 86  ALA A CB  1 
ATOM   251  N  N   . GLU A 1 41  ? 2.539   -0.493  6.884   1.00 22.73  ? 87  GLU A N   1 
ATOM   252  C  CA  . GLU A 1 41  ? 3.248   -0.331  8.141   1.00 23.35  ? 87  GLU A CA  1 
ATOM   253  C  C   . GLU A 1 41  ? 2.588   0.679   9.059   1.00 22.63  ? 87  GLU A C   1 
ATOM   254  O  O   . GLU A 1 41  ? 1.962   1.636   8.606   1.00 21.81  ? 87  GLU A O   1 
ATOM   255  C  CB  . GLU A 1 41  ? 4.743   -0.008  7.952   1.00 23.63  ? 87  GLU A CB  1 
ATOM   256  C  CG  . GLU A 1 41  ? 5.114   1.016   6.906   1.00 27.80  ? 87  GLU A CG  1 
ATOM   257  C  CD  . GLU A 1 41  ? 6.517   0.748   6.355   1.00 32.44  ? 87  GLU A CD  1 
ATOM   258  O  OE1 . GLU A 1 41  ? 7.472   0.617   7.152   1.00 34.63  ? 87  GLU A OE1 1 
ATOM   259  O  OE2 . GLU A 1 41  ? 6.667   0.628   5.123   1.00 36.38  ? 87  GLU A OE2 1 
ATOM   260  N  N   . VAL A 1 42  ? 2.708   0.424   10.358  1.00 22.63  ? 88  VAL A N   1 
ATOM   261  C  CA  . VAL A 1 42  ? 2.347   1.399   11.365  1.00 22.20  ? 88  VAL A CA  1 
ATOM   262  C  C   . VAL A 1 42  ? 3.225   2.626   11.197  1.00 22.49  ? 88  VAL A C   1 
ATOM   263  O  O   . VAL A 1 42  ? 4.439   2.506   11.031  1.00 22.40  ? 88  VAL A O   1 
ATOM   264  C  CB  . VAL A 1 42  ? 2.576   0.849   12.779  1.00 22.20  ? 88  VAL A CB  1 
ATOM   265  C  CG1 . VAL A 1 42  ? 2.336   1.952   13.802  1.00 22.20  ? 88  VAL A CG1 1 
ATOM   266  C  CG2 . VAL A 1 42  ? 1.666   -0.347  13.038  1.00 21.89  ? 88  VAL A CG2 1 
ATOM   267  N  N   . ILE A 1 43  ? 2.611   3.805   11.219  1.00 22.41  ? 89  ILE A N   1 
ATOM   268  C  CA  . ILE A 1 43  ? 3.358   5.060   11.206  1.00 22.98  ? 89  ILE A CA  1 
ATOM   269  C  C   . ILE A 1 43  ? 2.979   5.877   12.443  1.00 24.28  ? 89  ILE A C   1 
ATOM   270  O  O   . ILE A 1 43  ? 1.886   5.720   12.978  1.00 24.19  ? 89  ILE A O   1 
ATOM   271  C  CB  . ILE A 1 43  ? 3.093   5.890   9.924   1.00 22.64  ? 89  ILE A CB  1 
ATOM   272  C  CG1 . ILE A 1 43  ? 1.597   6.180   9.771   1.00 21.84  ? 89  ILE A CG1 1 
ATOM   273  C  CG2 . ILE A 1 43  ? 3.680   5.182   8.682   1.00 21.85  ? 89  ILE A CG2 1 
ATOM   274  C  CD1 . ILE A 1 43  ? 1.271   7.063   8.573   1.00 20.35  ? 89  ILE A CD1 1 
ATOM   275  N  N   . PRO A 1 44  ? 3.888   6.742   12.913  1.00 25.61  ? 90  PRO A N   1 
ATOM   276  C  CA  . PRO A 1 44  ? 3.628   7.400   14.193  1.00 26.57  ? 90  PRO A CA  1 
ATOM   277  C  C   . PRO A 1 44  ? 2.524   8.449   14.134  1.00 27.49  ? 90  PRO A C   1 
ATOM   278  O  O   . PRO A 1 44  ? 1.889   8.724   15.149  1.00 28.23  ? 90  PRO A O   1 
ATOM   279  C  CB  . PRO A 1 44  ? 4.974   8.038   14.568  1.00 26.92  ? 90  PRO A CB  1 
ATOM   280  C  CG  . PRO A 1 44  ? 5.849   7.923   13.392  1.00 26.38  ? 90  PRO A CG  1 
ATOM   281  C  CD  . PRO A 1 44  ? 5.221   7.039   12.363  1.00 25.69  ? 90  PRO A CD  1 
ATOM   282  N  N   . ALA A 1 45  ? 2.274   9.020   12.963  1.00 27.93  ? 91  ALA A N   1 
ATOM   283  C  CA  . ALA A 1 45  ? 1.199   9.996   12.839  1.00 28.32  ? 91  ALA A CA  1 
ATOM   284  C  C   . ALA A 1 45  ? 0.766   10.092  11.389  1.00 28.33  ? 91  ALA A C   1 
ATOM   285  O  O   . ALA A 1 45  ? 1.562   9.855   10.491  1.00 28.28  ? 91  ALA A O   1 
ATOM   286  C  CB  . ALA A 1 45  ? 1.656   11.363  13.353  1.00 28.47  ? 91  ALA A CB  1 
ATOM   287  N  N   . GLU A 1 46  ? -0.496  10.435  11.169  1.00 28.41  ? 92  GLU A N   1 
ATOM   288  C  CA  . GLU A 1 46  ? -1.056  10.507  9.834   1.00 28.41  ? 92  GLU A CA  1 
ATOM   289  C  C   . GLU A 1 46  ? -0.688  11.837  9.197   1.00 28.32  ? 92  GLU A C   1 
ATOM   290  O  O   . GLU A 1 46  ? -1.540  12.714  9.071   1.00 29.11  ? 92  GLU A O   1 
ATOM   291  C  CB  . GLU A 1 46  ? -2.576  10.390  9.932   1.00 28.67  ? 92  GLU A CB  1 
ATOM   292  C  CG  . GLU A 1 46  ? -3.261  9.719   8.761   1.00 29.46  ? 92  GLU A CG  1 
ATOM   293  C  CD  . GLU A 1 46  ? -4.664  9.252   9.110   1.00 31.19  ? 92  GLU A CD  1 
ATOM   294  O  OE1 . GLU A 1 46  ? -5.493  9.154   8.190   1.00 32.93  ? 92  GLU A OE1 1 
ATOM   295  O  OE2 . GLU A 1 46  ? -4.943  8.986   10.302  1.00 32.57  ? 92  GLU A OE2 1 
ATOM   296  N  N   . THR A 1 47  ? 0.571   11.999  8.800   1.00 27.64  ? 93  THR A N   1 
ATOM   297  C  CA  . THR A 1 47  ? 1.047   13.277  8.267   1.00 26.84  ? 93  THR A CA  1 
ATOM   298  C  C   . THR A 1 47  ? 1.650   13.141  6.880   1.00 26.34  ? 93  THR A C   1 
ATOM   299  O  O   . THR A 1 47  ? 2.013   12.045  6.449   1.00 25.66  ? 93  THR A O   1 
ATOM   300  C  CB  . THR A 1 47  ? 2.182   13.840  9.108   1.00 27.20  ? 93  THR A CB  1 
ATOM   301  O  OG1 . THR A 1 47  ? 3.310   12.964  9.001   1.00 27.13  ? 93  THR A OG1 1 
ATOM   302  C  CG2 . THR A 1 47  ? 1.775   13.976  10.573  1.00 27.70  ? 93  THR A CG2 1 
ATOM   303  N  N   . GLY A 1 48  ? 1.798   14.278  6.208   1.00 25.62  ? 94  GLY A N   1 
ATOM   304  C  CA  . GLY A 1 48  ? 2.420   14.329  4.893   1.00 24.96  ? 94  GLY A CA  1 
ATOM   305  C  C   . GLY A 1 48  ? 3.843   13.799  4.850   1.00 24.46  ? 94  GLY A C   1 
ATOM   306  O  O   . GLY A 1 48  ? 4.220   13.117  3.906   1.00 24.17  ? 94  GLY A O   1 
ATOM   307  N  N   . GLN A 1 49  ? 4.649   14.103  5.861   1.00 23.69  ? 95  GLN A N   1 
ATOM   308  C  CA  . GLN A 1 49  ? 6.027   13.638  5.847   1.00 23.47  ? 95  GLN A CA  1 
ATOM   309  C  C   . GLN A 1 49  ? 6.115   12.114  5.905   1.00 21.95  ? 95  GLN A C   1 
ATOM   310  O  O   . GLN A 1 49  ? 6.980   11.518  5.268   1.00 20.94  ? 95  GLN A O   1 
ATOM   311  C  CB  . GLN A 1 49  ? 6.835   14.267  6.982   1.00 24.24  ? 95  GLN A CB  1 
ATOM   312  C  CG  . GLN A 1 49  ? 6.909   15.781  6.873   1.00 28.76  ? 95  GLN A CG  1 
ATOM   313  C  CD  . GLN A 1 49  ? 7.990   16.409  7.754   1.00 32.56  ? 95  GLN A CD  1 
ATOM   314  O  OE1 . GLN A 1 49  ? 8.611   15.739  8.577   1.00 34.27  ? 95  GLN A OE1 1 
ATOM   315  N  NE2 . GLN A 1 49  ? 8.211   17.713  7.578   1.00 34.90  ? 95  GLN A NE2 1 
ATOM   316  N  N   . GLU A 1 50  ? 5.218   11.490  6.659   1.00 20.62  ? 96  GLU A N   1 
ATOM   317  C  CA  . GLU A 1 50  ? 5.173   10.031  6.715   1.00 20.06  ? 96  GLU A CA  1 
ATOM   318  C  C   . GLU A 1 50  ? 4.777   9.431   5.366   1.00 19.01  ? 96  GLU A C   1 
ATOM   319  O  O   . GLU A 1 50  ? 5.343   8.426   4.922   1.00 18.14  ? 96  GLU A O   1 
ATOM   320  C  CB  . GLU A 1 50  ? 4.208   9.551   7.807   1.00 20.20  ? 96  GLU A CB  1 
ATOM   321  C  CG  . GLU A 1 50  ? 4.665   9.877   9.226   1.00 21.90  ? 96  GLU A CG  1 
ATOM   322  C  CD  . GLU A 1 50  ? 5.943   9.142   9.618   1.00 24.81  ? 96  GLU A CD  1 
ATOM   323  O  OE1 . GLU A 1 50  ? 6.166   8.017   9.125   1.00 24.23  ? 96  GLU A OE1 1 
ATOM   324  O  OE2 . GLU A 1 50  ? 6.724   9.687   10.430  1.00 27.32  ? 96  GLU A OE2 1 
ATOM   325  N  N   . THR A 1 51  ? 3.782   10.039  4.736   1.00 17.83  ? 97  THR A N   1 
ATOM   326  C  CA  . THR A 1 51  ? 3.324   9.581   3.441   1.00 17.44  ? 97  THR A CA  1 
ATOM   327  C  C   . THR A 1 51  ? 4.431   9.754   2.398   1.00 16.68  ? 97  THR A C   1 
ATOM   328  O  O   . THR A 1 51  ? 4.650   8.873   1.565   1.00 16.05  ? 97  THR A O   1 
ATOM   329  C  CB  . THR A 1 51  ? 2.049   10.343  2.993   1.00 17.62  ? 97  THR A CB  1 
ATOM   330  O  OG1 . THR A 1 51  ? 1.005   10.137  3.958   1.00 18.67  ? 97  THR A OG1 1 
ATOM   331  C  CG2 . THR A 1 51  ? 1.578   9.852   1.630   1.00 17.87  ? 97  THR A CG2 1 
ATOM   332  N  N   . ALA A 1 52  ? 5.112   10.895  2.442   1.00 15.72  ? 98  ALA A N   1 
ATOM   333  C  CA  . ALA A 1 52  ? 6.146   11.205  1.456   1.00 15.47  ? 98  ALA A CA  1 
ATOM   334  C  C   . ALA A 1 52  ? 7.297   10.212  1.543   1.00 15.02  ? 98  ALA A C   1 
ATOM   335  O  O   . ALA A 1 52  ? 7.799   9.715   0.522   1.00 14.14  ? 98  ALA A O   1 
ATOM   336  C  CB  . ALA A 1 52  ? 6.673   12.646  1.670   1.00 15.43  ? 98  ALA A CB  1 
ATOM   337  N  N   . TYR A 1 53  ? 7.746   9.970   2.769   1.00 14.76  ? 99  TYR A N   1 
ATOM   338  C  CA  . TYR A 1 53  ? 8.834   9.043   3.013   1.00 15.54  ? 99  TYR A CA  1 
ATOM   339  C  C   . TYR A 1 53  ? 8.425   7.636   2.561   1.00 15.17  ? 99  TYR A C   1 
ATOM   340  O  O   . TYR A 1 53  ? 9.203   6.915   1.935   1.00 15.12  ? 99  TYR A O   1 
ATOM   341  C  CB  . TYR A 1 53  ? 9.206   9.052   4.499   1.00 16.28  ? 99  TYR A CB  1 
ATOM   342  C  CG  . TYR A 1 53  ? 10.316  8.090   4.832   1.00 17.22  ? 99  TYR A CG  1 
ATOM   343  C  CD1 . TYR A 1 53  ? 11.650  8.434   4.607   1.00 19.20  ? 99  TYR A CD1 1 
ATOM   344  C  CD2 . TYR A 1 53  ? 10.037  6.838   5.353   1.00 18.59  ? 99  TYR A CD2 1 
ATOM   345  C  CE1 . TYR A 1 53  ? 12.672  7.555   4.904   1.00 19.31  ? 99  TYR A CE1 1 
ATOM   346  C  CE2 . TYR A 1 53  ? 11.059  5.947   5.656   1.00 19.71  ? 99  TYR A CE2 1 
ATOM   347  C  CZ  . TYR A 1 53  ? 12.373  6.317   5.430   1.00 19.27  ? 99  TYR A CZ  1 
ATOM   348  O  OH  . TYR A 1 53  ? 13.390  5.440   5.713   1.00 21.34  ? 99  TYR A OH  1 
ATOM   349  N  N   . PHE A 1 54  ? 7.198   7.242   2.881   1.00 14.77  ? 100 PHE A N   1 
ATOM   350  C  CA  . PHE A 1 54  ? 6.722   5.928   2.468   1.00 14.91  ? 100 PHE A CA  1 
ATOM   351  C  C   . PHE A 1 54  ? 6.708   5.775   0.935   1.00 14.59  ? 100 PHE A C   1 
ATOM   352  O  O   . PHE A 1 54  ? 7.086   4.728   0.392   1.00 14.34  ? 100 PHE A O   1 
ATOM   353  C  CB  . PHE A 1 54  ? 5.337   5.648   3.065   1.00 15.54  ? 100 PHE A CB  1 
ATOM   354  C  CG  . PHE A 1 54  ? 4.788   4.309   2.689   1.00 16.80  ? 100 PHE A CG  1 
ATOM   355  C  CD1 . PHE A 1 54  ? 4.203   4.116   1.451   1.00 18.34  ? 100 PHE A CD1 1 
ATOM   356  C  CD2 . PHE A 1 54  ? 4.866   3.244   3.563   1.00 18.93  ? 100 PHE A CD2 1 
ATOM   357  C  CE1 . PHE A 1 54  ? 3.703   2.882   1.087   1.00 19.90  ? 100 PHE A CE1 1 
ATOM   358  C  CE2 . PHE A 1 54  ? 4.355   1.997   3.210   1.00 20.29  ? 100 PHE A CE2 1 
ATOM   359  C  CZ  . PHE A 1 54  ? 3.777   1.817   1.975   1.00 20.44  ? 100 PHE A CZ  1 
ATOM   360  N  N   . LEU A 1 55  ? 6.270   6.818   0.238   1.00 14.40  ? 101 LEU A N   1 
ATOM   361  C  CA  . LEU A 1 55  ? 6.217   6.791   -1.224  1.00 14.93  ? 101 LEU A CA  1 
ATOM   362  C  C   . LEU A 1 55  ? 7.603   6.654   -1.831  1.00 14.78  ? 101 LEU A C   1 
ATOM   363  O  O   . LEU A 1 55  ? 7.792   5.942   -2.807  1.00 14.53  ? 101 LEU A O   1 
ATOM   364  C  CB  . LEU A 1 55  ? 5.551   8.064   -1.768  1.00 14.71  ? 101 LEU A CB  1 
ATOM   365  C  CG  . LEU A 1 55  ? 4.029   8.038   -1.729  1.00 17.33  ? 101 LEU A CG  1 
ATOM   366  C  CD1 . LEU A 1 55  ? 3.503   9.473   -1.792  1.00 17.87  ? 101 LEU A CD1 1 
ATOM   367  C  CD2 . LEU A 1 55  ? 3.511   7.192   -2.902  1.00 18.56  ? 101 LEU A CD2 1 
ATOM   368  N  N   . LEU A 1 56  ? 8.572   7.361   -1.274  1.00 14.89  ? 102 LEU A N   1 
ATOM   369  C  CA  . LEU A 1 56  ? 9.941   7.266   -1.784  1.00 15.72  ? 102 LEU A CA  1 
ATOM   370  C  C   . LEU A 1 56  ? 10.475  5.833   -1.613  1.00 15.79  ? 102 LEU A C   1 
ATOM   371  O  O   . LEU A 1 56  ? 11.137  5.279   -2.503  1.00 15.17  ? 102 LEU A O   1 
ATOM   372  C  CB  . LEU A 1 56  ? 10.834  8.254   -1.037  1.00 15.99  ? 102 LEU A CB  1 
ATOM   373  C  CG  . LEU A 1 56  ? 11.377  9.570   -1.626  1.00 18.66  ? 102 LEU A CG  1 
ATOM   374  C  CD1 . LEU A 1 56  ? 10.719  10.103  -2.917  1.00 18.78  ? 102 LEU A CD1 1 
ATOM   375  C  CD2 . LEU A 1 56  ? 11.478  10.657  -0.563  1.00 18.91  ? 102 LEU A CD2 1 
ATOM   376  N  N   . LYS A 1 57  ? 10.198  5.244   -0.454  1.00 15.76  ? 103 LYS A N   1 
ATOM   377  C  CA  . LYS A 1 57  ? 10.566  3.852   -0.195  1.00 16.54  ? 103 LYS A CA  1 
ATOM   378  C  C   . LYS A 1 57  ? 9.902   2.942   -1.207  1.00 16.00  ? 103 LYS A C   1 
ATOM   379  O  O   . LYS A 1 57  ? 10.543  2.097   -1.828  1.00 15.80  ? 103 LYS A O   1 
ATOM   380  C  CB  . LYS A 1 57  ? 10.114  3.407   1.197   1.00 17.18  ? 103 LYS A CB  1 
ATOM   381  C  CG  . LYS A 1 57  ? 11.078  3.712   2.303   1.00 20.42  ? 103 LYS A CG  1 
ATOM   382  C  CD  . LYS A 1 57  ? 11.117  2.583   3.332   1.00 25.20  ? 103 LYS A CD  1 
ATOM   383  C  CE  . LYS A 1 57  ? 10.070  2.760   4.406   1.00 28.06  ? 103 LYS A CE  1 
ATOM   384  N  NZ  . LYS A 1 57  ? 8.725   2.315   3.980   1.00 33.06  ? 103 LYS A NZ  1 
ATOM   385  N  N   . LEU A 1 58  ? 8.596   3.107   -1.355  1.00 15.36  ? 104 LEU A N   1 
ATOM   386  C  CA  . LEU A 1 58  ? 7.837   2.277   -2.279  1.00 15.30  ? 104 LEU A CA  1 
ATOM   387  C  C   . LEU A 1 58  ? 8.400   2.377   -3.700  1.00 15.15  ? 104 LEU A C   1 
ATOM   388  O  O   . LEU A 1 58  ? 8.566   1.362   -4.374  1.00 15.85  ? 104 LEU A O   1 
ATOM   389  C  CB  . LEU A 1 58  ? 6.349   2.671   -2.266  1.00 14.88  ? 104 LEU A CB  1 
ATOM   390  C  CG  . LEU A 1 58  ? 5.401   1.807   -3.118  1.00 14.96  ? 104 LEU A CG  1 
ATOM   391  C  CD1 . LEU A 1 58  ? 5.324   0.359   -2.563  1.00 15.19  ? 104 LEU A CD1 1 
ATOM   392  C  CD2 . LEU A 1 58  ? 4.005   2.437   -3.192  1.00 14.89  ? 104 LEU A CD2 1 
ATOM   393  N  N   . ALA A 1 59  ? 8.687   3.595   -4.147  1.00 15.13  ? 105 ALA A N   1 
ATOM   394  C  CA  . ALA A 1 59  ? 9.062   3.844   -5.542  1.00 15.85  ? 105 ALA A CA  1 
ATOM   395  C  C   . ALA A 1 59  ? 10.445  3.280   -5.887  1.00 16.28  ? 105 ALA A C   1 
ATOM   396  O  O   . ALA A 1 59  ? 10.736  3.012   -7.060  1.00 15.58  ? 105 ALA A O   1 
ATOM   397  C  CB  . ALA A 1 59  ? 9.009   5.338   -5.852  1.00 15.83  ? 105 ALA A CB  1 
ATOM   398  N  N   . GLY A 1 60  ? 11.285  3.090   -4.871  1.00 16.50  ? 106 GLY A N   1 
ATOM   399  C  CA  . GLY A 1 60  ? 12.623  2.508   -5.085  1.00 17.80  ? 106 GLY A CA  1 
ATOM   400  C  C   . GLY A 1 60  ? 12.586  0.995   -5.208  1.00 18.93  ? 106 GLY A C   1 
ATOM   401  O  O   . GLY A 1 60  ? 13.538  0.371   -5.685  1.00 19.05  ? 106 GLY A O   1 
ATOM   402  N  N   . ARG A 1 61  ? 11.454  0.428   -4.796  1.00 19.46  ? 107 ARG A N   1 
ATOM   403  C  CA  A ARG A 1 61  ? 11.286  -1.007  -4.725  0.50 19.72  ? 107 ARG A CA  1 
ATOM   404  C  CA  C ARG A 1 61  ? 11.240  -1.016  -4.699  0.50 20.13  ? 107 ARG A CA  1 
ATOM   405  C  C   . ARG A 1 61  ? 10.441  -1.551  -5.896  1.00 20.44  ? 107 ARG A C   1 
ATOM   406  O  O   . ARG A 1 61  ? 10.708  -2.646  -6.393  1.00 21.09  ? 107 ARG A O   1 
ATOM   407  C  CB  A ARG A 1 61  ? 10.745  -1.385  -3.332  0.50 19.43  ? 107 ARG A CB  1 
ATOM   408  C  CB  C ARG A 1 61  ? 10.512  -1.337  -3.379  0.50 20.12  ? 107 ARG A CB  1 
ATOM   409  C  CG  A ARG A 1 61  ? 11.782  -1.074  -2.232  0.50 18.66  ? 107 ARG A CG  1 
ATOM   410  C  CG  C ARG A 1 61  ? 10.266  -2.819  -3.097  0.50 21.17  ? 107 ARG A CG  1 
ATOM   411  C  CD  A ARG A 1 61  ? 11.277  -0.921  -0.797  0.50 17.29  ? 107 ARG A CD  1 
ATOM   412  C  CD  C ARG A 1 61  ? 9.396   -3.045  -1.861  0.50 22.02  ? 107 ARG A CD  1 
ATOM   413  N  NE  A ARG A 1 61  ? 12.386  -0.597  0.117   0.50 15.42  ? 107 ARG A NE  1 
ATOM   414  N  NE  C ARG A 1 61  ? 9.619   -2.050  -0.814  0.50 22.96  ? 107 ARG A NE  1 
ATOM   415  C  CZ  A ARG A 1 61  ? 13.198  0.459   -0.010  0.50 14.04  ? 107 ARG A CZ  1 
ATOM   416  C  CZ  C ARG A 1 61  ? 8.679   -1.222  -0.371  0.50 23.46  ? 107 ARG A CZ  1 
ATOM   417  N  NH1 A ARG A 1 61  ? 13.040  1.307   -1.031  0.50 10.81  ? 107 ARG A NH1 1 
ATOM   418  N  NH1 C ARG A 1 61  ? 7.453   -1.282  -0.874  0.50 24.89  ? 107 ARG A NH1 1 
ATOM   419  N  NH2 A ARG A 1 61  ? 14.194  0.654   0.866   0.50 8.65   ? 107 ARG A NH2 1 
ATOM   420  N  NH2 C ARG A 1 61  ? 8.950   -0.342  0.579   0.50 23.94  ? 107 ARG A NH2 1 
ATOM   421  N  N   . TRP A 1 62  ? 9.457   -0.775  -6.359  1.00 20.50  ? 108 TRP A N   1 
ATOM   422  C  CA  . TRP A 1 62  ? 8.571   -1.175  -7.468  1.00 21.50  ? 108 TRP A CA  1 
ATOM   423  C  C   . TRP A 1 62  ? 8.443   -0.034  -8.472  1.00 21.81  ? 108 TRP A C   1 
ATOM   424  O  O   . TRP A 1 62  ? 8.678   1.111   -8.123  1.00 22.08  ? 108 TRP A O   1 
ATOM   425  C  CB  . TRP A 1 62  ? 7.167   -1.512  -6.944  1.00 21.02  ? 108 TRP A CB  1 
ATOM   426  C  CG  . TRP A 1 62  ? 7.155   -2.586  -5.916  1.00 21.48  ? 108 TRP A CG  1 
ATOM   427  C  CD1 . TRP A 1 62  ? 7.051   -2.428  -4.566  1.00 20.91  ? 108 TRP A CD1 1 
ATOM   428  C  CD2 . TRP A 1 62  ? 7.269   -3.993  -6.147  1.00 22.00  ? 108 TRP A CD2 1 
ATOM   429  N  NE1 . TRP A 1 62  ? 7.097   -3.647  -3.939  1.00 20.95  ? 108 TRP A NE1 1 
ATOM   430  C  CE2 . TRP A 1 62  ? 7.225   -4.627  -4.888  1.00 22.01  ? 108 TRP A CE2 1 
ATOM   431  C  CE3 . TRP A 1 62  ? 7.400   -4.779  -7.296  1.00 22.29  ? 108 TRP A CE3 1 
ATOM   432  C  CZ2 . TRP A 1 62  ? 7.305   -6.010  -4.744  1.00 21.58  ? 108 TRP A CZ2 1 
ATOM   433  C  CZ3 . TRP A 1 62  ? 7.483   -6.159  -7.147  1.00 22.77  ? 108 TRP A CZ3 1 
ATOM   434  C  CH2 . TRP A 1 62  ? 7.437   -6.757  -5.879  1.00 21.75  ? 108 TRP A CH2 1 
ATOM   435  N  N   . PRO A 1 63  ? 8.061   -0.334  -9.722  1.00 22.42  ? 109 PRO A N   1 
ATOM   436  C  CA  . PRO A 1 63  ? 7.870   0.767   -10.659 1.00 22.84  ? 109 PRO A CA  1 
ATOM   437  C  C   . PRO A 1 63  ? 6.522   1.455   -10.465 1.00 23.11  ? 109 PRO A C   1 
ATOM   438  O  O   . PRO A 1 63  ? 5.536   1.063   -11.098 1.00 24.67  ? 109 PRO A O   1 
ATOM   439  C  CB  . PRO A 1 63  ? 7.900   0.078   -12.021 1.00 22.84  ? 109 PRO A CB  1 
ATOM   440  C  CG  . PRO A 1 63  ? 7.434   -1.297  -11.750 1.00 23.05  ? 109 PRO A CG  1 
ATOM   441  C  CD  . PRO A 1 63  ? 7.900   -1.649  -10.368 1.00 22.63  ? 109 PRO A CD  1 
ATOM   442  N  N   . VAL A 1 64  ? 6.503   2.484   -9.626  1.00 21.85  ? 110 VAL A N   1 
ATOM   443  C  CA  . VAL A 1 64  ? 5.292   3.215   -9.278  1.00 20.97  ? 110 VAL A CA  1 
ATOM   444  C  C   . VAL A 1 64  ? 5.088   4.360   -10.265 1.00 21.27  ? 110 VAL A C   1 
ATOM   445  O  O   . VAL A 1 64  ? 5.901   5.290   -10.325 1.00 21.03  ? 110 VAL A O   1 
ATOM   446  C  CB  . VAL A 1 64  ? 5.394   3.790   -7.850  1.00 20.68  ? 110 VAL A CB  1 
ATOM   447  C  CG1 . VAL A 1 64  ? 4.098   4.508   -7.449  1.00 20.36  ? 110 VAL A CG1 1 
ATOM   448  C  CG2 . VAL A 1 64  ? 5.741   2.668   -6.846  1.00 19.53  ? 110 VAL A CG2 1 
ATOM   449  N  N   . LYS A 1 65  ? 4.007   4.275   -11.036 1.00 20.66  ? 111 LYS A N   1 
ATOM   450  C  CA  . LYS A 1 65  ? 3.698   5.258   -12.062 1.00 21.29  ? 111 LYS A CA  1 
ATOM   451  C  C   . LYS A 1 65  ? 2.637   6.241   -11.569 1.00 20.50  ? 111 LYS A C   1 
ATOM   452  O  O   . LYS A 1 65  ? 2.804   7.464   -11.673 1.00 20.63  ? 111 LYS A O   1 
ATOM   453  C  CB  . LYS A 1 65  ? 3.240   4.553   -13.351 1.00 21.75  ? 111 LYS A CB  1 
ATOM   454  C  CG  . LYS A 1 65  ? 3.289   5.442   -14.586 1.00 25.23  ? 111 LYS A CG  1 
ATOM   455  C  CD  . LYS A 1 65  ? 2.927   4.689   -15.877 1.00 30.22  ? 111 LYS A CD  1 
ATOM   456  C  CE  . LYS A 1 65  ? 1.534   5.080   -16.398 1.00 32.93  ? 111 LYS A CE  1 
ATOM   457  N  NZ  . LYS A 1 65  ? 1.067   4.225   -17.553 1.00 35.99  ? 111 LYS A NZ  1 
ATOM   458  N  N   . THR A 1 66  ? 1.550   5.714   -11.014 1.00 19.63  ? 112 THR A N   1 
ATOM   459  C  CA  . THR A 1 66  ? 0.477   6.565   -10.517 1.00 19.30  ? 112 THR A CA  1 
ATOM   460  C  C   . THR A 1 66  ? -0.043  6.050   -9.194  1.00 18.78  ? 112 THR A C   1 
ATOM   461  O  O   . THR A 1 66  ? -0.031  4.850   -8.938  1.00 18.54  ? 112 THR A O   1 
ATOM   462  C  CB  . THR A 1 66  ? -0.701  6.637   -11.501 1.00 19.80  ? 112 THR A CB  1 
ATOM   463  O  OG1 . THR A 1 66  ? -1.235  5.322   -11.691 1.00 20.64  ? 112 THR A OG1 1 
ATOM   464  C  CG2 . THR A 1 66  ? -0.237  7.194   -12.851 1.00 20.30  ? 112 THR A CG2 1 
ATOM   465  N  N   . VAL A 1 67  ? -0.483  6.964   -8.344  1.00 18.17  ? 113 VAL A N   1 
ATOM   466  C  CA  . VAL A 1 67  ? -1.046  6.577   -7.064  1.00 18.09  ? 113 VAL A CA  1 
ATOM   467  C  C   . VAL A 1 67  ? -2.457  7.134   -6.903  1.00 18.47  ? 113 VAL A C   1 
ATOM   468  O  O   . VAL A 1 67  ? -2.735  8.289   -7.251  1.00 18.06  ? 113 VAL A O   1 
ATOM   469  C  CB  . VAL A 1 67  ? -0.169  7.044   -5.896  1.00 18.04  ? 113 VAL A CB  1 
ATOM   470  C  CG1 . VAL A 1 67  ? -0.840  6.713   -4.571  1.00 20.82  ? 113 VAL A CG1 1 
ATOM   471  C  CG2 . VAL A 1 67  ? 1.198   6.368   -5.965  1.00 17.43  ? 113 VAL A CG2 1 
ATOM   472  N  N   . HIS A 1 68  ? -3.340  6.295   -6.377  1.00 18.37  ? 114 HIS A N   1 
ATOM   473  C  CA  . HIS A 1 68  ? -4.681  6.709   -6.028  1.00 18.85  ? 114 HIS A CA  1 
ATOM   474  C  C   . HIS A 1 68  ? -4.842  6.609   -4.514  1.00 18.78  ? 114 HIS A C   1 
ATOM   475  O  O   . HIS A 1 68  ? -4.001  6.023   -3.829  1.00 18.40  ? 114 HIS A O   1 
ATOM   476  C  CB  . HIS A 1 68  ? -5.708  5.824   -6.724  1.00 19.46  ? 114 HIS A CB  1 
ATOM   477  C  CG  . HIS A 1 68  ? -7.111  6.315   -6.571  1.00 21.82  ? 114 HIS A CG  1 
ATOM   478  N  ND1 . HIS A 1 68  ? -8.143  5.505   -6.152  1.00 25.20  ? 114 HIS A ND1 1 
ATOM   479  C  CD2 . HIS A 1 68  ? -7.644  7.547   -6.747  1.00 23.35  ? 114 HIS A CD2 1 
ATOM   480  C  CE1 . HIS A 1 68  ? -9.258  6.213   -6.096  1.00 24.68  ? 114 HIS A CE1 1 
ATOM   481  N  NE2 . HIS A 1 68  ? -8.983  7.455   -6.455  1.00 26.36  ? 114 HIS A NE2 1 
ATOM   482  N  N   . THR A 1 69  ? -5.909  7.201   -3.994  1.00 18.46  ? 115 THR A N   1 
ATOM   483  C  CA  . THR A 1 69  ? -6.209  7.145   -2.572  1.00 18.42  ? 115 THR A CA  1 
ATOM   484  C  C   . THR A 1 69  ? -7.709  7.328   -2.418  1.00 19.20  ? 115 THR A C   1 
ATOM   485  O  O   . THR A 1 69  ? -8.359  7.837   -3.328  1.00 19.73  ? 115 THR A O   1 
ATOM   486  C  CB  . THR A 1 69  ? -5.460  8.247   -1.780  1.00 18.31  ? 115 THR A CB  1 
ATOM   487  O  OG1 . THR A 1 69  ? -5.738  8.116   -0.379  1.00 16.98  ? 115 THR A OG1 1 
ATOM   488  C  CG2 . THR A 1 69  ? -5.853  9.673   -2.271  1.00 18.23  ? 115 THR A CG2 1 
ATOM   489  N  N   . ASP A 1 70  ? -8.264  6.927   -1.279  1.00 19.64  ? 116 ASP A N   1 
ATOM   490  C  CA  . ASP A 1 70  ? -9.676  7.211   -1.001  1.00 20.63  ? 116 ASP A CA  1 
ATOM   491  C  C   . ASP A 1 70  ? -9.857  8.494   -0.178  1.00 19.96  ? 116 ASP A C   1 
ATOM   492  O  O   . ASP A 1 70  ? -10.983 8.852   0.161   1.00 20.11  ? 116 ASP A O   1 
ATOM   493  C  CB  . ASP A 1 70  ? -10.350 6.042   -0.267  1.00 21.15  ? 116 ASP A CB  1 
ATOM   494  C  CG  . ASP A 1 70  ? -10.754 4.910   -1.200  1.00 24.68  ? 116 ASP A CG  1 
ATOM   495  O  OD1 . ASP A 1 70  ? -10.728 5.086   -2.438  1.00 27.40  ? 116 ASP A OD1 1 
ATOM   496  O  OD2 . ASP A 1 70  ? -11.102 3.826   -0.682  1.00 30.16  ? 116 ASP A OD2 1 
ATOM   497  N  N   . ASN A 1 71  ? -8.756  9.164   0.164   1.00 19.14  ? 117 ASN A N   1 
ATOM   498  C  CA  . ASN A 1 71  ? -8.809  10.450  0.865   1.00 18.56  ? 117 ASN A CA  1 
ATOM   499  C  C   . ASN A 1 71  ? -7.881  11.416  0.134   1.00 18.11  ? 117 ASN A C   1 
ATOM   500  O  O   . ASN A 1 71  ? -6.691  11.451  0.401   1.00 17.32  ? 117 ASN A O   1 
ATOM   501  C  CB  . ASN A 1 71  ? -8.394  10.283  2.342   1.00 18.83  ? 117 ASN A CB  1 
ATOM   502  C  CG  . ASN A 1 71  ? -8.505  11.575  3.154   1.00 20.02  ? 117 ASN A CG  1 
ATOM   503  O  OD1 . ASN A 1 71  ? -8.389  11.563  4.387   1.00 22.34  ? 117 ASN A OD1 1 
ATOM   504  N  ND2 . ASN A 1 71  ? -8.737  12.681  2.480   1.00 18.65  ? 117 ASN A ND2 1 
ATOM   505  N  N   . GLY A 1 72  ? -8.441  12.193  -0.791  1.00 17.50  ? 118 GLY A N   1 
ATOM   506  C  CA  . GLY A 1 72  ? -7.644  13.010  -1.707  1.00 17.86  ? 118 GLY A CA  1 
ATOM   507  C  C   . GLY A 1 72  ? -6.815  14.051  -0.989  1.00 17.80  ? 118 GLY A C   1 
ATOM   508  O  O   . GLY A 1 72  ? -5.740  14.437  -1.452  1.00 18.16  ? 118 GLY A O   1 
ATOM   509  N  N   . SER A 1 73  ? -7.296  14.505  0.155   1.00 17.85  ? 119 SER A N   1 
ATOM   510  C  CA  . SER A 1 73  ? -6.535  15.489  0.896   1.00 18.81  ? 119 SER A CA  1 
ATOM   511  C  C   . SER A 1 73  ? -5.188  14.921  1.366   1.00 19.53  ? 119 SER A C   1 
ATOM   512  O  O   . SER A 1 73  ? -4.308  15.690  1.743   1.00 19.74  ? 119 SER A O   1 
ATOM   513  C  CB  . SER A 1 73  ? -7.327  16.043  2.078   1.00 18.55  ? 119 SER A CB  1 
ATOM   514  O  OG  . SER A 1 73  ? -7.538  15.061  3.080   1.00 18.40  ? 119 SER A OG  1 
ATOM   515  N  N   . ASN A 1 74  ? -5.045  13.592  1.361   1.00 20.30  ? 120 ASN A N   1 
ATOM   516  C  CA  . ASN A 1 74  ? -3.773  12.947  1.741   1.00 20.81  ? 120 ASN A CA  1 
ATOM   517  C  C   . ASN A 1 74  ? -2.632  13.494  0.903   1.00 21.26  ? 120 ASN A C   1 
ATOM   518  O  O   . ASN A 1 74  ? -1.477  13.444  1.316   1.00 22.04  ? 120 ASN A O   1 
ATOM   519  C  CB  . ASN A 1 74  ? -3.811  11.427  1.486   1.00 20.96  ? 120 ASN A CB  1 
ATOM   520  C  CG  . ASN A 1 74  ? -4.510  10.641  2.580   1.00 21.36  ? 120 ASN A CG  1 
ATOM   521  O  OD1 . ASN A 1 74  ? -4.587  11.070  3.727   1.00 22.09  ? 120 ASN A OD1 1 
ATOM   522  N  ND2 . ASN A 1 74  ? -5.013  9.458   2.220   1.00 19.56  ? 120 ASN A ND2 1 
ATOM   523  N  N   . PHE A 1 75  ? -2.941  13.973  -0.295  1.00 21.43  ? 121 PHE A N   1 
ATOM   524  C  CA  . PHE A 1 75  ? -1.896  14.280  -1.266  1.00 22.13  ? 121 PHE A CA  1 
ATOM   525  C  C   . PHE A 1 75  ? -1.701  15.778  -1.505  1.00 22.48  ? 121 PHE A C   1 
ATOM   526  O  O   . PHE A 1 75  ? -1.125  16.172  -2.513  1.00 22.64  ? 121 PHE A O   1 
ATOM   527  C  CB  . PHE A 1 75  ? -2.185  13.587  -2.604  1.00 21.97  ? 121 PHE A CB  1 
ATOM   528  C  CG  . PHE A 1 75  ? -2.101  12.075  -2.549  1.00 22.50  ? 121 PHE A CG  1 
ATOM   529  C  CD1 . PHE A 1 75  ? -1.437  11.435  -1.507  1.00 22.71  ? 121 PHE A CD1 1 
ATOM   530  C  CD2 . PHE A 1 75  ? -2.652  11.305  -3.566  1.00 23.03  ? 121 PHE A CD2 1 
ATOM   531  C  CE1 . PHE A 1 75  ? -1.348  10.043  -1.464  1.00 24.19  ? 121 PHE A CE1 1 
ATOM   532  C  CE2 . PHE A 1 75  ? -2.572  9.918   -3.534  1.00 23.01  ? 121 PHE A CE2 1 
ATOM   533  C  CZ  . PHE A 1 75  ? -1.919  9.283   -2.484  1.00 23.22  ? 121 PHE A CZ  1 
ATOM   534  N  N   . THR A 1 76  ? -2.169  16.607  -0.578  1.00 23.07  ? 122 THR A N   1 
ATOM   535  C  CA  . THR A 1 76  ? -2.103  18.051  -0.772  1.00 23.74  ? 122 THR A CA  1 
ATOM   536  C  C   . THR A 1 76  ? -0.864  18.687  -0.142  1.00 23.86  ? 122 THR A C   1 
ATOM   537  O  O   . THR A 1 76  ? -0.499  19.818  -0.473  1.00 24.49  ? 122 THR A O   1 
ATOM   538  C  CB  . THR A 1 76  ? -3.374  18.745  -0.231  1.00 23.86  ? 122 THR A CB  1 
ATOM   539  O  OG1 . THR A 1 76  ? -3.467  18.525  1.178   1.00 24.69  ? 122 THR A OG1 1 
ATOM   540  C  CG2 . THR A 1 76  ? -4.608  18.178  -0.901  1.00 24.13  ? 122 THR A CG2 1 
ATOM   541  N  N   . SER A 1 77  ? -0.207  17.977  0.763   1.00 23.77  ? 123 SER A N   1 
ATOM   542  C  CA  . SER A 1 77  ? 0.950   18.567  1.425   1.00 24.07  ? 123 SER A CA  1 
ATOM   543  C  C   . SER A 1 77  ? 2.112   18.788  0.464   1.00 23.83  ? 123 SER A C   1 
ATOM   544  O  O   . SER A 1 77  ? 2.328   18.007  -0.473  1.00 23.27  ? 123 SER A O   1 
ATOM   545  C  CB  . SER A 1 77  ? 1.408   17.725  2.616   1.00 24.30  ? 123 SER A CB  1 
ATOM   546  O  OG  . SER A 1 77  ? 2.236   16.655  2.205   1.00 25.30  ? 123 SER A OG  1 
ATOM   547  N  N   . THR A 1 78  ? 2.850   19.865  0.704   1.00 23.67  ? 124 THR A N   1 
ATOM   548  C  CA  . THR A 1 78  ? 4.028   20.168  -0.092  1.00 23.84  ? 124 THR A CA  1 
ATOM   549  C  C   . THR A 1 78  ? 5.051   19.027  -0.059  1.00 22.81  ? 124 THR A C   1 
ATOM   550  O  O   . THR A 1 78  ? 5.683   18.731  -1.069  1.00 22.08  ? 124 THR A O   1 
ATOM   551  C  CB  . THR A 1 78  ? 4.684   21.486  0.371   1.00 24.26  ? 124 THR A CB  1 
ATOM   552  O  OG1 . THR A 1 78  ? 3.809   22.574  0.057   1.00 27.12  ? 124 THR A OG1 1 
ATOM   553  C  CG2 . THR A 1 78  ? 5.990   21.707  -0.361  1.00 25.21  ? 124 THR A CG2 1 
ATOM   554  N  N   . THR A 1 79  ? 5.210   18.371  1.089   1.00 21.80  ? 125 THR A N   1 
ATOM   555  C  CA  . THR A 1 79  ? 6.210   17.305  1.178   1.00 21.58  ? 125 THR A CA  1 
ATOM   556  C  C   . THR A 1 79  ? 5.835   16.105  0.312   1.00 20.11  ? 125 THR A C   1 
ATOM   557  O  O   . THR A 1 79  ? 6.699   15.517  -0.343  1.00 18.92  ? 125 THR A O   1 
ATOM   558  C  CB  . THR A 1 79  ? 6.503   16.848  2.642   1.00 22.24  ? 125 THR A CB  1 
ATOM   559  O  OG1 . THR A 1 79  ? 5.338   16.231  3.198   1.00 25.13  ? 125 THR A OG1 1 
ATOM   560  C  CG2 . THR A 1 79  ? 6.882   18.039  3.499   1.00 23.28  ? 125 THR A CG2 1 
ATOM   561  N  N   . VAL A 1 80  ? 4.547   15.754  0.291   1.00 18.64  ? 126 VAL A N   1 
ATOM   562  C  CA  . VAL A 1 80  ? 4.091   14.642  -0.528  1.00 17.89  ? 126 VAL A CA  1 
ATOM   563  C  C   . VAL A 1 80  ? 4.285   14.988  -1.999  1.00 17.45  ? 126 VAL A C   1 
ATOM   564  O  O   . VAL A 1 80  ? 4.819   14.203  -2.768  1.00 16.82  ? 126 VAL A O   1 
ATOM   565  C  CB  . VAL A 1 80  ? 2.600   14.308  -0.276  1.00 18.00  ? 126 VAL A CB  1 
ATOM   566  C  CG1 . VAL A 1 80  ? 2.100   13.319  -1.307  1.00 18.73  ? 126 VAL A CG1 1 
ATOM   567  C  CG2 . VAL A 1 80  ? 2.403   13.769  1.133   1.00 17.77  ? 126 VAL A CG2 1 
ATOM   568  N  N   . LYS A 1 81  ? 3.846   16.173  -2.394  1.00 17.22  ? 127 LYS A N   1 
ATOM   569  C  CA  . LYS A 1 81  ? 4.042   16.598  -3.777  1.00 17.57  ? 127 LYS A CA  1 
ATOM   570  C  C   . LYS A 1 81  ? 5.522   16.543  -4.185  1.00 16.95  ? 127 LYS A C   1 
ATOM   571  O  O   . LYS A 1 81  ? 5.843   16.199  -5.316  1.00 16.76  ? 127 LYS A O   1 
ATOM   572  C  CB  . LYS A 1 81  ? 3.498   18.010  -3.992  1.00 17.82  ? 127 LYS A CB  1 
ATOM   573  C  CG  . LYS A 1 81  ? 1.975   18.095  -3.953  1.00 19.66  ? 127 LYS A CG  1 
ATOM   574  C  CD  . LYS A 1 81  ? 1.540   19.558  -3.878  1.00 24.88  ? 127 LYS A CD  1 
ATOM   575  C  CE  . LYS A 1 81  ? 0.050   19.709  -4.097  1.00 27.71  ? 127 LYS A CE  1 
ATOM   576  N  NZ  . LYS A 1 81  ? -0.334  21.160  -4.067  1.00 31.61  ? 127 LYS A NZ  1 
ATOM   577  N  N   . ALA A 1 82  ? 6.417   16.892  -3.272  1.00 17.05  ? 128 ALA A N   1 
ATOM   578  C  CA  . ALA A 1 82  ? 7.849   16.878  -3.605  1.00 16.97  ? 128 ALA A CA  1 
ATOM   579  C  C   . ALA A 1 82  ? 8.333   15.451  -3.797  1.00 16.58  ? 128 ALA A C   1 
ATOM   580  O  O   . ALA A 1 82  ? 9.193   15.179  -4.644  1.00 16.41  ? 128 ALA A O   1 
ATOM   581  C  CB  . ALA A 1 82  ? 8.659   17.577  -2.531  1.00 17.48  ? 128 ALA A CB  1 
ATOM   582  N  N   . ALA A 1 83  ? 7.785   14.529  -3.011  1.00 16.11  ? 129 ALA A N   1 
ATOM   583  C  CA  . ALA A 1 83  ? 8.145   13.120  -3.167  1.00 16.06  ? 129 ALA A CA  1 
ATOM   584  C  C   . ALA A 1 83  ? 7.649   12.535  -4.500  1.00 16.05  ? 129 ALA A C   1 
ATOM   585  O  O   . ALA A 1 83  ? 8.370   11.791  -5.163  1.00 15.00  ? 129 ALA A O   1 
ATOM   586  C  CB  . ALA A 1 83  ? 7.644   12.279  -1.966  1.00 16.11  ? 129 ALA A CB  1 
HETATM 587  N  N   . CAF A 1 84  ? 6.420   12.858  -4.896  1.00 16.23  ? 130 CAF A N   1 
HETATM 588  C  CA  . CAF A 1 84  ? 5.921   12.353  -6.159  1.00 16.99  ? 130 CAF A CA  1 
HETATM 589  C  CB  . CAF A 1 84  ? 4.451   12.718  -6.337  1.00 17.94  ? 130 CAF A CB  1 
HETATM 590  C  C   . CAF A 1 84  ? 6.727   13.012  -7.258  1.00 17.04  ? 130 CAF A C   1 
HETATM 591  O  O   . CAF A 1 84  ? 7.040   12.382  -8.261  1.00 16.97  ? 130 CAF A O   1 
HETATM 592  S  SG  . CAF A 1 84  ? 3.508   11.746  -5.208  1.00 20.97  ? 130 CAF A SG  1 
HETATM 593  AS AS  . CAF A 1 84  ? 1.415   12.174  -5.802  1.00 32.85  ? 130 CAF A AS  1 
HETATM 594  C  CE1 . CAF A 1 84  ? 0.800   11.468  -4.054  1.00 31.53  ? 130 CAF A CE1 1 
HETATM 595  O  O1  . CAF A 1 84  ? 1.493   13.979  -5.079  1.00 29.22  ? 130 CAF A O1  1 
ATOM   596  N  N   . TRP A 1 85  ? 7.059   14.285  -7.092  1.00 16.71  ? 131 TRP A N   1 
ATOM   597  C  CA  . TRP A 1 85  ? 7.863   14.969  -8.116  1.00 17.06  ? 131 TRP A CA  1 
ATOM   598  C  C   . TRP A 1 85  ? 9.224   14.296  -8.302  1.00 16.84  ? 131 TRP A C   1 
ATOM   599  O  O   . TRP A 1 85  ? 9.643   13.979  -9.421  1.00 16.54  ? 131 TRP A O   1 
ATOM   600  C  CB  . TRP A 1 85  ? 8.064   16.444  -7.761  1.00 17.34  ? 131 TRP A CB  1 
ATOM   601  C  CG  . TRP A 1 85  ? 9.121   17.127  -8.613  1.00 19.08  ? 131 TRP A CG  1 
ATOM   602  C  CD1 . TRP A 1 85  ? 8.967   17.621  -9.884  1.00 19.55  ? 131 TRP A CD1 1 
ATOM   603  C  CD2 . TRP A 1 85  ? 10.483  17.379  -8.249  1.00 19.15  ? 131 TRP A CD2 1 
ATOM   604  N  NE1 . TRP A 1 85  ? 10.150  18.157  -10.328 1.00 19.41  ? 131 TRP A NE1 1 
ATOM   605  C  CE2 . TRP A 1 85  ? 11.096  18.023  -9.347  1.00 19.76  ? 131 TRP A CE2 1 
ATOM   606  C  CE3 . TRP A 1 85  ? 11.246  17.116  -7.105  1.00 18.78  ? 131 TRP A CE3 1 
ATOM   607  C  CZ2 . TRP A 1 85  ? 12.426  18.419  -9.328  1.00 19.43  ? 131 TRP A CZ2 1 
ATOM   608  C  CZ3 . TRP A 1 85  ? 12.567  17.504  -7.091  1.00 19.60  ? 131 TRP A CZ3 1 
ATOM   609  C  CH2 . TRP A 1 85  ? 13.149  18.146  -8.198  1.00 20.02  ? 131 TRP A CH2 1 
ATOM   610  N  N   . TRP A 1 86  ? 9.921   14.075  -7.198  1.00 16.44  ? 132 TRP A N   1 
ATOM   611  C  CA  . TRP A 1 86  ? 11.265  13.526  -7.296  1.00 16.09  ? 132 TRP A CA  1 
ATOM   612  C  C   . TRP A 1 86  ? 11.235  12.133  -7.933  1.00 16.12  ? 132 TRP A C   1 
ATOM   613  O  O   . TRP A 1 86  ? 12.064  11.813  -8.795  1.00 15.52  ? 132 TRP A O   1 
ATOM   614  C  CB  . TRP A 1 86  ? 11.951  13.519  -5.920  1.00 16.30  ? 132 TRP A CB  1 
ATOM   615  C  CG  . TRP A 1 86  ? 13.413  13.198  -6.010  1.00 16.04  ? 132 TRP A CG  1 
ATOM   616  C  CD1 . TRP A 1 86  ? 14.436  14.083  -6.148  1.00 17.75  ? 132 TRP A CD1 1 
ATOM   617  C  CD2 . TRP A 1 86  ? 14.004  11.895  -6.011  1.00 17.07  ? 132 TRP A CD2 1 
ATOM   618  N  NE1 . TRP A 1 86  ? 15.641  13.410  -6.218  1.00 17.32  ? 132 TRP A NE1 1 
ATOM   619  C  CE2 . TRP A 1 86  ? 15.398  12.065  -6.139  1.00 17.80  ? 132 TRP A CE2 1 
ATOM   620  C  CE3 . TRP A 1 86  ? 13.490  10.601  -5.908  1.00 16.93  ? 132 TRP A CE3 1 
ATOM   621  C  CZ2 . TRP A 1 86  ? 16.281  10.991  -6.163  1.00 17.31  ? 132 TRP A CZ2 1 
ATOM   622  C  CZ3 . TRP A 1 86  ? 14.360  9.542   -5.940  1.00 16.34  ? 132 TRP A CZ3 1 
ATOM   623  C  CH2 . TRP A 1 86  ? 15.742  9.740   -6.065  1.00 17.59  ? 132 TRP A CH2 1 
ATOM   624  N  N   . ALA A 1 87  ? 10.264  11.313  -7.545  1.00 15.88  ? 133 ALA A N   1 
ATOM   625  C  CA  . ALA A 1 87  ? 10.211  9.938   -8.018  1.00 16.69  ? 133 ALA A CA  1 
ATOM   626  C  C   . ALA A 1 87  ? 9.476   9.807   -9.345  1.00 17.17  ? 133 ALA A C   1 
ATOM   627  O  O   . ALA A 1 87  ? 9.360   8.706   -9.878  1.00 17.61  ? 133 ALA A O   1 
ATOM   628  C  CB  . ALA A 1 87  ? 9.565   9.031   -6.963  1.00 16.41  ? 133 ALA A CB  1 
ATOM   629  N  N   . GLY A 1 88  ? 8.974   10.923  -9.872  1.00 17.68  ? 134 GLY A N   1 
ATOM   630  C  CA  . GLY A 1 88  ? 8.239   10.906  -11.142 1.00 18.85  ? 134 GLY A CA  1 
ATOM   631  C  C   . GLY A 1 88  ? 6.884   10.212  -11.077 1.00 19.76  ? 134 GLY A C   1 
ATOM   632  O  O   . GLY A 1 88  ? 6.465   9.554   -12.032 1.00 20.18  ? 134 GLY A O   1 
ATOM   633  N  N   . ILE A 1 89  ? 6.200   10.364  -9.951  1.00 20.07  ? 135 ILE A N   1 
ATOM   634  C  CA  . ILE A 1 89  ? 4.903   9.734   -9.721  1.00 20.91  ? 135 ILE A CA  1 
ATOM   635  C  C   . ILE A 1 89  ? 3.802   10.732  -10.045 1.00 22.09  ? 135 ILE A C   1 
ATOM   636  O  O   . ILE A 1 89  ? 3.898   11.899  -9.675  1.00 21.61  ? 135 ILE A O   1 
ATOM   637  C  CB  . ILE A 1 89  ? 4.753   9.281   -8.233  1.00 20.58  ? 135 ILE A CB  1 
ATOM   638  C  CG1 . ILE A 1 89  ? 5.826   8.244   -7.866  1.00 20.33  ? 135 ILE A CG1 1 
ATOM   639  C  CG2 . ILE A 1 89  ? 3.350   8.706   -7.950  1.00 20.75  ? 135 ILE A CG2 1 
ATOM   640  C  CD1 . ILE A 1 89  ? 5.868   7.887   -6.366  1.00 19.94  ? 135 ILE A CD1 1 
ATOM   641  N  N   . LYS A 1 90  ? 2.770   10.282  -10.753 1.00 23.60  ? 136 LYS A N   1 
ATOM   642  C  CA  . LYS A 1 90  ? 1.597   11.129  -10.968 1.00 26.03  ? 136 LYS A CA  1 
ATOM   643  C  C   . LYS A 1 90  ? 0.373   10.607  -10.208 1.00 26.76  ? 136 LYS A C   1 
ATOM   644  O  O   . LYS A 1 90  ? 0.348   9.465   -9.753  1.00 25.74  ? 136 LYS A O   1 
ATOM   645  C  CB  . LYS A 1 90  ? 1.310   11.313  -12.468 1.00 26.13  ? 136 LYS A CB  1 
ATOM   646  C  CG  . LYS A 1 90  ? 2.390   12.155  -13.154 1.00 28.90  ? 136 LYS A CG  1 
ATOM   647  C  CD  . LYS A 1 90  ? 2.221   12.283  -14.661 1.00 32.82  ? 136 LYS A CD  1 
ATOM   648  C  CE  . LYS A 1 90  ? 3.402   13.076  -15.254 1.00 35.23  ? 136 LYS A CE  1 
ATOM   649  N  NZ  . LYS A 1 90  ? 3.245   13.336  -16.716 1.00 37.66  ? 136 LYS A NZ  1 
ATOM   650  N  N   . GLN A 1 91  ? -0.628  11.461  -10.044 1.00 28.52  ? 137 GLN A N   1 
ATOM   651  C  CA  . GLN A 1 91  ? -1.858  11.032  -9.401  1.00 30.61  ? 137 GLN A CA  1 
ATOM   652  C  C   . GLN A 1 91  ? -2.697  10.250  -10.409 1.00 31.78  ? 137 GLN A C   1 
ATOM   653  O  O   . GLN A 1 91  ? -2.673  10.540  -11.606 1.00 32.13  ? 137 GLN A O   1 
ATOM   654  C  CB  . GLN A 1 91  ? -2.622  12.234  -8.842  1.00 31.03  ? 137 GLN A CB  1 
ATOM   655  C  CG  . GLN A 1 91  ? -3.824  11.868  -7.984  1.00 32.54  ? 137 GLN A CG  1 
ATOM   656  C  CD  . GLN A 1 91  ? -4.070  12.881  -6.878  1.00 35.52  ? 137 GLN A CD  1 
ATOM   657  O  OE1 . GLN A 1 91  ? -3.414  13.921  -6.816  1.00 37.62  ? 137 GLN A OE1 1 
ATOM   658  N  NE2 . GLN A 1 91  ? -5.009  12.574  -5.989  1.00 36.60  ? 137 GLN A NE2 1 
ATOM   659  N  N   . GLU A 1 92  ? -3.420  9.245   -9.927  1.00 33.19  ? 138 GLU A N   1 
ATOM   660  C  CA  . GLU A 1 92  ? -4.203  8.376   -10.798 1.00 34.67  ? 138 GLU A CA  1 
ATOM   661  C  C   . GLU A 1 92  ? -5.587  8.989   -10.955 1.00 35.88  ? 138 GLU A C   1 
ATOM   662  O  O   . GLU A 1 92  ? -6.180  9.438   -9.974  1.00 35.49  ? 138 GLU A O   1 
ATOM   663  C  CB  . GLU A 1 92  ? -4.291  6.970   -10.189 1.00 34.68  ? 138 GLU A CB  1 
ATOM   664  C  CG  . GLU A 1 92  ? -5.203  5.963   -10.911 1.00 35.08  ? 138 GLU A CG  1 
ATOM   665  C  CD  . GLU A 1 92  ? -4.854  5.743   -12.386 1.00 35.77  ? 138 GLU A CD  1 
ATOM   666  O  OE1 . GLU A 1 92  ? -3.659  5.730   -12.753 1.00 36.48  ? 138 GLU A OE1 1 
ATOM   667  O  OE2 . GLU A 1 92  ? -5.789  5.558   -13.189 1.00 35.69  ? 138 GLU A OE2 1 
ATOM   668  N  N   . PHE A 1 93  ? -6.091  9.020   -12.188 1.00 37.51  ? 139 PHE A N   1 
ATOM   669  C  CA  . PHE A 1 93  ? -7.378  9.658   -12.468 1.00 39.26  ? 139 PHE A CA  1 
ATOM   670  C  C   . PHE A 1 93  ? -8.448  8.691   -12.991 1.00 40.14  ? 139 PHE A C   1 
ATOM   671  O  O   . PHE A 1 93  ? -9.615  9.066   -13.132 1.00 40.62  ? 139 PHE A O   1 
ATOM   672  C  CB  . PHE A 1 93  ? -7.188  10.845  -13.423 1.00 39.36  ? 139 PHE A CB  1 
ATOM   673  C  CG  . PHE A 1 93  ? -6.384  11.967  -12.828 1.00 40.31  ? 139 PHE A CG  1 
ATOM   674  C  CD1 . PHE A 1 93  ? -5.125  12.287  -13.329 1.00 40.95  ? 139 PHE A CD1 1 
ATOM   675  C  CD2 . PHE A 1 93  ? -6.874  12.682  -11.747 1.00 40.34  ? 139 PHE A CD2 1 
ATOM   676  C  CE1 . PHE A 1 93  ? -4.383  13.315  -12.767 1.00 40.97  ? 139 PHE A CE1 1 
ATOM   677  C  CE2 . PHE A 1 93  ? -6.139  13.709  -11.183 1.00 40.47  ? 139 PHE A CE2 1 
ATOM   678  C  CZ  . PHE A 1 93  ? -4.896  14.027  -11.692 1.00 40.84  ? 139 PHE A CZ  1 
ATOM   679  N  N   . GLY A 1 94  ? -8.057  7.445   -13.249 1.00 40.95  ? 140 GLY A N   1 
ATOM   680  C  CA  . GLY A 1 94  ? -8.964  6.455   -13.838 1.00 42.01  ? 140 GLY A CA  1 
ATOM   681  C  C   . GLY A 1 94  ? -9.772  5.578   -12.888 1.00 42.64  ? 140 GLY A C   1 
ATOM   682  O  O   . GLY A 1 94  ? -10.476 4.669   -13.327 1.00 42.84  ? 140 GLY A O   1 
ATOM   683  N  N   . ILE A 1 95  ? -9.672  5.833   -11.588 1.00 43.16  ? 141 ILE A N   1 
ATOM   684  C  CA  . ILE A 1 95  ? -10.447 5.083   -10.605 1.00 43.71  ? 141 ILE A CA  1 
ATOM   685  C  C   . ILE A 1 95  ? -11.434 6.023   -9.903  1.00 44.36  ? 141 ILE A C   1 
ATOM   686  O  O   . ILE A 1 95  ? -11.040 6.873   -9.099  1.00 44.23  ? 141 ILE A O   1 
ATOM   687  C  CB  . ILE A 1 95  ? -9.537  4.372   -9.568  1.00 43.54  ? 141 ILE A CB  1 
ATOM   688  C  CG1 . ILE A 1 95  ? -8.482  3.507   -10.271 1.00 43.58  ? 141 ILE A CG1 1 
ATOM   689  C  CG2 . ILE A 1 95  ? -10.369 3.518   -8.604  1.00 43.48  ? 141 ILE A CG2 1 
ATOM   690  C  CD1 . ILE A 1 95  ? -7.359  3.021   -9.340  1.00 42.47  ? 141 ILE A CD1 1 
ATOM   691  N  N   . PRO A 1 96  ? -12.728 5.886   -10.221 1.00 45.06  ? 142 PRO A N   1 
ATOM   692  C  CA  . PRO A 1 96  ? -13.719 6.769   -9.612  1.00 45.57  ? 142 PRO A CA  1 
ATOM   693  C  C   . PRO A 1 96  ? -13.892 6.473   -8.124  1.00 45.99  ? 142 PRO A C   1 
ATOM   694  O  O   . PRO A 1 96  ? -13.614 5.356   -7.677  1.00 46.14  ? 142 PRO A O   1 
ATOM   695  C  CB  . PRO A 1 96  ? -15.013 6.437   -10.377 1.00 45.55  ? 142 PRO A CB  1 
ATOM   696  C  CG  . PRO A 1 96  ? -14.586 5.668   -11.593 1.00 45.35  ? 142 PRO A CG  1 
ATOM   697  C  CD  . PRO A 1 96  ? -13.335 4.947   -11.180 1.00 45.18  ? 142 PRO A CD  1 
ATOM   698  N  N   . TYR A 1 97  ? -14.340 7.464   -7.360  1.00 46.38  ? 143 TYR A N   1 
ATOM   699  C  CA  . TYR A 1 97  ? -14.671 7.225   -5.961  1.00 46.88  ? 143 TYR A CA  1 
ATOM   700  C  C   . TYR A 1 97  ? -16.122 6.788   -5.810  1.00 47.30  ? 143 TYR A C   1 
ATOM   701  O  O   . TYR A 1 97  ? -17.039 7.577   -6.036  1.00 47.28  ? 143 TYR A O   1 
ATOM   702  C  CB  . TYR A 1 97  ? -14.433 8.467   -5.115  1.00 46.70  ? 143 TYR A CB  1 
ATOM   703  C  CG  . TYR A 1 97  ? -14.704 8.235   -3.647  1.00 46.52  ? 143 TYR A CG  1 
ATOM   704  C  CD1 . TYR A 1 97  ? -13.874 7.412   -2.891  1.00 46.48  ? 143 TYR A CD1 1 
ATOM   705  C  CD2 . TYR A 1 97  ? -15.789 8.836   -3.015  1.00 46.43  ? 143 TYR A CD2 1 
ATOM   706  C  CE1 . TYR A 1 97  ? -14.114 7.194   -1.546  1.00 46.64  ? 143 TYR A CE1 1 
ATOM   707  C  CE2 . TYR A 1 97  ? -16.038 8.623   -1.664  1.00 46.46  ? 143 TYR A CE2 1 
ATOM   708  C  CZ  . TYR A 1 97  ? -15.198 7.802   -0.939  1.00 47.07  ? 143 TYR A CZ  1 
ATOM   709  O  OH  . TYR A 1 97  ? -15.440 7.586   0.397   1.00 47.35  ? 143 TYR A OH  1 
ATOM   710  N  N   . ASN A 1 98  ? -16.330 5.535   -5.422  1.00 47.75  ? 144 ASN A N   1 
ATOM   711  C  CA  . ASN A 1 98  ? -17.686 5.024   -5.253  1.00 48.47  ? 144 ASN A CA  1 
ATOM   712  C  C   . ASN A 1 98  ? -17.985 4.554   -3.832  1.00 48.76  ? 144 ASN A C   1 
ATOM   713  O  O   . ASN A 1 98  ? -17.865 3.364   -3.521  1.00 48.99  ? 144 ASN A O   1 
ATOM   714  C  CB  . ASN A 1 98  ? -17.977 3.923   -6.273  1.00 48.46  ? 144 ASN A CB  1 
ATOM   715  C  CG  . ASN A 1 98  ? -18.310 4.476   -7.654  1.00 49.06  ? 144 ASN A CG  1 
ATOM   716  O  OD1 . ASN A 1 98  ? -18.990 5.498   -7.784  1.00 49.28  ? 144 ASN A OD1 1 
ATOM   717  N  ND2 . ASN A 1 98  ? -17.845 3.788   -8.693  1.00 49.85  ? 144 ASN A ND2 1 
ATOM   718  N  N   . PRO A 1 99  ? -18.383 5.501   -2.968  1.00 48.94  ? 145 PRO A N   1 
ATOM   719  C  CA  . PRO A 1 99  ? -18.693 5.267   -1.559  1.00 49.08  ? 145 PRO A CA  1 
ATOM   720  C  C   . PRO A 1 99  ? -20.012 4.526   -1.384  1.00 49.20  ? 145 PRO A C   1 
ATOM   721  O  O   . PRO A 1 99  ? -20.199 3.853   -0.374  1.00 49.43  ? 145 PRO A O   1 
ATOM   722  C  CB  . PRO A 1 99  ? -18.802 6.681   -0.987  1.00 49.07  ? 145 PRO A CB  1 
ATOM   723  C  CG  . PRO A 1 99  ? -19.234 7.515   -2.143  1.00 49.19  ? 145 PRO A CG  1 
ATOM   724  C  CD  . PRO A 1 99  ? -18.589 6.907   -3.359  1.00 48.94  ? 145 PRO A CD  1 
ATOM   725  N  N   . SER A 1 107 ? -12.236 -4.530  0.121   1.00 52.94  ? 153 SER A N   1 
ATOM   726  C  CA  . SER A 1 107 ? -11.693 -3.618  1.120   1.00 52.84  ? 153 SER A CA  1 
ATOM   727  C  C   . SER A 1 107 ? -10.542 -4.264  1.880   1.00 52.75  ? 153 SER A C   1 
ATOM   728  O  O   . SER A 1 107 ? -10.751 -4.941  2.893   1.00 52.81  ? 153 SER A O   1 
ATOM   729  C  CB  . SER A 1 107 ? -12.783 -3.174  2.096   1.00 52.89  ? 153 SER A CB  1 
ATOM   730  O  OG  . SER A 1 107 ? -12.229 -2.468  3.192   1.00 53.14  ? 153 SER A OG  1 
ATOM   731  N  N   . MET A 1 108 ? -9.326  -4.050  1.385   1.00 52.58  ? 154 MET A N   1 
ATOM   732  C  CA  . MET A 1 108 ? -8.138  -4.637  1.992   1.00 52.28  ? 154 MET A CA  1 
ATOM   733  C  C   . MET A 1 108 ? -8.069  -4.281  3.463   1.00 51.78  ? 154 MET A C   1 
ATOM   734  O  O   . MET A 1 108 ? -7.736  -5.119  4.297   1.00 51.69  ? 154 MET A O   1 
ATOM   735  C  CB  . MET A 1 108 ? -6.878  -4.149  1.280   1.00 52.60  ? 154 MET A CB  1 
ATOM   736  C  CG  . MET A 1 108 ? -6.843  -4.475  -0.201  1.00 53.80  ? 154 MET A CG  1 
ATOM   737  S  SD  . MET A 1 108 ? -6.388  -6.184  -0.565  1.00 56.27  ? 154 MET A SD  1 
ATOM   738  C  CE  . MET A 1 108 ? -6.434  -6.152  -2.358  1.00 55.07  ? 154 MET A CE  1 
ATOM   739  N  N   . ASN A 1 109 ? -8.408  -3.036  3.780   1.00 51.19  ? 155 ASN A N   1 
ATOM   740  C  CA  . ASN A 1 109 ? -8.326  -2.564  5.155   1.00 50.73  ? 155 ASN A CA  1 
ATOM   741  C  C   . ASN A 1 109 ? -8.969  -3.532  6.143   1.00 50.26  ? 155 ASN A C   1 
ATOM   742  O  O   . ASN A 1 109 ? -8.394  -3.842  7.183   1.00 50.17  ? 155 ASN A O   1 
ATOM   743  C  CB  . ASN A 1 109 ? -8.930  -1.167  5.290   1.00 50.78  ? 155 ASN A CB  1 
ATOM   744  C  CG  . ASN A 1 109 ? -8.006  -0.081  4.760   1.00 51.16  ? 155 ASN A CG  1 
ATOM   745  O  OD1 . ASN A 1 109 ? -6.893  -0.361  4.305   1.00 51.22  ? 155 ASN A OD1 1 
ATOM   746  N  ND2 . ASN A 1 109 ? -8.465  1.166   4.817   1.00 51.43  ? 155 ASN A ND2 1 
ATOM   747  N  N   . LYS A 1 110 ? -10.156 -4.025  5.810   1.00 49.63  ? 156 LYS A N   1 
ATOM   748  C  CA  . LYS A 1 110 ? -10.837 -4.970  6.689   1.00 48.84  ? 156 LYS A CA  1 
ATOM   749  C  C   . LYS A 1 110 ? -10.288 -6.399  6.577   1.00 47.85  ? 156 LYS A C   1 
ATOM   750  O  O   . LYS A 1 110 ? -10.183 -7.105  7.579   1.00 47.62  ? 156 LYS A O   1 
ATOM   751  C  CB  . LYS A 1 110 ? -12.351 -4.909  6.473   1.00 49.20  ? 156 LYS A CB  1 
ATOM   752  C  CG  . LYS A 1 110 ? -12.908 -3.512  6.744   1.00 50.35  ? 156 LYS A CG  1 
ATOM   753  C  CD  . LYS A 1 110 ? -14.427 -3.473  6.748   1.00 51.64  ? 156 LYS A CD  1 
ATOM   754  C  CE  . LYS A 1 110 ? -14.916 -2.047  6.990   1.00 52.24  ? 156 LYS A CE  1 
ATOM   755  N  NZ  . LYS A 1 110 ? -16.402 -1.954  7.025   1.00 53.12  ? 156 LYS A NZ  1 
ATOM   756  N  N   . GLU A 1 111 ? -9.946  -6.820  5.362   1.00 46.71  ? 157 GLU A N   1 
ATOM   757  C  CA  . GLU A 1 111 ? -9.278  -8.102  5.168   1.00 45.58  ? 157 GLU A CA  1 
ATOM   758  C  C   . GLU A 1 111 ? -7.938  -8.102  5.910   1.00 44.42  ? 157 GLU A C   1 
ATOM   759  O  O   . GLU A 1 111 ? -7.598  -9.063  6.607   1.00 44.29  ? 157 GLU A O   1 
ATOM   760  C  CB  . GLU A 1 111 ? -9.086  -8.394  3.674   1.00 45.91  ? 157 GLU A CB  1 
ATOM   761  C  CG  . GLU A 1 111 ? -8.093  -9.521  3.338   1.00 47.49  ? 157 GLU A CG  1 
ATOM   762  C  CD  . GLU A 1 111 ? -8.498  -10.881 3.901   1.00 49.96  ? 157 GLU A CD  1 
ATOM   763  O  OE1 . GLU A 1 111 ? -9.300  -10.932 4.860   1.00 51.25  ? 157 GLU A OE1 1 
ATOM   764  O  OE2 . GLU A 1 111 ? -8.005  -11.908 3.387   1.00 50.77  ? 157 GLU A OE2 1 
ATOM   765  N  N   . LEU A 1 112 ? -7.184  -7.016  5.770   1.00 42.73  ? 158 LEU A N   1 
ATOM   766  C  CA  . LEU A 1 112 ? -5.901  -6.904  6.445   1.00 41.04  ? 158 LEU A CA  1 
ATOM   767  C  C   . LEU A 1 112 ? -6.151  -6.934  7.938   1.00 39.90  ? 158 LEU A C   1 
ATOM   768  O  O   . LEU A 1 112 ? -5.451  -7.618  8.680   1.00 39.31  ? 158 LEU A O   1 
ATOM   769  C  CB  . LEU A 1 112 ? -5.169  -5.611  6.055   1.00 41.00  ? 158 LEU A CB  1 
ATOM   770  C  CG  . LEU A 1 112 ? -3.755  -5.446  6.627   1.00 40.68  ? 158 LEU A CG  1 
ATOM   771  C  CD1 . LEU A 1 112 ? -2.787  -6.439  5.988   1.00 39.47  ? 158 LEU A CD1 1 
ATOM   772  C  CD2 . LEU A 1 112 ? -3.243  -4.009  6.452   1.00 40.29  ? 158 LEU A CD2 1 
ATOM   773  N  N   . LYS A 1 113 ? -7.162  -6.193  8.376   1.00 38.39  ? 159 LYS A N   1 
ATOM   774  C  CA  . LYS A 1 113 ? -7.510  -6.183  9.787   1.00 37.50  ? 159 LYS A CA  1 
ATOM   775  C  C   . LYS A 1 113 ? -7.932  -7.567  10.273  1.00 36.49  ? 159 LYS A C   1 
ATOM   776  O  O   . LYS A 1 113 ? -7.624  -7.953  11.394  1.00 36.10  ? 159 LYS A O   1 
ATOM   777  C  CB  . LYS A 1 113 ? -8.598  -5.148  10.079  1.00 37.64  ? 159 LYS A CB  1 
ATOM   778  C  CG  . LYS A 1 113 ? -8.061  -3.732  10.245  1.00 38.15  ? 159 LYS A CG  1 
ATOM   779  C  CD  . LYS A 1 113 ? -9.189  -2.712  10.311  1.00 39.60  ? 159 LYS A CD  1 
ATOM   780  C  CE  . LYS A 1 113 ? -8.663  -1.312  10.597  1.00 39.88  ? 159 LYS A CE  1 
ATOM   781  N  NZ  . LYS A 1 113 ? -9.774  -0.316  10.637  1.00 41.34  ? 159 LYS A NZ  1 
ATOM   782  N  N   . LYS A 1 114 ? -8.636  -8.313  9.434   1.00 35.80  ? 160 LYS A N   1 
ATOM   783  C  CA  . LYS A 1 114 ? -8.990  -9.675  9.805   1.00 35.61  ? 160 LYS A CA  1 
ATOM   784  C  C   . LYS A 1 114 ? -7.724  -10.478 10.106  1.00 34.86  ? 160 LYS A C   1 
ATOM   785  O  O   . LYS A 1 114 ? -7.592  -11.057 11.181  1.00 34.80  ? 160 LYS A O   1 
ATOM   786  C  CB  . LYS A 1 114 ? -9.806  -10.361 8.710   1.00 35.80  ? 160 LYS A CB  1 
ATOM   787  C  CG  . LYS A 1 114 ? -10.350 -11.714 9.137   1.00 37.63  ? 160 LYS A CG  1 
ATOM   788  C  CD  . LYS A 1 114 ? -11.547 -12.142 8.289   1.00 40.29  ? 160 LYS A CD  1 
ATOM   789  C  CE  . LYS A 1 114 ? -11.126 -12.665 6.920   1.00 41.53  ? 160 LYS A CE  1 
ATOM   790  N  NZ  . LYS A 1 114 ? -10.645 -14.078 6.977   1.00 43.13  ? 160 LYS A NZ  1 
ATOM   791  N  N   . ILE A 1 115 ? -6.784  -10.498 9.163   1.00 34.16  ? 161 ILE A N   1 
ATOM   792  C  CA  . ILE A 1 115 ? -5.525  -11.228 9.375   1.00 33.30  ? 161 ILE A CA  1 
ATOM   793  C  C   . ILE A 1 115 ? -4.777  -10.729 10.620  1.00 33.14  ? 161 ILE A C   1 
ATOM   794  O  O   . ILE A 1 115 ? -4.337  -11.529 11.449  1.00 33.14  ? 161 ILE A O   1 
ATOM   795  C  CB  . ILE A 1 115 ? -4.614  -11.206 8.121   1.00 33.23  ? 161 ILE A CB  1 
ATOM   796  C  CG1 . ILE A 1 115 ? -5.354  -11.801 6.921   1.00 32.39  ? 161 ILE A CG1 1 
ATOM   797  C  CG2 . ILE A 1 115 ? -3.306  -11.980 8.377   1.00 33.05  ? 161 ILE A CG2 1 
ATOM   798  C  CD1 . ILE A 1 115 ? -4.743  -11.447 5.576   1.00 31.79  ? 161 ILE A CD1 1 
ATOM   799  N  N   . ILE A 1 116 ? -4.644  -9.414  10.775  1.00 32.79  ? 162 ILE A N   1 
ATOM   800  C  CA  . ILE A 1 116 ? -3.971  -8.885  11.955  1.00 32.62  ? 162 ILE A CA  1 
ATOM   801  C  C   . ILE A 1 116 ? -4.615  -9.406  13.238  1.00 33.20  ? 162 ILE A C   1 
ATOM   802  O  O   . ILE A 1 116 ? -3.928  -9.707  14.216  1.00 33.01  ? 162 ILE A O   1 
ATOM   803  C  CB  . ILE A 1 116 ? -3.982  -7.344  11.994  1.00 32.55  ? 162 ILE A CB  1 
ATOM   804  C  CG1 . ILE A 1 116 ? -3.119  -6.766  10.867  1.00 31.93  ? 162 ILE A CG1 1 
ATOM   805  C  CG2 . ILE A 1 116 ? -3.474  -6.853  13.340  1.00 31.93  ? 162 ILE A CG2 1 
ATOM   806  C  CD1 . ILE A 1 116 ? -3.214  -5.251  10.743  1.00 32.00  ? 162 ILE A CD1 1 
ATOM   807  N  N   . GLY A 1 117 ? -5.941  -9.486  13.249  1.00 33.87  ? 163 GLY A N   1 
ATOM   808  C  CA  . GLY A 1 117 ? -6.641  -10.008 14.420  1.00 34.62  ? 163 GLY A CA  1 
ATOM   809  C  C   . GLY A 1 117 ? -6.252  -11.452 14.672  1.00 35.11  ? 163 GLY A C   1 
ATOM   810  O  O   . GLY A 1 117 ? -6.020  -11.857 15.811  1.00 35.27  ? 163 GLY A O   1 
ATOM   811  N  N   . GLN A 1 118 ? -6.168  -12.228 13.598  1.00 35.49  ? 164 GLN A N   1 
ATOM   812  C  CA  . GLN A 1 118 ? -5.830  -13.641 13.707  1.00 36.16  ? 164 GLN A CA  1 
ATOM   813  C  C   . GLN A 1 118 ? -4.427  -13.879 14.267  1.00 36.30  ? 164 GLN A C   1 
ATOM   814  O  O   . GLN A 1 118 ? -4.231  -14.793 15.065  1.00 36.53  ? 164 GLN A O   1 
ATOM   815  C  CB  . GLN A 1 118 ? -5.999  -14.337 12.355  1.00 36.16  ? 164 GLN A CB  1 
ATOM   816  C  CG  . GLN A 1 118 ? -7.410  -14.236 11.808  1.00 37.84  ? 164 GLN A CG  1 
ATOM   817  C  CD  . GLN A 1 118 ? -7.544  -14.790 10.405  1.00 39.19  ? 164 GLN A CD  1 
ATOM   818  O  OE1 . GLN A 1 118 ? -6.567  -14.876 9.658   1.00 40.69  ? 164 GLN A OE1 1 
ATOM   819  N  NE2 . GLN A 1 118 ? -8.764  -15.168 10.036  1.00 40.25  ? 164 GLN A NE2 1 
ATOM   820  N  N   . VAL A 1 119 ? -3.457  -13.057 13.859  1.00 36.47  ? 165 VAL A N   1 
ATOM   821  C  CA  . VAL A 1 119 ? -2.074  -13.232 14.308  1.00 36.28  ? 165 VAL A CA  1 
ATOM   822  C  C   . VAL A 1 119 ? -1.693  -12.295 15.450  1.00 36.40  ? 165 VAL A C   1 
ATOM   823  O  O   . VAL A 1 119 ? -0.536  -12.242 15.855  1.00 36.23  ? 165 VAL A O   1 
ATOM   824  C  CB  . VAL A 1 119 ? -1.057  -13.031 13.152  1.00 36.55  ? 165 VAL A CB  1 
ATOM   825  C  CG1 . VAL A 1 119 ? -1.350  -13.982 12.010  1.00 36.46  ? 165 VAL A CG1 1 
ATOM   826  C  CG2 . VAL A 1 119 ? -1.053  -11.572 12.656  1.00 35.99  ? 165 VAL A CG2 1 
ATOM   827  N  N   . ARG A 1 120 ? -2.660  -11.557 15.976  1.00 36.45  ? 166 ARG A N   1 
ATOM   828  C  CA  . ARG A 1 120 ? -2.328  -10.488 16.911  1.00 36.93  ? 166 ARG A CA  1 
ATOM   829  C  C   . ARG A 1 120 ? -1.577  -10.911 18.175  1.00 37.64  ? 166 ARG A C   1 
ATOM   830  O  O   . ARG A 1 120 ? -0.775  -10.143 18.711  1.00 37.70  ? 166 ARG A O   1 
ATOM   831  C  CB  . ARG A 1 120 ? -3.569  -9.697  17.314  1.00 36.62  ? 166 ARG A CB  1 
ATOM   832  C  CG  . ARG A 1 120 ? -3.234  -8.536  18.216  1.00 35.53  ? 166 ARG A CG  1 
ATOM   833  C  CD  . ARG A 1 120 ? -2.360  -7.511  17.490  1.00 33.75  ? 166 ARG A CD  1 
ATOM   834  N  NE  . ARG A 1 120 ? -1.944  -6.416  18.365  1.00 31.19  ? 166 ARG A NE  1 
ATOM   835  C  CZ  . ARG A 1 120 ? -0.810  -6.396  19.054  1.00 30.59  ? 166 ARG A CZ  1 
ATOM   836  N  NH1 . ARG A 1 120 ? 0.038   -7.411  18.971  1.00 30.88  ? 166 ARG A NH1 1 
ATOM   837  N  NH2 . ARG A 1 120 ? -0.516  -5.361  19.826  1.00 29.11  ? 166 ARG A NH2 1 
ATOM   838  N  N   . ASP A 1 121 ? -1.854  -12.102 18.685  1.00 38.32  ? 167 ASP A N   1 
ATOM   839  C  CA  . ASP A 1 121 ? -1.214  -12.514 19.923  1.00 39.23  ? 167 ASP A CA  1 
ATOM   840  C  C   . ASP A 1 121 ? 0.161   -13.123 19.669  1.00 39.21  ? 167 ASP A C   1 
ATOM   841  O  O   . ASP A 1 121 ? 0.934   -13.354 20.601  1.00 39.51  ? 167 ASP A O   1 
ATOM   842  C  CB  . ASP A 1 121 ? -2.095  -13.500 20.673  1.00 39.73  ? 167 ASP A CB  1 
ATOM   843  C  CG  . ASP A 1 121 ? -2.453  -14.695 19.833  1.00 41.39  ? 167 ASP A CG  1 
ATOM   844  O  OD1 . ASP A 1 121 ? -1.761  -14.941 18.822  1.00 43.41  ? 167 ASP A OD1 1 
ATOM   845  O  OD2 . ASP A 1 121 ? -3.427  -15.387 20.187  1.00 43.85  ? 167 ASP A OD2 1 
ATOM   846  N  N   . GLN A 1 122 ? 0.469   -13.378 18.404  1.00 39.00  ? 168 GLN A N   1 
ATOM   847  C  CA  . GLN A 1 122 ? 1.768   -13.931 18.035  1.00 38.66  ? 168 GLN A CA  1 
ATOM   848  C  C   . GLN A 1 122 ? 2.902   -12.926 18.239  1.00 38.04  ? 168 GLN A C   1 
ATOM   849  O  O   . GLN A 1 122 ? 4.078   -13.260 18.086  1.00 38.07  ? 168 GLN A O   1 
ATOM   850  C  CB  . GLN A 1 122 ? 1.733   -14.405 16.586  1.00 38.87  ? 168 GLN A CB  1 
ATOM   851  C  CG  . GLN A 1 122 ? 2.563   -15.636 16.312  1.00 40.46  ? 168 GLN A CG  1 
ATOM   852  C  CD  . GLN A 1 122 ? 1.860   -16.589 15.376  1.00 41.76  ? 168 GLN A CD  1 
ATOM   853  O  OE1 . GLN A 1 122 ? 2.497   -17.337 14.641  1.00 42.79  ? 168 GLN A OE1 1 
ATOM   854  N  NE2 . GLN A 1 122 ? 0.531   -16.564 15.399  1.00 43.69  ? 168 GLN A NE2 1 
ATOM   855  N  N   . ALA A 1 123 ? 2.554   -11.690 18.584  1.00 37.06  ? 169 ALA A N   1 
ATOM   856  C  CA  . ALA A 1 123 ? 3.559   -10.661 18.793  1.00 36.15  ? 169 ALA A CA  1 
ATOM   857  C  C   . ALA A 1 123 ? 3.098   -9.663  19.828  1.00 35.57  ? 169 ALA A C   1 
ATOM   858  O  O   . ALA A 1 123 ? 1.902   -9.484  20.040  1.00 35.82  ? 169 ALA A O   1 
ATOM   859  C  CB  . ALA A 1 123 ? 3.884   -9.945  17.477  1.00 36.13  ? 169 ALA A CB  1 
ATOM   860  N  N   . GLU A 1 124 ? 4.050   -9.000  20.466  1.00 34.79  ? 170 GLU A N   1 
ATOM   861  C  CA  . GLU A 1 124 ? 3.712   -7.986  21.439  1.00 34.36  ? 170 GLU A CA  1 
ATOM   862  C  C   . GLU A 1 124 ? 3.197   -6.723  20.764  1.00 33.42  ? 170 GLU A C   1 
ATOM   863  O  O   . GLU A 1 124 ? 2.112   -6.231  21.086  1.00 33.27  ? 170 GLU A O   1 
ATOM   864  C  CB  . GLU A 1 124 ? 4.919   -7.620  22.303  1.00 34.84  ? 170 GLU A CB  1 
ATOM   865  C  CG  . GLU A 1 124 ? 4.662   -6.368  23.118  1.00 36.93  ? 170 GLU A CG  1 
ATOM   866  C  CD  . GLU A 1 124 ? 5.773   -6.047  24.090  1.00 40.09  ? 170 GLU A CD  1 
ATOM   867  O  OE1 . GLU A 1 124 ? 5.598   -5.101  24.893  1.00 41.48  ? 170 GLU A OE1 1 
ATOM   868  O  OE2 . GLU A 1 124 ? 6.818   -6.734  24.057  1.00 41.81  ? 170 GLU A OE2 1 
ATOM   869  N  N   . HIS A 1 125 ? 3.985   -6.196  19.830  1.00 31.57  ? 171 HIS A N   1 
ATOM   870  C  CA  . HIS A 1 125 ? 3.700   -4.887  19.247  1.00 29.94  ? 171 HIS A CA  1 
ATOM   871  C  C   . HIS A 1 125 ? 2.858   -4.983  17.985  1.00 28.26  ? 171 HIS A C   1 
ATOM   872  O  O   . HIS A 1 125 ? 3.060   -5.869  17.155  1.00 27.77  ? 171 HIS A O   1 
ATOM   873  C  CB  . HIS A 1 125 ? 5.006   -4.148  18.973  1.00 30.10  ? 171 HIS A CB  1 
ATOM   874  C  CG  . HIS A 1 125 ? 5.902   -4.066  20.167  1.00 31.22  ? 171 HIS A CG  1 
ATOM   875  N  ND1 . HIS A 1 125 ? 5.687   -3.175  21.196  1.00 31.72  ? 171 HIS A ND1 1 
ATOM   876  C  CD2 . HIS A 1 125 ? 7.000   -4.779  20.510  1.00 31.87  ? 171 HIS A CD2 1 
ATOM   877  C  CE1 . HIS A 1 125 ? 6.620   -3.336  22.117  1.00 32.44  ? 171 HIS A CE1 1 
ATOM   878  N  NE2 . HIS A 1 125 ? 7.431   -4.303  21.723  1.00 32.61  ? 171 HIS A NE2 1 
ATOM   879  N  N   . LEU A 1 126 ? 1.897   -4.076  17.855  1.00 26.29  ? 172 LEU A N   1 
ATOM   880  C  CA  . LEU A 1 126 ? 1.032   -4.060  16.686  1.00 24.60  ? 172 LEU A CA  1 
ATOM   881  C  C   . LEU A 1 126 ? 1.852   -4.006  15.388  1.00 23.26  ? 172 LEU A C   1 
ATOM   882  O  O   . LEU A 1 126 ? 1.504   -4.663  14.406  1.00 23.20  ? 172 LEU A O   1 
ATOM   883  C  CB  . LEU A 1 126 ? 0.051   -2.882  16.760  1.00 24.38  ? 172 LEU A CB  1 
ATOM   884  C  CG  . LEU A 1 126 ? -0.786  -2.637  15.505  1.00 24.06  ? 172 LEU A CG  1 
ATOM   885  C  CD1 . LEU A 1 126 ? -1.620  -3.854  15.166  1.00 23.24  ? 172 LEU A CD1 1 
ATOM   886  C  CD2 . LEU A 1 126 ? -1.673  -1.405  15.664  1.00 23.49  ? 172 LEU A CD2 1 
ATOM   887  N  N   . LYS A 1 127 ? 2.941   -3.241  15.386  1.00 21.84  ? 173 LYS A N   1 
ATOM   888  C  CA  . LYS A 1 127 ? 3.721   -3.065  14.160  1.00 20.77  ? 173 LYS A CA  1 
ATOM   889  C  C   . LYS A 1 127 ? 4.230   -4.408  13.640  1.00 20.10  ? 173 LYS A C   1 
ATOM   890  O  O   . LYS A 1 127 ? 4.246   -4.652  12.430  1.00 19.46  ? 173 LYS A O   1 
ATOM   891  C  CB  . LYS A 1 127 ? 4.877   -2.094  14.380  1.00 20.52  ? 173 LYS A CB  1 
ATOM   892  C  CG  . LYS A 1 127 ? 5.886   -2.529  15.429  1.00 20.93  ? 173 LYS A CG  1 
ATOM   893  C  CD  . LYS A 1 127 ? 6.886   -1.433  15.671  1.00 21.79  ? 173 LYS A CD  1 
ATOM   894  C  CE  . LYS A 1 127 ? 7.865   -1.812  16.747  1.00 22.33  ? 173 LYS A CE  1 
ATOM   895  N  NZ  . LYS A 1 127 ? 8.764   -0.664  17.072  1.00 23.50  ? 173 LYS A NZ  1 
ATOM   896  N  N   . THR A 1 128 ? 4.628   -5.278  14.565  1.00 19.11  ? 174 THR A N   1 
ATOM   897  C  CA  . THR A 1 128 ? 5.059   -6.630  14.218  1.00 18.93  ? 174 THR A CA  1 
ATOM   898  C  C   . THR A 1 128 ? 3.924   -7.462  13.624  1.00 18.41  ? 174 THR A C   1 
ATOM   899  O  O   . THR A 1 128 ? 4.104   -8.118  12.603  1.00 18.23  ? 174 THR A O   1 
ATOM   900  C  CB  . THR A 1 128 ? 5.657   -7.385  15.446  1.00 18.67  ? 174 THR A CB  1 
ATOM   901  O  OG1 . THR A 1 128 ? 6.693   -6.596  16.033  1.00 20.10  ? 174 THR A OG1 1 
ATOM   902  C  CG2 . THR A 1 128 ? 6.253   -8.719  15.025  1.00 19.33  ? 174 THR A CG2 1 
ATOM   903  N  N   . ALA A 1 129 ? 2.757   -7.447  14.267  1.00 18.10  ? 175 ALA A N   1 
ATOM   904  C  CA  . ALA A 1 129 ? 1.612   -8.178  13.743  1.00 18.15  ? 175 ALA A CA  1 
ATOM   905  C  C   . ALA A 1 129 ? 1.241   -7.690  12.348  1.00 17.57  ? 175 ALA A C   1 
ATOM   906  O  O   . ALA A 1 129 ? 0.806   -8.470  11.497  1.00 17.95  ? 175 ALA A O   1 
ATOM   907  C  CB  . ALA A 1 129 ? 0.426   -8.042  14.685  1.00 18.24  ? 175 ALA A CB  1 
ATOM   908  N  N   . VAL A 1 130 ? 1.381   -6.390  12.111  1.00 17.63  ? 176 VAL A N   1 
ATOM   909  C  CA  . VAL A 1 130 ? 1.040   -5.868  10.793  1.00 17.09  ? 176 VAL A CA  1 
ATOM   910  C  C   . VAL A 1 130 ? 1.943   -6.525  9.749   1.00 16.40  ? 176 VAL A C   1 
ATOM   911  O  O   . VAL A 1 130 ? 1.468   -6.959  8.706   1.00 16.20  ? 176 VAL A O   1 
ATOM   912  C  CB  . VAL A 1 130 ? 1.146   -4.326  10.716  1.00 17.39  ? 176 VAL A CB  1 
ATOM   913  C  CG1 . VAL A 1 130 ? 1.049   -3.843  9.262   1.00 17.09  ? 176 VAL A CG1 1 
ATOM   914  C  CG2 . VAL A 1 130 ? 0.050   -3.667  11.587  1.00 18.24  ? 176 VAL A CG2 1 
ATOM   915  N  N   . GLN A 1 131 ? 3.243   -6.606  10.026  1.00 16.49  ? 177 GLN A N   1 
ATOM   916  C  CA  . GLN A 1 131 ? 4.158   -7.216  9.046   1.00 15.91  ? 177 GLN A CA  1 
ATOM   917  C  C   . GLN A 1 131 ? 3.842   -8.699  8.873   1.00 16.00  ? 177 GLN A C   1 
ATOM   918  O  O   . GLN A 1 131 ? 3.898   -9.232  7.771   1.00 15.34  ? 177 GLN A O   1 
ATOM   919  C  CB  . GLN A 1 131 ? 5.623   -7.007  9.440   1.00 16.00  ? 177 GLN A CB  1 
ATOM   920  C  CG  . GLN A 1 131 ? 6.031   -5.517  9.540   1.00 15.56  ? 177 GLN A CG  1 
ATOM   921  C  CD  . GLN A 1 131 ? 5.581   -4.707  8.329   1.00 15.77  ? 177 GLN A CD  1 
ATOM   922  O  OE1 . GLN A 1 131 ? 5.123   -3.567  8.456   1.00 18.93  ? 177 GLN A OE1 1 
ATOM   923  N  NE2 . GLN A 1 131 ? 5.690   -5.298  7.156   1.00 15.33  ? 177 GLN A NE2 1 
ATOM   924  N  N   . MET A 1 132 ? 3.519   -9.375  9.968   1.00 16.24  ? 178 MET A N   1 
ATOM   925  C  CA  . MET A 1 132 ? 3.043   -10.755 9.852   1.00 16.79  ? 178 MET A CA  1 
ATOM   926  C  C   . MET A 1 132 ? 1.804   -10.862 8.964   1.00 16.48  ? 178 MET A C   1 
ATOM   927  O  O   . MET A 1 132 ? 1.689   -11.775 8.157   1.00 16.06  ? 178 MET A O   1 
ATOM   928  C  CB  . MET A 1 132 ? 2.729   -11.325 11.225  1.00 16.95  ? 178 MET A CB  1 
ATOM   929  C  CG  . MET A 1 132 ? 3.959   -11.590 12.042  1.00 18.46  ? 178 MET A CG  1 
ATOM   930  S  SD  . MET A 1 132 ? 3.500   -12.125 13.706  1.00 25.78  ? 178 MET A SD  1 
ATOM   931  C  CE  . MET A 1 132 ? 5.050   -12.782 14.275  1.00 24.33  ? 178 MET A CE  1 
ATOM   932  N  N   . ALA A 1 133 ? 0.859   -9.935  9.117   1.00 16.56  ? 179 ALA A N   1 
ATOM   933  C  CA  . ALA A 1 133 ? -0.352  -10.016 8.307   1.00 16.83  ? 179 ALA A CA  1 
ATOM   934  C  C   . ALA A 1 133 ? -0.061  -9.729  6.840   1.00 16.88  ? 179 ALA A C   1 
ATOM   935  O  O   . ALA A 1 133 ? -0.662  -10.337 5.943   1.00 18.15  ? 179 ALA A O   1 
ATOM   936  C  CB  . ALA A 1 133 ? -1.443  -9.086  8.851   1.00 16.77  ? 179 ALA A CB  1 
ATOM   937  N  N   . VAL A 1 134 ? 0.869   -8.815  6.585   1.00 16.78  ? 180 VAL A N   1 
ATOM   938  C  CA  . VAL A 1 134 ? 1.266   -8.517  5.216   1.00 16.58  ? 180 VAL A CA  1 
ATOM   939  C  C   . VAL A 1 134 ? 1.868   -9.763  4.575   1.00 16.40  ? 180 VAL A C   1 
ATOM   940  O  O   . VAL A 1 134 ? 1.570   -10.090 3.432   1.00 16.57  ? 180 VAL A O   1 
ATOM   941  C  CB  . VAL A 1 134 ? 2.274   -7.343  5.158   1.00 16.94  ? 180 VAL A CB  1 
ATOM   942  C  CG1 . VAL A 1 134 ? 2.935   -7.273  3.795   1.00 15.92  ? 180 VAL A CG1 1 
ATOM   943  C  CG2 . VAL A 1 134 ? 1.574   -6.031  5.478   1.00 17.62  ? 180 VAL A CG2 1 
ATOM   944  N  N   . PHE A 1 135 ? 2.723   -10.449 5.325   1.00 16.58  ? 181 PHE A N   1 
ATOM   945  C  CA  . PHE A 1 135 ? 3.363   -11.699 4.875   1.00 17.13  ? 181 PHE A CA  1 
ATOM   946  C  C   . PHE A 1 135 ? 2.291   -12.746 4.519   1.00 17.07  ? 181 PHE A C   1 
ATOM   947  O  O   . PHE A 1 135 ? 2.276   -13.305 3.416   1.00 16.85  ? 181 PHE A O   1 
ATOM   948  C  CB  . PHE A 1 135 ? 4.311   -12.189 5.995   1.00 16.51  ? 181 PHE A CB  1 
ATOM   949  C  CG  . PHE A 1 135 ? 4.992   -13.518 5.728   1.00 17.80  ? 181 PHE A CG  1 
ATOM   950  C  CD1 . PHE A 1 135 ? 4.289   -14.720 5.834   1.00 19.03  ? 181 PHE A CD1 1 
ATOM   951  C  CD2 . PHE A 1 135 ? 6.350   -13.573 5.455   1.00 19.14  ? 181 PHE A CD2 1 
ATOM   952  C  CE1 . PHE A 1 135 ? 4.918   -15.944 5.626   1.00 19.02  ? 181 PHE A CE1 1 
ATOM   953  C  CE2 . PHE A 1 135 ? 6.992   -14.794 5.248   1.00 19.32  ? 181 PHE A CE2 1 
ATOM   954  C  CZ  . PHE A 1 135 ? 6.270   -15.981 5.339   1.00 20.13  ? 181 PHE A CZ  1 
ATOM   955  N  N   . ILE A 1 136 ? 1.383   -12.979 5.455   1.00 18.25  ? 182 ILE A N   1 
ATOM   956  C  CA  . ILE A 1 136 ? 0.322   -13.968 5.271   1.00 19.11  ? 182 ILE A CA  1 
ATOM   957  C  C   . ILE A 1 136 ? -0.491  -13.614 4.034   1.00 19.49  ? 182 ILE A C   1 
ATOM   958  O  O   . ILE A 1 136 ? -0.702  -14.443 3.138   1.00 19.26  ? 182 ILE A O   1 
ATOM   959  C  CB  . ILE A 1 136 ? -0.552  -14.051 6.539   1.00 19.51  ? 182 ILE A CB  1 
ATOM   960  C  CG1 . ILE A 1 136 ? 0.206   -14.833 7.622   1.00 20.46  ? 182 ILE A CG1 1 
ATOM   961  C  CG2 . ILE A 1 136 ? -1.919  -14.697 6.234   1.00 20.38  ? 182 ILE A CG2 1 
ATOM   962  C  CD1 . ILE A 1 136 ? -0.214  -14.505 9.057   1.00 22.70  ? 182 ILE A CD1 1 
ATOM   963  N  N   . HIS A 1 137 ? -0.915  -12.357 3.960   1.00 19.78  ? 183 HIS A N   1 
ATOM   964  C  CA  . HIS A 1 137 ? -1.704  -11.913 2.829   1.00 20.32  ? 183 HIS A CA  1 
ATOM   965  C  C   . HIS A 1 137 ? -1.015  -12.139 1.491   1.00 20.82  ? 183 HIS A C   1 
ATOM   966  O  O   . HIS A 1 137 ? -1.638  -12.652 0.564   1.00 20.72  ? 183 HIS A O   1 
ATOM   967  C  CB  . HIS A 1 137 ? -2.075  -10.430 2.938   1.00 20.21  ? 183 HIS A CB  1 
ATOM   968  C  CG  . HIS A 1 137 ? -2.863  -9.942  1.765   1.00 22.10  ? 183 HIS A CG  1 
ATOM   969  N  ND1 . HIS A 1 137 ? -2.276  -9.381  0.653   1.00 23.13  ? 183 HIS A ND1 1 
ATOM   970  C  CD2 . HIS A 1 137 ? -4.191  -9.979  1.511   1.00 22.26  ? 183 HIS A CD2 1 
ATOM   971  C  CE1 . HIS A 1 137 ? -3.211  -9.067  -0.225  1.00 23.60  ? 183 HIS A CE1 1 
ATOM   972  N  NE2 . HIS A 1 137 ? -4.383  -9.415  0.275   1.00 25.23  ? 183 HIS A NE2 1 
ATOM   973  N  N   . ASN A 1 138 ? 0.251   -11.728 1.375   1.00 21.06  ? 184 ASN A N   1 
ATOM   974  C  CA  . ASN A 1 138 ? 0.955   -11.777 0.091   1.00 22.35  ? 184 ASN A CA  1 
ATOM   975  C  C   . ASN A 1 138 ? 1.275   -13.201 -0.388  1.00 23.98  ? 184 ASN A C   1 
ATOM   976  O  O   . ASN A 1 138 ? 1.432   -13.442 -1.584  1.00 23.70  ? 184 ASN A O   1 
ATOM   977  C  CB  . ASN A 1 138 ? 2.244   -10.924 0.121   1.00 21.52  ? 184 ASN A CB  1 
ATOM   978  C  CG  . ASN A 1 138 ? 1.955   -9.419  0.090   1.00 20.43  ? 184 ASN A CG  1 
ATOM   979  O  OD1 . ASN A 1 138 ? 0.879   -9.003  -0.324  1.00 19.23  ? 184 ASN A OD1 1 
ATOM   980  N  ND2 . ASN A 1 138 ? 2.918   -8.606  0.523   1.00 16.81  ? 184 ASN A ND2 1 
ATOM   981  N  N   . LYS A 1 139 ? 1.374   -14.139 0.544   1.00 26.87  ? 185 LYS A N   1 
ATOM   982  C  CA  . LYS A 1 139 ? 1.746   -15.506 0.172   1.00 30.10  ? 185 LYS A CA  1 
ATOM   983  C  C   . LYS A 1 139 ? 0.558   -16.466 0.035   1.00 31.97  ? 185 LYS A C   1 
ATOM   984  O  O   . LYS A 1 139 ? 0.662   -17.496 -0.628  1.00 32.49  ? 185 LYS A O   1 
ATOM   985  C  CB  . LYS A 1 139 ? 2.815   -16.049 1.121   1.00 30.08  ? 185 LYS A CB  1 
ATOM   986  C  CG  . LYS A 1 139 ? 4.086   -15.200 1.060   1.00 31.82  ? 185 LYS A CG  1 
ATOM   987  C  CD  . LYS A 1 139 ? 5.267   -15.841 1.741   1.00 35.07  ? 185 LYS A CD  1 
ATOM   988  C  CE  . LYS A 1 139 ? 6.550   -15.116 1.349   1.00 37.07  ? 185 LYS A CE  1 
ATOM   989  N  NZ  . LYS A 1 139 ? 7.118   -15.601 0.050   1.00 38.96  ? 185 LYS A NZ  1 
ATOM   990  N  N   . LYS A 1 140 ? -0.574  -16.114 0.634   1.00 34.43  ? 186 LYS A N   1 
ATOM   991  C  CA  . LYS A 1 140 ? -1.771  -16.950 0.563   1.00 36.86  ? 186 LYS A CA  1 
ATOM   992  C  C   . LYS A 1 140 ? -2.225  -17.163 -0.882  1.00 38.37  ? 186 LYS A C   1 
ATOM   993  O  O   . LYS A 1 140 ? -2.550  -16.212 -1.589  1.00 38.40  ? 186 LYS A O   1 
ATOM   994  C  CB  . LYS A 1 140 ? -2.894  -16.326 1.396   1.00 37.02  ? 186 LYS A CB  1 
ATOM   995  C  CG  . LYS A 1 140 ? -4.168  -17.178 1.510   1.00 38.12  ? 186 LYS A CG  1 
ATOM   996  C  CD  . LYS A 1 140 ? -5.183  -16.532 2.454   1.00 39.02  ? 186 LYS A CD  1 
ATOM   997  C  CE  . LYS A 1 140 ? -4.797  -16.738 3.921   1.00 40.49  ? 186 LYS A CE  1 
ATOM   998  N  NZ  . LYS A 1 140 ? -5.570  -15.871 4.866   1.00 40.33  ? 186 LYS A NZ  1 
ATOM   999  N  N   . ARG A 1 141 ? -2.250  -18.414 -1.330  1.00 40.42  ? 187 ARG A N   1 
ATOM   1000 C  CA  . ARG A 1 141 ? -2.667  -18.692 -2.702  1.00 42.26  ? 187 ARG A CA  1 
ATOM   1001 C  C   . ARG A 1 141 ? -4.183  -18.738 -2.833  1.00 43.03  ? 187 ARG A C   1 
ATOM   1002 O  O   . ARG A 1 141 ? -4.876  -19.271 -1.969  1.00 43.28  ? 187 ARG A O   1 
ATOM   1003 C  CB  . ARG A 1 141 ? -2.034  -19.984 -3.227  1.00 42.78  ? 187 ARG A CB  1 
ATOM   1004 C  CG  . ARG A 1 141 ? -0.841  -19.746 -4.155  1.00 44.47  ? 187 ARG A CG  1 
ATOM   1005 C  CD  . ARG A 1 141 ? 0.041   -20.983 -4.307  1.00 47.70  ? 187 ARG A CD  1 
ATOM   1006 N  NE  . ARG A 1 141 ? 0.935   -21.170 -3.164  1.00 50.24  ? 187 ARG A NE  1 
ATOM   1007 C  CZ  . ARG A 1 141 ? 0.671   -21.961 -2.128  1.00 51.14  ? 187 ARG A CZ  1 
ATOM   1008 N  NH1 . ARG A 1 141 ? -0.464  -22.645 -2.085  1.00 51.20  ? 187 ARG A NH1 1 
ATOM   1009 N  NH2 . ARG A 1 141 ? 1.546   -22.071 -1.131  1.00 51.85  ? 187 ARG A NH2 1 
ATOM   1010 N  N   . LYS A 1 142 ? -4.698  -18.160 -3.911  1.00 43.96  ? 188 LYS A N   1 
ATOM   1011 C  CA  . LYS A 1 142 ? -6.133  -18.205 -4.177  1.00 44.97  ? 188 LYS A CA  1 
ATOM   1012 C  C   . LYS A 1 142 ? -6.440  -17.872 -5.629  1.00 45.16  ? 188 LYS A C   1 
ATOM   1013 O  O   . LYS A 1 142 ? -7.605  -17.768 -6.009  1.00 45.82  ? 188 LYS A O   1 
ATOM   1014 C  CB  . LYS A 1 142 ? -6.907  -17.262 -3.248  1.00 45.21  ? 188 LYS A CB  1 
ATOM   1015 C  CG  . LYS A 1 142 ? -6.814  -17.619 -1.771  1.00 46.30  ? 188 LYS A CG  1 
ATOM   1016 C  CD  . LYS A 1 142 ? -8.192  -17.685 -1.125  1.00 48.41  ? 188 LYS A CD  1 
ATOM   1017 C  CE  . LYS A 1 142 ? -8.942  -18.934 -1.591  1.00 49.33  ? 188 LYS A CE  1 
ATOM   1018 N  NZ  . LYS A 1 142 ? -10.219 -19.152 -0.856  1.00 49.92  ? 188 LYS A NZ  1 
ATOM   1019 N  N   . GLY A 1 147 ? -4.193  -20.430 -9.565  1.00 41.14  ? 193 GLY A N   1 
ATOM   1020 C  CA  . GLY A 1 147 ? -4.266  -19.916 -8.200  1.00 40.85  ? 193 GLY A CA  1 
ATOM   1021 C  C   . GLY A 1 147 ? -2.919  -19.450 -7.675  1.00 40.61  ? 193 GLY A C   1 
ATOM   1022 O  O   . GLY A 1 147 ? -2.253  -20.158 -6.912  1.00 41.11  ? 193 GLY A O   1 
ATOM   1023 N  N   . TYR A 1 148 ? -2.505  -18.259 -8.095  1.00 39.89  ? 194 TYR A N   1 
ATOM   1024 C  CA  . TYR A 1 148 ? -1.271  -17.662 -7.596  1.00 38.87  ? 194 TYR A CA  1 
ATOM   1025 C  C   . TYR A 1 148 ? -1.540  -16.900 -6.298  1.00 37.17  ? 194 TYR A C   1 
ATOM   1026 O  O   . TYR A 1 148 ? -2.684  -16.612 -5.952  1.00 37.05  ? 194 TYR A O   1 
ATOM   1027 C  CB  . TYR A 1 148 ? -0.714  -16.653 -8.597  1.00 39.50  ? 194 TYR A CB  1 
ATOM   1028 C  CG  . TYR A 1 148 ? -0.150  -17.206 -9.888  1.00 41.89  ? 194 TYR A CG  1 
ATOM   1029 C  CD1 . TYR A 1 148 ? -0.729  -18.298 -10.524 1.00 44.22  ? 194 TYR A CD1 1 
ATOM   1030 C  CD2 . TYR A 1 148 ? 0.939   -16.590 -10.503 1.00 44.21  ? 194 TYR A CD2 1 
ATOM   1031 C  CE1 . TYR A 1 148 ? -0.217  -18.783 -11.722 1.00 45.39  ? 194 TYR A CE1 1 
ATOM   1032 C  CE2 . TYR A 1 148 ? 1.458   -17.064 -11.697 1.00 45.42  ? 194 TYR A CE2 1 
ATOM   1033 C  CZ  . TYR A 1 148 ? 0.877   -18.159 -12.300 1.00 45.93  ? 194 TYR A CZ  1 
ATOM   1034 O  OH  . TYR A 1 148 ? 1.389   -18.628 -13.491 1.00 47.52  ? 194 TYR A OH  1 
ATOM   1035 N  N   . SER A 1 149 ? -0.472  -16.541 -5.604  1.00 35.15  ? 195 SER A N   1 
ATOM   1036 C  CA  . SER A 1 149 ? -0.579  -15.593 -4.505  1.00 33.10  ? 195 SER A CA  1 
ATOM   1037 C  C   . SER A 1 149 ? -0.390  -14.177 -5.043  1.00 31.73  ? 195 SER A C   1 
ATOM   1038 O  O   . SER A 1 149 ? 0.110   -13.978 -6.154  1.00 31.01  ? 195 SER A O   1 
ATOM   1039 C  CB  . SER A 1 149 ? 0.493   -15.881 -3.463  1.00 33.03  ? 195 SER A CB  1 
ATOM   1040 O  OG  . SER A 1 149 ? 1.766   -15.641 -4.022  1.00 32.43  ? 195 SER A OG  1 
ATOM   1041 N  N   . ALA A 1 150 ? -0.788  -13.182 -4.261  1.00 30.45  ? 196 ALA A N   1 
ATOM   1042 C  CA  . ALA A 1 150 ? -0.593  -11.803 -4.684  1.00 29.16  ? 196 ALA A CA  1 
ATOM   1043 C  C   . ALA A 1 150 ? 0.896   -11.549 -4.952  1.00 28.46  ? 196 ALA A C   1 
ATOM   1044 O  O   . ALA A 1 150 ? 1.263   -10.849 -5.893  1.00 27.83  ? 196 ALA A O   1 
ATOM   1045 C  CB  . ALA A 1 150 ? -1.131  -10.849 -3.627  1.00 29.07  ? 196 ALA A CB  1 
ATOM   1046 N  N   . GLY A 1 151 ? 1.752   -12.142 -4.132  1.00 28.27  ? 197 GLY A N   1 
ATOM   1047 C  CA  . GLY A 1 151 ? 3.194   -11.964 -4.273  1.00 28.64  ? 197 GLY A CA  1 
ATOM   1048 C  C   . GLY A 1 151 ? 3.739   -12.499 -5.586  1.00 28.84  ? 197 GLY A C   1 
ATOM   1049 O  O   . GLY A 1 151 ? 4.659   -11.923 -6.169  1.00 28.48  ? 197 GLY A O   1 
ATOM   1050 N  N   . GLU A 1 152 ? 3.176   -13.614 -6.044  1.00 29.20  ? 198 GLU A N   1 
ATOM   1051 C  CA  . GLU A 1 152 ? 3.544   -14.192 -7.335  1.00 29.58  ? 198 GLU A CA  1 
ATOM   1052 C  C   . GLU A 1 152 ? 2.947   -13.383 -8.485  1.00 29.34  ? 198 GLU A C   1 
ATOM   1053 O  O   . GLU A 1 152 ? 3.598   -13.173 -9.511  1.00 29.48  ? 198 GLU A O   1 
ATOM   1054 C  CB  . GLU A 1 152 ? 3.091   -15.656 -7.417  1.00 30.02  ? 198 GLU A CB  1 
ATOM   1055 C  CG  . GLU A 1 152 ? 3.757   -16.552 -6.387  1.00 31.63  ? 198 GLU A CG  1 
ATOM   1056 C  CD  . GLU A 1 152 ? 3.110   -17.922 -6.275  1.00 34.84  ? 198 GLU A CD  1 
ATOM   1057 O  OE1 . GLU A 1 152 ? 1.863   -18.026 -6.330  1.00 35.26  ? 198 GLU A OE1 1 
ATOM   1058 O  OE2 . GLU A 1 152 ? 3.865   -18.904 -6.116  1.00 37.33  ? 198 GLU A OE2 1 
ATOM   1059 N  N   . ARG A 1 153 ? 1.715   -12.919 -8.306  1.00 29.04  ? 199 ARG A N   1 
ATOM   1060 C  CA  . ARG A 1 153 ? 1.048   -12.125 -9.337  1.00 29.06  ? 199 ARG A CA  1 
ATOM   1061 C  C   . ARG A 1 153 ? 1.796   -10.830 -9.637  1.00 28.29  ? 199 ARG A C   1 
ATOM   1062 O  O   . ARG A 1 153 ? 2.022   -10.493 -10.800 1.00 28.20  ? 199 ARG A O   1 
ATOM   1063 C  CB  . ARG A 1 153 ? -0.400  -11.807 -8.949  1.00 29.48  ? 199 ARG A CB  1 
ATOM   1064 C  CG  . ARG A 1 153 ? -1.406  -12.870 -9.353  1.00 32.09  ? 199 ARG A CG  1 
ATOM   1065 C  CD  . ARG A 1 153 ? -2.840  -12.389 -9.144  1.00 35.42  ? 199 ARG A CD  1 
ATOM   1066 N  NE  . ARG A 1 153 ? -3.083  -11.872 -7.795  1.00 37.92  ? 199 ARG A NE  1 
ATOM   1067 C  CZ  . ARG A 1 153 ? -3.449  -12.622 -6.760  1.00 38.75  ? 199 ARG A CZ  1 
ATOM   1068 N  NH1 . ARG A 1 153 ? -3.605  -13.929 -6.909  1.00 39.79  ? 199 ARG A NH1 1 
ATOM   1069 N  NH2 . ARG A 1 153 ? -3.655  -12.065 -5.572  1.00 39.44  ? 199 ARG A NH2 1 
ATOM   1070 N  N   . ILE A 1 154 ? 2.192   -10.097 -8.601  1.00 27.32  ? 200 ILE A N   1 
ATOM   1071 C  CA  . ILE A 1 154 ? 2.872   -8.835  -8.864  1.00 26.70  ? 200 ILE A CA  1 
ATOM   1072 C  C   . ILE A 1 154 ? 4.172   -9.016  -9.654  1.00 27.10  ? 200 ILE A C   1 
ATOM   1073 O  O   . ILE A 1 154 ? 4.431   -8.283  -10.600 1.00 26.73  ? 200 ILE A O   1 
ATOM   1074 C  CB  . ILE A 1 154 ? 3.091   -7.971  -7.581  1.00 26.40  ? 200 ILE A CB  1 
ATOM   1075 C  CG1 . ILE A 1 154 ? 3.715   -6.622  -7.952  1.00 25.05  ? 200 ILE A CG1 1 
ATOM   1076 C  CG2 . ILE A 1 154 ? 3.933   -8.710  -6.524  1.00 24.53  ? 200 ILE A CG2 1 
ATOM   1077 C  CD1 . ILE A 1 154 ? 3.676   -5.593  -6.806  1.00 23.51  ? 200 ILE A CD1 1 
ATOM   1078 N  N   . VAL A 1 155 ? 4.998   -9.990  -9.293  1.00 28.18  ? 201 VAL A N   1 
ATOM   1079 C  CA  . VAL A 1 155 ? 6.246   -10.131 -10.026 1.00 29.48  ? 201 VAL A CA  1 
ATOM   1080 C  C   . VAL A 1 155 ? 5.974   -10.613 -11.448 1.00 30.48  ? 201 VAL A C   1 
ATOM   1081 O  O   . VAL A 1 155 ? 6.642   -10.189 -12.383 1.00 30.42  ? 201 VAL A O   1 
ATOM   1082 C  CB  . VAL A 1 155 ? 7.310   -11.007 -9.297  1.00 29.88  ? 201 VAL A CB  1 
ATOM   1083 C  CG1 . VAL A 1 155 ? 7.515   -10.531 -7.854  1.00 29.11  ? 201 VAL A CG1 1 
ATOM   1084 C  CG2 . VAL A 1 155 ? 6.947   -12.487 -9.335  1.00 29.91  ? 201 VAL A CG2 1 
ATOM   1085 N  N   . ASP A 1 156 ? 4.983   -11.480 -11.618 1.00 31.80  ? 202 ASP A N   1 
ATOM   1086 C  CA  . ASP A 1 156 ? 4.596   -11.915 -12.959 1.00 33.32  ? 202 ASP A CA  1 
ATOM   1087 C  C   . ASP A 1 156 ? 4.100   -10.724 -13.771 1.00 33.58  ? 202 ASP A C   1 
ATOM   1088 O  O   . ASP A 1 156 ? 4.534   -10.499 -14.903 1.00 33.68  ? 202 ASP A O   1 
ATOM   1089 C  CB  . ASP A 1 156 ? 3.515   -12.996 -12.908 1.00 33.60  ? 202 ASP A CB  1 
ATOM   1090 C  CG  . ASP A 1 156 ? 3.145   -13.511 -14.293 1.00 35.67  ? 202 ASP A CG  1 
ATOM   1091 O  OD1 . ASP A 1 156 ? 4.063   -13.925 -15.035 1.00 37.73  ? 202 ASP A OD1 1 
ATOM   1092 O  OD2 . ASP A 1 156 ? 1.946   -13.501 -14.642 1.00 36.67  ? 202 ASP A OD2 1 
ATOM   1093 N  N   . ILE A 1 157 ? 3.195   -9.946  -13.186 1.00 33.96  ? 203 ILE A N   1 
ATOM   1094 C  CA  . ILE A 1 157 ? 2.671   -8.784  -13.889 1.00 34.32  ? 203 ILE A CA  1 
ATOM   1095 C  C   . ILE A 1 157 ? 3.794   -7.849  -14.321 1.00 35.01  ? 203 ILE A C   1 
ATOM   1096 O  O   . ILE A 1 157 ? 3.851   -7.424  -15.478 1.00 34.99  ? 203 ILE A O   1 
ATOM   1097 C  CB  . ILE A 1 157 ? 1.662   -8.001  -13.040 1.00 34.17  ? 203 ILE A CB  1 
ATOM   1098 C  CG1 . ILE A 1 157 ? 0.288   -8.676  -13.097 1.00 33.71  ? 203 ILE A CG1 1 
ATOM   1099 C  CG2 . ILE A 1 157 ? 1.591   -6.568  -13.540 1.00 34.15  ? 203 ILE A CG2 1 
ATOM   1100 C  CD1 . ILE A 1 157 ? -0.663  -8.284  -11.970 1.00 33.02  ? 203 ILE A CD1 1 
ATOM   1101 N  N   . ILE A 1 158 ? 4.692   -7.536  -13.394 1.00 35.63  ? 204 ILE A N   1 
ATOM   1102 C  CA  . ILE A 1 158 ? 5.774   -6.600  -13.674 1.00 36.63  ? 204 ILE A CA  1 
ATOM   1103 C  C   . ILE A 1 158 ? 6.769   -7.128  -14.706 1.00 37.73  ? 204 ILE A C   1 
ATOM   1104 O  O   . ILE A 1 158 ? 7.187   -6.394  -15.598 1.00 37.92  ? 204 ILE A O   1 
ATOM   1105 C  CB  . ILE A 1 158 ? 6.539   -6.228  -12.393 1.00 36.56  ? 204 ILE A CB  1 
ATOM   1106 C  CG1 . ILE A 1 158 ? 5.586   -5.613  -11.373 1.00 36.40  ? 204 ILE A CG1 1 
ATOM   1107 C  CG2 . ILE A 1 158 ? 7.659   -5.256  -12.701 1.00 35.48  ? 204 ILE A CG2 1 
ATOM   1108 C  CD1 . ILE A 1 158 ? 5.002   -4.314  -11.838 1.00 36.57  ? 204 ILE A CD1 1 
ATOM   1109 N  N   . ALA A 1 159 ? 7.162   -8.389  -14.571 1.00 39.05  ? 205 ALA A N   1 
ATOM   1110 C  CA  . ALA A 1 159 ? 8.153   -8.976  -15.473 1.00 40.54  ? 205 ALA A CA  1 
ATOM   1111 C  C   . ALA A 1 159 ? 7.612   -9.058  -16.892 1.00 41.71  ? 205 ALA A C   1 
ATOM   1112 O  O   . ALA A 1 159 ? 8.312   -8.740  -17.851 1.00 42.13  ? 205 ALA A O   1 
ATOM   1113 C  CB  . ALA A 1 159 ? 8.566   -10.351 -14.995 1.00 40.22  ? 205 ALA A CB  1 
ATOM   1114 N  N   . THR A 1 160 ? 6.369   -9.499  -17.022 1.00 43.06  ? 206 THR A N   1 
ATOM   1115 C  CA  . THR A 1 160 ? 5.722   -9.515  -18.319 1.00 44.49  ? 206 THR A CA  1 
ATOM   1116 C  C   . THR A 1 160 ? 5.793   -8.122  -18.926 1.00 45.53  ? 206 THR A C   1 
ATOM   1117 O  O   . THR A 1 160 ? 6.198   -7.949  -20.078 1.00 45.61  ? 206 THR A O   1 
ATOM   1118 C  CB  . THR A 1 160 ? 4.245   -9.920  -18.214 1.00 44.38  ? 206 THR A CB  1 
ATOM   1119 O  OG1 . THR A 1 160 ? 4.144   -11.280 -17.774 1.00 44.26  ? 206 THR A OG1 1 
ATOM   1120 C  CG2 . THR A 1 160 ? 3.572   -9.782  -19.568 1.00 44.55  ? 206 THR A CG2 1 
ATOM   1121 N  N   . ASP A 1 161 ? 5.405   -7.128  -18.134 1.00 46.66  ? 207 ASP A N   1 
ATOM   1122 C  CA  . ASP A 1 161 ? 5.336   -5.754  -18.611 1.00 47.93  ? 207 ASP A CA  1 
ATOM   1123 C  C   . ASP A 1 161 ? 6.700   -5.212  -19.014 1.00 48.64  ? 207 ASP A C   1 
ATOM   1124 O  O   . ASP A 1 161 ? 6.792   -4.263  -19.789 1.00 48.70  ? 207 ASP A O   1 
ATOM   1125 C  CB  . ASP A 1 161 ? 4.715   -4.850  -17.552 1.00 47.96  ? 207 ASP A CB  1 
ATOM   1126 C  CG  . ASP A 1 161 ? 4.344   -3.493  -18.103 1.00 48.93  ? 207 ASP A CG  1 
ATOM   1127 O  OD1 . ASP A 1 161 ? 3.548   -3.442  -19.068 1.00 49.33  ? 207 ASP A OD1 1 
ATOM   1128 O  OD2 . ASP A 1 161 ? 4.841   -2.480  -17.568 1.00 49.77  ? 207 ASP A OD2 1 
ATOM   1129 N  N   . ILE A 1 162 ? 7.759   -5.807  -18.483 1.00 49.61  ? 208 ILE A N   1 
ATOM   1130 C  CA  . ILE A 1 162 ? 9.102   -5.427  -18.885 1.00 50.58  ? 208 ILE A CA  1 
ATOM   1131 C  C   . ILE A 1 162 ? 9.429   -6.065  -20.230 1.00 51.26  ? 208 ILE A C   1 
ATOM   1132 O  O   . ILE A 1 162 ? 9.843   -5.377  -21.164 1.00 51.50  ? 208 ILE A O   1 
ATOM   1133 C  CB  . ILE A 1 162 ? 10.159  -5.837  -17.834 1.00 50.64  ? 208 ILE A CB  1 
ATOM   1134 C  CG1 . ILE A 1 162 ? 10.137  -4.862  -16.652 1.00 50.61  ? 208 ILE A CG1 1 
ATOM   1135 C  CG2 . ILE A 1 162 ? 11.547  -5.895  -18.463 1.00 50.49  ? 208 ILE A CG2 1 
ATOM   1136 C  CD1 . ILE A 1 162 ? 10.796  -5.397  -15.403 1.00 50.46  ? 208 ILE A CD1 1 
ATOM   1137 N  N   . GLN A 1 163 ? 9.232   -7.379  -20.321 1.00 51.98  ? 209 GLN A N   1 
ATOM   1138 C  CA  . GLN A 1 163 ? 9.518   -8.127  -21.545 1.00 52.68  ? 209 GLN A CA  1 
ATOM   1139 C  C   . GLN A 1 163 ? 8.241   -8.522  -22.279 1.00 52.88  ? 209 GLN A C   1 
ATOM   1140 O  O   . GLN A 1 163 ? 7.532   -9.440  -21.859 1.00 53.25  ? 209 GLN A O   1 
ATOM   1141 C  CB  . GLN A 1 163 ? 10.354  -9.374  -21.237 1.00 52.84  ? 209 GLN A CB  1 
ATOM   1142 C  CG  . GLN A 1 163 ? 11.819  -9.075  -20.927 1.00 54.05  ? 209 GLN A CG  1 
ATOM   1143 C  CD  . GLN A 1 163 ? 12.606  -10.304 -20.495 1.00 56.02  ? 209 GLN A CD  1 
ATOM   1144 O  OE1 . GLN A 1 163 ? 12.621  -11.331 -21.183 1.00 56.89  ? 209 GLN A OE1 1 
ATOM   1145 N  NE2 . GLN A 1 163 ? 13.284  -10.197 -19.353 1.00 56.63  ? 209 GLN A NE2 1 
HETATM 1146 N  N   . 976 B 2 .   ? 10.632  18.585  4.422   1.00 33.87  ? 1   976 A N   1 
HETATM 1147 CL CL  . 976 B 2 .   ? 9.182   20.744  -0.938  1.00 39.00  ? 1   976 A CL  1 
HETATM 1148 C  C1  . 976 B 2 .   ? 9.607   20.103  0.675   1.00 36.06  ? 1   976 A C1  1 
HETATM 1149 O  O1  . 976 B 2 .   ? 14.258  16.420  3.487   1.00 29.13  ? 1   976 A O1  1 
HETATM 1150 C  C2  . 976 B 2 .   ? 9.338   20.832  1.832   1.00 35.53  ? 1   976 A C2  1 
HETATM 1151 O  O2  . 976 B 2 .   ? 14.311  14.610  4.686   1.00 26.43  ? 1   976 A O2  1 
HETATM 1152 C  C3  . 976 B 2 .   ? 9.675   20.342  3.095   1.00 34.80  ? 1   976 A C3  1 
HETATM 1153 C  C4  . 976 B 2 .   ? 10.289  19.099  3.212   1.00 34.03  ? 1   976 A C4  1 
HETATM 1154 C  C5  . 976 B 2 .   ? 10.562  18.342  1.963   1.00 33.78  ? 1   976 A C5  1 
HETATM 1155 C  C6  . 976 B 2 .   ? 10.216  18.860  0.731   1.00 34.20  ? 1   976 A C6  1 
HETATM 1156 C  C7  . 976 B 2 .   ? 11.238  17.372  4.563   1.00 33.49  ? 1   976 A C7  1 
HETATM 1157 C  C8  . 976 B 2 .   ? 11.560  16.524  3.389   0.50 32.16  ? 1   976 A C8  1 
HETATM 1158 C  C9  . 976 B 2 .   ? 11.224  17.026  2.053   1.00 31.98  ? 1   976 A C9  1 
HETATM 1159 C  C10 . 976 B 2 .   ? 11.495  16.236  0.835   1.00 30.93  ? 1   976 A C10 1 
HETATM 1160 C  C11 . 976 B 2 .   ? 12.218  15.207  3.507   1.00 30.24  ? 1   976 A C11 1 
HETATM 1161 C  C12 . 976 B 2 .   ? 13.654  15.443  3.895   0.50 28.83  ? 1   976 A C12 1 
HETATM 1162 C  C13 . 976 B 2 .   ? 11.469  14.347  4.526   1.00 30.16  ? 1   976 A C13 1 
HETATM 1163 C  C14 . 976 B 2 .   ? 10.214  13.726  3.912   1.00 30.45  ? 1   976 A C14 1 
HETATM 1164 C  C15 . 976 B 2 .   ? 10.549  12.814  2.747   1.00 28.84  ? 1   976 A C15 1 
HETATM 1165 C  C16 . 976 B 2 .   ? 11.589  16.868  5.937   1.00 34.18  ? 1   976 A C16 1 
HETATM 1166 C  C17 . 976 B 2 .   ? 12.755  16.204  0.258   1.00 30.86  ? 1   976 A C17 1 
HETATM 1167 C  C18 . 976 B 2 .   ? 12.948  15.448  -0.891  1.00 30.96  ? 1   976 A C18 1 
HETATM 1168 C  C19 . 976 B 2 .   ? 11.896  14.736  -1.462  1.00 30.70  ? 1   976 A C19 1 
HETATM 1169 C  C20 . 976 B 2 .   ? 10.637  14.772  -0.875  1.00 30.62  ? 1   976 A C20 1 
HETATM 1170 C  C21 . 976 B 2 .   ? 10.439  15.528  0.276   1.00 30.54  ? 1   976 A C21 1 
HETATM 1171 C  C1  . P03 C 3 .   ? 14.791  12.441  11.629  1.00 51.09  ? 213 P03 A C1  1 
HETATM 1172 O  O1  . P03 C 3 .   ? 14.310  11.154  12.040  1.00 51.55  ? 213 P03 A O1  1 
HETATM 1173 C  C2  . P03 C 3 .   ? 13.817  13.536  12.048  1.00 50.76  ? 213 P03 A C2  1 
HETATM 1174 O  O2  . P03 C 3 .   ? 12.517  13.268  11.525  1.00 50.45  ? 213 P03 A O2  1 
HETATM 1175 C  C3  . P03 C 3 .   ? 12.353  13.752  10.194  1.00 50.06  ? 213 P03 A C3  1 
HETATM 1176 O  O3  . P03 C 3 .   ? 9.749   12.345  8.250   1.00 47.53  ? 213 P03 A O3  1 
HETATM 1177 C  C4  . P03 C 3 .   ? 10.875  13.834  9.817   1.00 49.65  ? 213 P03 A C4  1 
HETATM 1178 O  O4  . P03 C 3 .   ? 10.325  8.005   9.560   1.00 42.70  ? 213 P03 A O4  1 
HETATM 1179 C  C5  . P03 C 3 .   ? 10.241  12.464  9.589   1.00 48.38  ? 213 P03 A C5  1 
HETATM 1180 O  O5  . P03 C 3 .   ? 12.663  7.891   11.469  1.00 43.44  ? 213 P03 A O5  1 
HETATM 1181 C  C6  . P03 C 3 .   ? 10.000  11.072  7.648   1.00 45.05  ? 213 P03 A C6  1 
HETATM 1182 C  C7  . P03 C 3 .   ? 9.386   9.945   8.463   1.00 43.64  ? 213 P03 A C7  1 
HETATM 1183 C  C8  . P03 C 3 .   ? 10.157  8.640   8.295   1.00 43.36  ? 213 P03 A C8  1 
HETATM 1184 C  C9  . P03 C 3 .   ? 11.390  7.063   9.577   1.00 42.84  ? 213 P03 A C9  1 
HETATM 1185 C  C10 . P03 C 3 .   ? 11.809  6.827   11.025  1.00 43.41  ? 213 P03 A C10 1 
HETATM 1186 C  C1  . PEG D 4 .   ? 8.482   20.065  -6.559  1.00 56.29  ? 2   PEG A C1  1 
HETATM 1187 O  O1  . PEG D 4 .   ? 7.215   20.402  -5.979  1.00 55.55  ? 2   PEG A O1  1 
HETATM 1188 C  C2  . PEG D 4 .   ? 8.697   20.864  -7.842  1.00 56.48  ? 2   PEG A C2  1 
HETATM 1189 O  O2  . PEG D 4 .   ? 10.071  21.239  -7.948  1.00 57.09  ? 2   PEG A O2  1 
HETATM 1190 C  C3  . PEG D 4 .   ? 10.294  22.597  -7.556  1.00 56.98  ? 2   PEG A C3  1 
HETATM 1191 C  C4  . PEG D 4 .   ? 11.351  22.672  -6.457  1.00 56.44  ? 2   PEG A C4  1 
HETATM 1192 O  O4  . PEG D 4 .   ? 12.200  21.521  -6.520  1.00 55.72  ? 2   PEG A O4  1 
HETATM 1193 C  C1  . PEG E 4 .   ? -6.676  -9.721  -6.304  1.00 72.47  ? 3   PEG A C1  1 
HETATM 1194 O  O1  . PEG E 4 .   ? -7.654  -10.638 -5.792  1.00 72.32  ? 3   PEG A O1  1 
HETATM 1195 C  C2  . PEG E 4 .   ? -6.966  -9.399  -7.773  1.00 72.60  ? 3   PEG A C2  1 
HETATM 1196 O  O2  . PEG E 4 .   ? -7.036  -7.959  -7.879  1.00 72.81  ? 3   PEG A O2  1 
HETATM 1197 C  C3  . PEG E 4 .   ? -6.964  -7.387  -6.566  1.00 73.18  ? 3   PEG A C3  1 
HETATM 1198 C  C4  . PEG E 4 .   ? -7.786  -6.103  -6.492  1.00 73.59  ? 3   PEG A C4  1 
HETATM 1199 O  O4  . PEG E 4 .   ? -7.083  -5.122  -5.716  1.00 73.24  ? 3   PEG A O4  1 
HETATM 1200 S  S   . SO4 F 5 .   ? -10.431 3.630   9.777   1.00 69.27  ? 497 SO4 A S   1 
HETATM 1201 O  O1  . SO4 F 5 .   ? -11.757 3.915   10.318  1.00 69.59  ? 497 SO4 A O1  1 
HETATM 1202 O  O2  . SO4 F 5 .   ? -10.585 2.901   8.521   1.00 68.59  ? 497 SO4 A O2  1 
HETATM 1203 O  O3  . SO4 F 5 .   ? -9.716  4.881   9.535   1.00 69.40  ? 497 SO4 A O3  1 
HETATM 1204 O  O4  . SO4 F 5 .   ? -9.686  2.831   10.746  1.00 69.21  ? 497 SO4 A O4  1 
HETATM 1205 S  S   . SO4 G 5 .   ? 3.757   19.200  5.115   1.00 110.33 ? 498 SO4 A S   1 
HETATM 1206 O  O1  . SO4 G 5 .   ? 4.930   19.557  5.908   1.00 110.38 ? 498 SO4 A O1  1 
HETATM 1207 O  O2  . SO4 G 5 .   ? 3.448   17.787  5.320   1.00 110.26 ? 498 SO4 A O2  1 
HETATM 1208 O  O3  . SO4 G 5 .   ? 2.615   20.011  5.528   1.00 110.34 ? 498 SO4 A O3  1 
HETATM 1209 O  O4  . SO4 G 5 .   ? 4.034   19.452  3.703   1.00 110.20 ? 498 SO4 A O4  1 
HETATM 1210 S  S   . SO4 H 5 .   ? 2.562   -1.633  20.792  0.70 42.41  ? 499 SO4 A S   1 
HETATM 1211 O  O1  . SO4 H 5 .   ? 1.970   -0.475  21.463  0.70 42.19  ? 499 SO4 A O1  1 
HETATM 1212 O  O2  . SO4 H 5 .   ? 1.567   -2.242  19.913  0.70 40.90  ? 499 SO4 A O2  1 
HETATM 1213 O  O3  . SO4 H 5 .   ? 2.989   -2.618  21.786  0.70 42.03  ? 499 SO4 A O3  1 
HETATM 1214 O  O4  . SO4 H 5 .   ? 3.725   -1.189  20.029  0.70 41.35  ? 499 SO4 A O4  1 
HETATM 1215 CA CA  . CA  I 6 .   ? 4.204   24.088  3.181   1.00 80.84  ? 500 CA  A CA  1 
HETATM 1216 O  O   . HOH J 7 .   ? 9.235   3.716   -9.324  1.00 17.20  ? 304 HOH A O   1 
HETATM 1217 O  O   . HOH J 7 .   ? -6.436  7.407   4.110   1.00 22.33  ? 305 HOH A O   1 
HETATM 1218 O  O   . HOH J 7 .   ? 8.275   6.186   -9.232  1.00 18.78  ? 306 HOH A O   1 
HETATM 1219 O  O   . HOH J 7 .   ? -2.135  -13.730 -1.778  1.00 27.26  ? 307 HOH A O   1 
HETATM 1220 O  O   . HOH J 7 .   ? 6.660   6.927   6.697   1.00 20.15  ? 308 HOH A O   1 
HETATM 1221 O  O   . HOH J 7 .   ? -0.430  12.463  3.822   1.00 26.14  ? 309 HOH A O   1 
HETATM 1222 O  O   . HOH J 7 .   ? 16.116  5.368   5.521   1.00 21.32  ? 310 HOH A O   1 
HETATM 1223 O  O   . HOH J 7 .   ? 3.251   -20.147 14.571  1.00 29.36  ? 312 HOH A O   1 
HETATM 1224 O  O   . HOH J 7 .   ? -0.536  15.434  2.479   1.00 31.33  ? 313 HOH A O   1 
HETATM 1225 O  O   . HOH J 7 .   ? -1.615  -2.068  -10.497 1.00 24.05  ? 314 HOH A O   1 
HETATM 1226 O  O   . HOH J 7 .   ? -0.491  -17.206 3.690   1.00 32.13  ? 315 HOH A O   1 
HETATM 1227 O  O   . HOH J 7 .   ? 7.543   4.321   6.507   1.00 31.85  ? 316 HOH A O   1 
HETATM 1228 O  O   . HOH J 7 .   ? 4.288   -1.029  -9.830  1.00 31.55  ? 317 HOH A O   1 
HETATM 1229 O  O   . HOH J 7 .   ? 6.883   -12.356 -4.099  1.00 53.80  ? 320 HOH A O   1 
HETATM 1230 O  O   . HOH J 7 .   ? 4.312   8.792   -13.503 1.00 30.60  ? 321 HOH A O   1 
HETATM 1231 O  O   . HOH J 7 .   ? 3.446   -1.128  17.439  1.00 25.72  ? 322 HOH A O   1 
HETATM 1232 O  O   . HOH J 7 .   ? -5.002  1.406   0.396   1.00 36.55  ? 324 HOH A O   1 
HETATM 1233 O  O   . HOH J 7 .   ? 0.526   17.091  7.009   1.00 45.61  ? 326 HOH A O   1 
HETATM 1234 O  O   . HOH J 7 .   ? -6.394  9.989   -7.326  1.00 38.23  ? 327 HOH A O   1 
HETATM 1235 O  O   . HOH J 7 .   ? 4.942   0.002   -14.028 1.00 37.49  ? 330 HOH A O   1 
HETATM 1236 O  O   . HOH J 7 .   ? -5.885  15.012  5.147   1.00 43.29  ? 333 HOH A O   1 
HETATM 1237 O  O   . HOH J 7 .   ? 10.366  7.515   -12.003 1.00 39.74  ? 336 HOH A O   1 
HETATM 1238 O  O   . HOH J 7 .   ? 0.551   5.278   15.118  1.00 30.15  ? 339 HOH A O   1 
HETATM 1239 O  O   . HOH J 7 .   ? -6.810  9.408   5.782   1.00 35.97  ? 341 HOH A O   1 
HETATM 1240 O  O   . HOH J 7 .   ? -1.905  13.858  5.585   1.00 39.38  ? 344 HOH A O   1 
HETATM 1241 O  O   . HOH J 7 .   ? 0.840   1.743   -15.031 1.00 48.67  ? 345 HOH A O   1 
HETATM 1242 O  O   . HOH J 7 .   ? -4.581  9.739   12.886  1.00 46.13  ? 347 HOH A O   1 
HETATM 1243 O  O   . HOH J 7 .   ? 6.821   3.446   9.472   1.00 32.96  ? 349 HOH A O   1 
HETATM 1244 O  O   . HOH J 7 .   ? -2.584  -20.655 0.956   1.00 52.26  ? 350 HOH A O   1 
HETATM 1245 O  O   . HOH J 7 .   ? -8.525  6.676   2.690   1.00 39.86  ? 351 HOH A O   1 
HETATM 1246 O  O   . HOH J 7 .   ? -4.179  -15.882 9.533   1.00 49.45  ? 352 HOH A O   1 
HETATM 1247 O  O   . HOH J 7 .   ? -0.185  3.972   -14.057 1.00 35.73  ? 354 HOH A O   1 
HETATM 1248 O  O   . HOH J 7 .   ? 7.737   4.284   -12.811 1.00 46.32  ? 356 HOH A O   1 
HETATM 1249 O  O   . HOH J 7 .   ? 6.360   -1.366  3.631   1.00 43.32  ? 358 HOH A O   1 
HETATM 1250 O  O   . HOH J 7 .   ? -8.002  2.694   16.644  1.00 42.60  ? 360 HOH A O   1 
HETATM 1251 O  O   . HOH J 7 .   ? 2.797   3.907   16.814  1.00 42.63  ? 361 HOH A O   1 
HETATM 1252 O  O   . HOH J 7 .   ? 1.806   -7.296  -17.396 1.00 34.29  ? 362 HOH A O   1 
HETATM 1253 O  O   . HOH J 7 .   ? 3.332   1.220   -15.596 1.00 54.25  ? 363 HOH A O   1 
HETATM 1254 O  O   . HOH J 7 .   ? -1.979  -16.161 16.655  1.00 41.59  ? 366 HOH A O   1 
HETATM 1255 O  O   . HOH J 7 .   ? 13.147  -1.134  -8.300  1.00 39.34  ? 371 HOH A O   1 
HETATM 1256 O  O   . HOH J 7 .   ? 13.603  4.016   -2.391  1.00 15.91  ? 373 HOH A O   1 
HETATM 1257 O  O   . HOH J 7 .   ? 7.225   1.656   1.503   1.00 33.94  ? 377 HOH A O   1 
HETATM 1258 O  O   . HOH J 7 .   ? 7.673   6.198   10.175  1.00 31.62  ? 379 HOH A O   1 
HETATM 1259 O  O   . HOH J 7 .   ? -7.475  -6.606  14.052  1.00 46.59  ? 381 HOH A O   1 
HETATM 1260 O  O   . HOH J 7 .   ? 3.679   -21.249 0.456   1.00 67.69  ? 384 HOH A O   1 
HETATM 1261 O  O   . HOH J 7 .   ? -7.883  7.218   7.671   1.00 45.26  ? 386 HOH A O   1 
HETATM 1262 O  O   . HOH J 7 .   ? 6.611   11.757  -14.661 1.00 49.73  ? 388 HOH A O   1 
HETATM 1263 O  O   . HOH J 7 .   ? 0.664   -10.034 -17.193 1.00 47.85  ? 389 HOH A O   1 
HETATM 1264 O  O   . HOH J 7 .   ? -9.042  4.365   4.518   1.00 41.13  ? 390 HOH A O   1 
HETATM 1265 O  O   . HOH J 7 .   ? 14.337  -1.100  -2.594  1.00 43.53  ? 392 HOH A O   1 
HETATM 1266 O  O   . HOH J 7 .   ? -0.086  -9.818  21.805  1.00 39.75  ? 394 HOH A O   1 
HETATM 1267 O  O   . HOH J 7 .   ? -1.109  16.000  4.938   1.00 37.78  ? 395 HOH A O   1 
HETATM 1268 O  O   . HOH J 7 .   ? 5.550   13.575  10.701  1.00 56.43  ? 396 HOH A O   1 
HETATM 1269 O  O   . HOH J 7 .   ? -4.997  -13.072 1.186   1.00 43.29  ? 397 HOH A O   1 
HETATM 1270 O  O   . HOH J 7 .   ? 6.131   0.558   11.845  1.00 34.39  ? 400 HOH A O   1 
HETATM 1271 O  O   . HOH J 7 .   ? 16.950  8.979   11.097  1.00 33.56  ? 401 HOH A O   1 
HETATM 1272 O  O   . HOH J 7 .   ? 4.001   16.499  7.664   1.00 34.73  ? 402 HOH A O   1 
HETATM 1273 O  O   . HOH J 7 .   ? -8.807  -0.850  17.620  1.00 42.80  ? 403 HOH A O   1 
HETATM 1274 O  O   . HOH J 7 .   ? -7.164  -5.798  -11.929 1.00 48.77  ? 404 HOH A O   1 
HETATM 1275 O  O   . HOH J 7 .   ? -5.564  0.835   -15.905 1.00 69.19  ? 405 HOH A O   1 
HETATM 1276 O  O   . HOH J 7 .   ? -1.581  19.359  3.899   1.00 41.21  ? 406 HOH A O   1 
HETATM 1277 O  O   . HOH J 7 .   ? 2.454   23.062  -4.177  1.00 47.16  ? 407 HOH A O   1 
HETATM 1278 O  O   . HOH J 7 .   ? -11.088 -1.295  13.195  1.00 46.02  ? 408 HOH A O   1 
HETATM 1279 O  O   . HOH J 7 .   ? -13.056 8.253   1.408   1.00 36.98  ? 410 HOH A O   1 
HETATM 1280 O  O   . HOH J 7 .   ? -4.436  8.861   -14.531 1.00 45.83  ? 411 HOH A O   1 
HETATM 1281 O  O   . HOH J 7 .   ? 3.848   1.308   21.859  1.00 55.74  ? 412 HOH A O   1 
HETATM 1282 O  O   . HOH J 7 .   ? -7.983  14.261  6.468   1.00 40.58  ? 413 HOH A O   1 
HETATM 1283 O  O   . HOH J 7 .   ? -11.761 -6.726  9.745   1.00 61.05  ? 414 HOH A O   1 
HETATM 1284 O  O   . HOH J 7 .   ? -3.057  -6.847  -14.914 1.00 57.16  ? 415 HOH A O   1 
HETATM 1285 O  O   . HOH J 7 .   ? 5.069   4.347   14.950  1.00 50.51  ? 416 HOH A O   1 
HETATM 1286 O  O   . HOH J 7 .   ? 10.012  -1.140  3.190   0.50 49.82  ? 418 HOH A O   1 
HETATM 1287 O  O   . HOH J 7 .   ? -2.172  9.961   -14.552 1.00 46.71  ? 420 HOH A O   1 
HETATM 1288 O  O   . HOH J 7 .   ? 0.117   9.197   -15.605 1.00 51.66  ? 421 HOH A O   1 
HETATM 1289 O  O   . HOH J 7 .   ? -1.542  -0.426  -18.762 1.00 53.90  ? 423 HOH A O   1 
HETATM 1290 O  O   . HOH J 7 .   ? 15.147  6.633   10.706  1.00 41.32  ? 425 HOH A O   1 
HETATM 1291 O  O   . HOH J 7 .   ? 8.726   8.984   11.611  1.00 35.76  ? 427 HOH A O   1 
HETATM 1292 O  O   . HOH J 7 .   ? 5.472   -6.639  -23.804 1.00 65.23  ? 428 HOH A O   1 
HETATM 1293 O  O   . HOH J 7 .   ? 2.295   21.371  3.010   1.00 37.29  ? 429 HOH A O   1 
HETATM 1294 O  O   . HOH J 7 .   ? -1.588  3.594   21.021  1.00 50.58  ? 430 HOH A O   1 
HETATM 1295 O  O   . HOH J 7 .   ? -9.589  -6.861  -0.089  1.00 57.85  ? 431 HOH A O   1 
HETATM 1296 O  O   . HOH J 7 .   ? -6.413  -6.991  16.028  1.00 51.02  ? 432 HOH A O   1 
HETATM 1297 O  O   . HOH J 7 .   ? -11.708 4.621   -5.257  1.00 57.67  ? 434 HOH A O   1 
HETATM 1298 O  O   . HOH J 7 .   ? -2.857  5.458   -15.223 1.00 49.09  ? 435 HOH A O   1 
HETATM 1299 O  O   . HOH J 7 .   ? -2.479  10.922  13.090  1.00 42.73  ? 441 HOH A O   1 
HETATM 1300 O  O   . HOH J 7 .   ? 7.992   0.050   9.491   1.00 44.13  ? 449 HOH A O   1 
HETATM 1301 O  O   . HOH J 7 .   ? 5.667   -4.183  -22.966 1.00 57.82  ? 450 HOH A O   1 
HETATM 1302 O  O   . HOH J 7 .   ? -8.499  7.664   -9.925  1.00 41.19  ? 451 HOH A O   1 
HETATM 1303 O  O   . HOH J 7 .   ? -4.640  -16.922 7.297   1.00 42.44  ? 452 HOH A O   1 
HETATM 1304 O  O   . HOH J 7 .   ? -6.312  -6.781  -15.753 1.00 57.21  ? 453 HOH A O   1 
HETATM 1305 O  O   . HOH J 7 .   ? 13.739  19.513  2.694   1.00 51.43  ? 454 HOH A O   1 
HETATM 1306 O  O   . HOH J 7 .   ? -9.630  1.274   15.265  1.00 45.79  ? 455 HOH A O   1 
HETATM 1307 O  O   . HOH J 7 .   ? 10.521  20.389  6.683   1.00 42.40  ? 456 HOH A O   1 
HETATM 1308 O  O   . HOH J 7 .   ? -1.261  -5.007  -15.296 1.00 38.76  ? 457 HOH A O   1 
HETATM 1309 O  O   . HOH J 7 .   ? 9.419   -5.848  24.620  1.00 57.65  ? 458 HOH A O   1 
HETATM 1310 O  O   . HOH J 7 .   ? 8.225   5.362   12.535  1.00 50.13  ? 459 HOH A O   1 
HETATM 1311 O  O   . HOH J 7 .   ? 1.523   22.038  -1.516  1.00 70.65  ? 460 HOH A O   1 
HETATM 1312 O  O   . HOH J 7 .   ? -8.292  -3.193  18.207  1.00 45.60  ? 461 HOH A O   1 
HETATM 1313 O  O   . HOH J 7 .   ? 0.574   14.432  -16.654 1.00 56.09  ? 462 HOH A O   1 
HETATM 1314 O  O   . HOH J 7 .   ? 9.947   3.490   7.965   1.00 37.84  ? 463 HOH A O   1 
HETATM 1315 O  O   . HOH J 7 .   ? -6.502  -0.640  1.698   1.00 46.54  ? 464 HOH A O   1 
HETATM 1316 O  O   . HOH J 7 .   ? -12.475 -3.723  10.773  1.00 68.56  ? 465 HOH A O   1 
HETATM 1317 O  O   . HOH J 7 .   ? -4.490  -12.051 -2.948  1.00 51.97  ? 466 HOH A O   1 
HETATM 1318 O  O   . HOH J 7 .   ? -11.664 -18.464 1.328   1.00 60.81  ? 467 HOH A O   1 
HETATM 1319 O  O   . HOH J 7 .   ? -11.775 -4.345  -4.980  1.00 49.24  ? 468 HOH A O   1 
HETATM 1320 O  O   . HOH J 7 .   ? 8.320   7.194   -13.279 1.00 57.31  ? 470 HOH A O   1 
HETATM 1321 O  O   . HOH J 7 .   ? -3.393  16.264  -5.913  1.00 48.25  ? 471 HOH A O   1 
HETATM 1322 O  O   . HOH J 7 .   ? 11.755  -4.760  -22.826 1.00 52.40  ? 472 HOH A O   1 
HETATM 1323 O  O   . HOH J 7 .   ? -0.148  -7.470  22.820  1.00 50.78  ? 473 HOH A O   1 
HETATM 1324 O  O   . HOH J 7 .   ? 6.447   20.934  -3.676  1.00 47.48  ? 474 HOH A O   1 
HETATM 1325 O  O   . HOH J 7 .   ? -12.581 -1.754  -3.717  1.00 64.82  ? 476 HOH A O   1 
HETATM 1326 O  O   . HOH J 7 .   ? -1.125  -1.174  20.226  1.00 42.90  ? 477 HOH A O   1 
HETATM 1327 O  O   . HOH J 7 .   ? -3.638  -15.047 -11.047 1.00 54.64  ? 478 HOH A O   1 
HETATM 1328 O  O   . HOH J 7 .   ? -3.664  -1.673  -19.875 1.00 70.00  ? 479 HOH A O   1 
HETATM 1329 O  O   . HOH J 7 .   ? -5.800  7.494   20.012  1.00 59.31  ? 480 HOH A O   1 
HETATM 1330 O  O   . HOH J 7 .   ? 11.008  20.465  -3.765  1.00 60.67  ? 481 HOH A O   1 
HETATM 1331 O  O   . HOH J 7 .   ? 6.563   -1.888  -15.145 1.00 48.82  ? 482 HOH A O   1 
HETATM 1332 O  O   . HOH J 7 .   ? -9.710  -2.115  -1.147  1.00 51.32  ? 483 HOH A O   1 
HETATM 1333 O  O   . HOH J 7 .   ? -6.324  -9.344  -3.025  1.00 68.01  ? 484 HOH A O   1 
HETATM 1334 O  O   . HOH J 7 .   ? 12.536  18.492  -2.934  1.00 56.84  ? 485 HOH A O   1 
HETATM 1335 O  O   . HOH J 7 .   ? 9.920   3.411   10.450  0.50 26.32  ? 486 HOH A O   1 
HETATM 1336 O  O   . HOH J 7 .   ? -1.070  7.007   -16.400 1.00 62.48  ? 487 HOH A O   1 
HETATM 1337 O  O   . HOH J 7 .   ? -8.290  11.057  9.383   1.00 52.24  ? 492 HOH A O   1 
HETATM 1338 O  O   . HOH J 7 .   ? 10.177  -3.852  22.952  1.00 52.25  ? 494 HOH A O   1 
HETATM 1339 O  O   . HOH J 7 .   ? -4.512  12.938  5.463   1.00 34.49  ? 495 HOH A O   1 
HETATM 1340 O  O   . HOH J 7 .   ? 7.952   -5.575  -23.541 1.00 67.70  ? 496 HOH A O   1 
# 
